data_2EGQ
#
_entry.id   2EGQ
#
loop_
_entity.id
_entity.type
_entity.pdbx_description
1 polymer 'FHL1 protein'
2 non-polymer 'ZINC ION'
#
_entity_poly.entity_id   1
_entity_poly.type   'polypeptide(L)'
_entity_poly.pdbx_seq_one_letter_code
;GSSGSSGDCYKNFVAKKCAGCKNPITGFGKGSSVVAYEGQSWHDYCFHCKKCSVNLANKRFVFHQEQVYCPDCAKKL
;
_entity_poly.pdbx_strand_id   A
#
# COMPACT_ATOMS: atom_id res chain seq x y z
N GLY A 1 13.00 -19.07 10.56
CA GLY A 1 12.38 -17.88 11.13
C GLY A 1 13.37 -16.98 11.83
N SER A 2 13.19 -16.79 13.13
CA SER A 2 14.07 -15.94 13.91
C SER A 2 15.08 -16.78 14.71
N SER A 3 14.58 -17.76 15.44
CA SER A 3 15.42 -18.63 16.25
C SER A 3 15.87 -19.84 15.44
N GLY A 4 14.92 -20.51 14.80
CA GLY A 4 15.24 -21.68 14.00
C GLY A 4 16.34 -21.41 12.99
N SER A 5 16.21 -20.30 12.25
CA SER A 5 17.19 -19.94 11.25
C SER A 5 17.44 -21.10 10.28
N SER A 6 16.35 -21.73 9.84
CA SER A 6 16.45 -22.85 8.91
C SER A 6 16.44 -22.36 7.47
N GLY A 7 16.52 -23.31 6.53
CA GLY A 7 16.53 -22.95 5.12
C GLY A 7 17.57 -21.90 4.79
N ASP A 8 17.39 -21.24 3.65
CA ASP A 8 18.32 -20.21 3.22
C ASP A 8 17.65 -18.84 3.20
N CYS A 9 17.24 -18.36 4.37
CA CYS A 9 16.58 -17.07 4.49
C CYS A 9 17.53 -16.03 5.08
N TYR A 10 18.15 -15.23 4.22
CA TYR A 10 19.08 -14.21 4.65
C TYR A 10 18.82 -12.89 3.93
N LYS A 11 18.49 -11.86 4.70
CA LYS A 11 18.22 -10.54 4.13
C LYS A 11 18.96 -9.45 4.90
N ASN A 12 19.00 -8.26 4.33
CA ASN A 12 19.67 -7.13 4.96
C ASN A 12 18.71 -5.97 5.18
N PHE A 13 17.78 -5.78 4.24
CA PHE A 13 16.80 -4.71 4.33
C PHE A 13 15.71 -4.89 3.29
N VAL A 14 14.46 -4.91 3.74
CA VAL A 14 13.32 -5.07 2.84
C VAL A 14 12.42 -3.85 2.88
N ALA A 15 11.94 -3.43 1.71
CA ALA A 15 11.06 -2.27 1.61
C ALA A 15 9.61 -2.67 1.86
N LYS A 16 8.77 -1.68 2.16
CA LYS A 16 7.35 -1.93 2.41
C LYS A 16 6.62 -2.26 1.11
N LYS A 17 6.29 -3.53 0.93
CA LYS A 17 5.59 -3.97 -0.26
C LYS A 17 4.14 -3.47 -0.26
N CYS A 18 3.71 -2.92 -1.39
CA CYS A 18 2.35 -2.41 -1.51
C CYS A 18 1.33 -3.46 -1.09
N ALA A 19 0.18 -3.01 -0.63
CA ALA A 19 -0.88 -3.90 -0.19
C ALA A 19 -2.01 -3.97 -1.22
N GLY A 20 -1.67 -3.67 -2.47
CA GLY A 20 -2.66 -3.70 -3.53
C GLY A 20 -2.17 -4.41 -4.77
N CYS A 21 -0.92 -4.11 -5.16
CA CYS A 21 -0.33 -4.72 -6.34
C CYS A 21 0.69 -5.80 -5.95
N LYS A 22 1.10 -5.77 -4.69
CA LYS A 22 2.07 -6.74 -4.17
C LYS A 22 3.41 -6.58 -4.88
N ASN A 23 3.94 -5.36 -4.85
CA ASN A 23 5.22 -5.08 -5.50
C ASN A 23 6.04 -4.11 -4.66
N PRO A 24 7.36 -4.07 -4.90
CA PRO A 24 8.28 -3.18 -4.18
C PRO A 24 8.08 -1.72 -4.55
N ILE A 25 8.00 -0.86 -3.54
CA ILE A 25 7.81 0.57 -3.76
C ILE A 25 9.15 1.28 -3.90
N THR A 26 9.78 1.13 -5.06
CA THR A 26 11.07 1.76 -5.32
C THR A 26 10.88 3.20 -5.81
N GLY A 27 11.99 3.90 -5.97
CA GLY A 27 11.94 5.28 -6.44
C GLY A 27 12.98 6.15 -5.78
N PHE A 28 14.21 6.06 -6.25
CA PHE A 28 15.32 6.85 -5.71
C PHE A 28 15.57 8.09 -6.56
N GLY A 29 15.21 9.25 -6.02
CA GLY A 29 15.40 10.50 -6.75
C GLY A 29 14.91 11.70 -5.96
N LYS A 30 14.22 12.61 -6.66
CA LYS A 30 13.70 13.81 -6.02
C LYS A 30 12.19 13.89 -6.17
N GLY A 31 11.47 13.28 -5.24
CA GLY A 31 10.01 13.29 -5.29
C GLY A 31 9.42 11.91 -5.10
N SER A 32 8.23 11.85 -4.49
CA SER A 32 7.56 10.59 -4.25
C SER A 32 6.07 10.81 -3.98
N SER A 33 5.25 9.93 -4.55
CA SER A 33 3.80 10.03 -4.37
C SER A 33 3.21 8.69 -3.92
N VAL A 34 3.29 8.42 -2.63
CA VAL A 34 2.77 7.18 -2.07
C VAL A 34 2.09 7.42 -0.73
N VAL A 35 0.99 6.70 -0.49
CA VAL A 35 0.24 6.84 0.75
C VAL A 35 0.70 5.81 1.78
N ALA A 36 0.60 6.16 3.06
CA ALA A 36 0.99 5.27 4.14
C ALA A 36 -0.02 5.32 5.28
N TYR A 37 -0.26 4.16 5.90
CA TYR A 37 -1.19 4.07 7.00
C TYR A 37 -0.97 2.79 7.81
N GLU A 38 -0.93 2.94 9.14
CA GLU A 38 -0.71 1.80 10.01
C GLU A 38 0.53 1.02 9.60
N GLY A 39 1.51 1.72 9.05
CA GLY A 39 2.74 1.08 8.62
C GLY A 39 2.70 0.66 7.16
N GLN A 40 1.54 0.23 6.70
CA GLN A 40 1.37 -0.19 5.32
C GLN A 40 1.51 0.99 4.36
N SER A 41 1.54 0.70 3.07
CA SER A 41 1.68 1.74 2.05
C SER A 41 0.86 1.41 0.81
N TRP A 42 0.57 2.43 0.01
CA TRP A 42 -0.20 2.24 -1.21
C TRP A 42 0.14 3.29 -2.24
N HIS A 43 0.51 2.86 -3.45
CA HIS A 43 0.87 3.78 -4.52
C HIS A 43 -0.26 4.77 -4.78
N ASP A 44 0.08 5.89 -5.40
CA ASP A 44 -0.90 6.93 -5.71
C ASP A 44 -2.00 6.38 -6.62
N TYR A 45 -1.65 5.38 -7.43
CA TYR A 45 -2.60 4.77 -8.35
C TYR A 45 -3.27 3.56 -7.72
N CYS A 46 -2.62 2.99 -6.70
CA CYS A 46 -3.16 1.82 -6.01
C CYS A 46 -4.18 2.25 -4.96
N PHE A 47 -3.92 3.37 -4.30
CA PHE A 47 -4.81 3.88 -3.27
C PHE A 47 -6.12 4.38 -3.88
N HIS A 48 -7.15 3.54 -3.85
CA HIS A 48 -8.45 3.90 -4.40
C HIS A 48 -9.54 2.99 -3.83
N CYS A 49 -10.78 3.47 -3.89
CA CYS A 49 -11.92 2.71 -3.37
C CYS A 49 -12.02 1.36 -4.07
N LYS A 50 -12.55 0.37 -3.37
CA LYS A 50 -12.71 -0.97 -3.91
C LYS A 50 -14.14 -1.21 -4.38
N LYS A 51 -14.85 -0.13 -4.68
CA LYS A 51 -16.23 -0.21 -5.14
C LYS A 51 -16.46 0.69 -6.35
N CYS A 52 -16.23 1.98 -6.17
CA CYS A 52 -16.41 2.94 -7.25
C CYS A 52 -15.09 3.20 -7.97
N SER A 53 -13.99 2.76 -7.37
CA SER A 53 -12.67 2.96 -7.94
C SER A 53 -12.33 4.45 -8.05
N VAL A 54 -12.35 5.13 -6.90
CA VAL A 54 -12.05 6.55 -6.86
C VAL A 54 -10.66 6.80 -6.30
N ASN A 55 -9.96 7.77 -6.87
CA ASN A 55 -8.61 8.11 -6.43
C ASN A 55 -8.64 8.81 -5.07
N LEU A 56 -8.26 8.08 -4.03
CA LEU A 56 -8.24 8.62 -2.68
C LEU A 56 -6.81 8.93 -2.23
N ALA A 57 -5.92 9.11 -3.20
CA ALA A 57 -4.52 9.41 -2.91
C ALA A 57 -4.40 10.65 -2.03
N ASN A 58 -3.93 10.47 -0.80
CA ASN A 58 -3.77 11.57 0.13
C ASN A 58 -5.11 12.22 0.46
N LYS A 59 -6.17 11.41 0.45
CA LYS A 59 -7.51 11.89 0.74
C LYS A 59 -8.14 11.10 1.88
N ARG A 60 -9.39 11.40 2.19
CA ARG A 60 -10.10 10.71 3.25
C ARG A 60 -10.61 9.35 2.78
N PHE A 61 -10.58 8.37 3.68
CA PHE A 61 -11.03 7.03 3.36
C PHE A 61 -11.51 6.30 4.61
N VAL A 62 -11.87 5.03 4.46
CA VAL A 62 -12.35 4.23 5.57
C VAL A 62 -11.91 2.77 5.43
N PHE A 63 -11.01 2.35 6.32
CA PHE A 63 -10.51 0.98 6.30
C PHE A 63 -11.56 0.00 6.80
N HIS A 64 -11.84 -1.02 6.00
CA HIS A 64 -12.84 -2.02 6.37
C HIS A 64 -12.60 -3.33 5.60
N GLN A 65 -12.72 -4.45 6.29
CA GLN A 65 -12.50 -5.76 5.67
C GLN A 65 -11.16 -5.81 4.95
N GLU A 66 -10.12 -5.34 5.61
CA GLU A 66 -8.79 -5.33 5.04
C GLU A 66 -8.78 -4.63 3.68
N GLN A 67 -9.71 -3.68 3.52
CA GLN A 67 -9.81 -2.93 2.26
C GLN A 67 -10.01 -1.45 2.54
N VAL A 68 -10.16 -0.67 1.47
CA VAL A 68 -10.36 0.77 1.60
C VAL A 68 -11.66 1.21 0.91
N TYR A 69 -12.37 2.13 1.54
CA TYR A 69 -13.62 2.63 0.97
C TYR A 69 -13.83 4.10 1.34
N CYS A 70 -13.97 4.95 0.33
CA CYS A 70 -14.17 6.37 0.55
C CYS A 70 -15.32 6.61 1.52
N PRO A 71 -15.34 7.81 2.14
CA PRO A 71 -16.39 8.19 3.09
C PRO A 71 -17.79 7.89 2.56
N ASP A 72 -17.99 8.10 1.27
CA ASP A 72 -19.28 7.86 0.64
C ASP A 72 -19.63 6.38 0.66
N CYS A 73 -18.86 5.59 -0.08
CA CYS A 73 -19.08 4.15 -0.14
C CYS A 73 -19.15 3.54 1.25
N ALA A 74 -18.31 4.05 2.14
CA ALA A 74 -18.28 3.56 3.52
C ALA A 74 -19.67 3.60 4.16
N LYS A 75 -20.47 4.57 3.76
CA LYS A 75 -21.81 4.73 4.29
C LYS A 75 -22.68 3.52 3.92
N LYS A 76 -22.38 2.90 2.79
CA LYS A 76 -23.12 1.73 2.33
C LYS A 76 -22.73 0.50 3.12
N LEU A 77 -21.51 0.49 3.66
CA LEU A 77 -21.02 -0.62 4.45
C LEU A 77 -21.68 -0.66 5.83
N GLY A 1 18.45 -28.43 6.52
CA GLY A 1 19.58 -27.65 6.98
C GLY A 1 20.39 -27.08 5.83
N SER A 2 20.81 -27.96 4.91
CA SER A 2 21.61 -27.53 3.76
C SER A 2 21.00 -28.04 2.46
N SER A 3 20.16 -27.22 1.84
CA SER A 3 19.50 -27.59 0.60
C SER A 3 20.02 -26.76 -0.57
N GLY A 4 20.38 -25.50 -0.27
CA GLY A 4 20.89 -24.62 -1.30
C GLY A 4 21.73 -23.49 -0.73
N SER A 5 21.59 -22.31 -1.30
CA SER A 5 22.34 -21.14 -0.85
C SER A 5 21.58 -20.39 0.24
N SER A 6 20.26 -20.36 0.11
CA SER A 6 19.41 -19.67 1.08
C SER A 6 19.79 -18.19 1.17
N GLY A 7 20.08 -17.59 0.03
CA GLY A 7 20.45 -16.19 0.00
C GLY A 7 20.07 -15.51 -1.31
N ASP A 8 18.80 -15.61 -1.67
CA ASP A 8 18.31 -15.00 -2.90
C ASP A 8 18.09 -13.51 -2.73
N CYS A 9 19.14 -12.72 -2.94
CA CYS A 9 19.06 -11.27 -2.79
C CYS A 9 20.32 -10.60 -3.32
N TYR A 10 20.33 -9.28 -3.33
CA TYR A 10 21.47 -8.52 -3.81
C TYR A 10 22.11 -7.72 -2.69
N LYS A 11 21.30 -7.26 -1.75
CA LYS A 11 21.79 -6.49 -0.61
C LYS A 11 21.05 -6.89 0.66
N ASN A 12 21.51 -6.35 1.79
CA ASN A 12 20.89 -6.65 3.08
C ASN A 12 19.92 -5.55 3.50
N PHE A 13 18.99 -5.22 2.59
CA PHE A 13 18.01 -4.19 2.86
C PHE A 13 16.61 -4.63 2.40
N VAL A 14 15.60 -4.28 3.19
CA VAL A 14 14.22 -4.64 2.87
C VAL A 14 13.34 -3.40 2.80
N ALA A 15 12.33 -3.45 1.93
CA ALA A 15 11.40 -2.34 1.76
C ALA A 15 9.97 -2.79 1.94
N LYS A 16 9.07 -1.84 2.18
CA LYS A 16 7.66 -2.14 2.38
C LYS A 16 6.99 -2.44 1.04
N LYS A 17 6.35 -3.60 0.96
CA LYS A 17 5.65 -4.01 -0.27
C LYS A 17 4.20 -3.54 -0.25
N CYS A 18 3.76 -2.95 -1.36
CA CYS A 18 2.40 -2.46 -1.47
C CYS A 18 1.39 -3.55 -1.11
N ALA A 19 0.22 -3.13 -0.64
CA ALA A 19 -0.82 -4.05 -0.25
C ALA A 19 -1.93 -4.11 -1.29
N GLY A 20 -1.59 -3.77 -2.54
CA GLY A 20 -2.57 -3.79 -3.61
C GLY A 20 -2.03 -4.45 -4.86
N CYS A 21 -0.80 -4.12 -5.22
CA CYS A 21 -0.17 -4.68 -6.42
C CYS A 21 0.86 -5.75 -6.03
N LYS A 22 1.25 -5.77 -4.77
CA LYS A 22 2.22 -6.73 -4.28
C LYS A 22 3.57 -6.54 -4.96
N ASN A 23 4.10 -5.32 -4.88
CA ASN A 23 5.39 -5.02 -5.49
C ASN A 23 6.17 -4.02 -4.63
N PRO A 24 7.49 -3.96 -4.86
CA PRO A 24 8.38 -3.06 -4.11
C PRO A 24 8.15 -1.60 -4.47
N ILE A 25 8.04 -0.75 -3.46
CA ILE A 25 7.83 0.68 -3.68
C ILE A 25 9.15 1.43 -3.82
N THR A 26 9.71 1.41 -5.02
CA THR A 26 10.98 2.08 -5.28
C THR A 26 10.76 3.56 -5.60
N GLY A 27 11.70 4.39 -5.18
CA GLY A 27 11.59 5.82 -5.43
C GLY A 27 12.89 6.56 -5.17
N PHE A 28 13.66 6.77 -6.23
CA PHE A 28 14.94 7.47 -6.12
C PHE A 28 14.84 8.90 -6.65
N GLY A 29 14.05 9.08 -7.71
CA GLY A 29 13.88 10.39 -8.30
C GLY A 29 13.05 11.31 -7.43
N LYS A 30 12.27 12.17 -8.06
CA LYS A 30 11.42 13.11 -7.33
C LYS A 30 9.97 12.65 -7.32
N GLY A 31 9.17 13.26 -6.46
CA GLY A 31 7.76 12.90 -6.36
C GLY A 31 7.46 12.04 -5.15
N SER A 32 7.81 10.77 -5.22
CA SER A 32 7.57 9.84 -4.12
C SER A 32 6.10 9.88 -3.69
N SER A 33 5.22 10.12 -4.65
CA SER A 33 3.79 10.18 -4.38
C SER A 33 3.26 8.81 -3.94
N VAL A 34 3.13 8.63 -2.63
CA VAL A 34 2.63 7.37 -2.09
C VAL A 34 1.95 7.59 -0.74
N VAL A 35 0.96 6.75 -0.44
CA VAL A 35 0.24 6.85 0.82
C VAL A 35 0.72 5.81 1.83
N ALA A 36 0.64 6.15 3.11
CA ALA A 36 1.06 5.25 4.17
C ALA A 36 0.08 5.25 5.34
N TYR A 37 -0.22 4.06 5.87
CA TYR A 37 -1.14 3.94 6.98
C TYR A 37 -0.87 2.67 7.77
N GLU A 38 -0.83 2.79 9.09
CA GLU A 38 -0.57 1.65 9.97
C GLU A 38 0.70 0.92 9.55
N GLY A 39 1.65 1.67 9.01
CA GLY A 39 2.90 1.08 8.58
C GLY A 39 2.89 0.69 7.10
N GLN A 40 1.76 0.19 6.64
CA GLN A 40 1.61 -0.22 5.25
C GLN A 40 1.65 0.98 4.32
N SER A 41 1.76 0.72 3.01
CA SER A 41 1.79 1.78 2.02
C SER A 41 0.93 1.44 0.81
N TRP A 42 0.61 2.44 0.02
CA TRP A 42 -0.21 2.25 -1.17
C TRP A 42 0.09 3.31 -2.22
N HIS A 43 0.53 2.87 -3.40
CA HIS A 43 0.85 3.77 -4.49
C HIS A 43 -0.31 4.73 -4.76
N ASP A 44 0.00 5.86 -5.39
CA ASP A 44 -1.02 6.86 -5.70
C ASP A 44 -2.10 6.27 -6.60
N TYR A 45 -1.72 5.29 -7.42
CA TYR A 45 -2.65 4.65 -8.33
C TYR A 45 -3.30 3.43 -7.66
N CYS A 46 -2.63 2.89 -6.65
CA CYS A 46 -3.13 1.73 -5.93
C CYS A 46 -4.17 2.14 -4.89
N PHE A 47 -3.95 3.30 -4.27
CA PHE A 47 -4.85 3.81 -3.25
C PHE A 47 -6.15 4.30 -3.88
N HIS A 48 -7.15 3.42 -3.91
CA HIS A 48 -8.45 3.77 -4.48
C HIS A 48 -9.55 2.91 -3.88
N CYS A 49 -10.79 3.40 -3.93
CA CYS A 49 -11.93 2.67 -3.39
C CYS A 49 -12.07 1.31 -4.06
N LYS A 50 -12.56 0.33 -3.31
CA LYS A 50 -12.75 -1.02 -3.83
C LYS A 50 -14.18 -1.22 -4.30
N LYS A 51 -14.86 -0.12 -4.63
CA LYS A 51 -16.23 -0.18 -5.10
C LYS A 51 -16.42 0.69 -6.34
N CYS A 52 -16.19 1.99 -6.18
CA CYS A 52 -16.34 2.93 -7.28
C CYS A 52 -14.99 3.20 -7.95
N SER A 53 -13.91 2.79 -7.28
CA SER A 53 -12.57 3.01 -7.79
C SER A 53 -12.25 4.49 -7.91
N VAL A 54 -12.30 5.19 -6.78
CA VAL A 54 -12.02 6.62 -6.76
C VAL A 54 -10.63 6.90 -6.19
N ASN A 55 -9.87 7.74 -6.89
CA ASN A 55 -8.52 8.09 -6.45
C ASN A 55 -8.55 8.81 -5.11
N LEU A 56 -8.31 8.07 -4.03
CA LEU A 56 -8.30 8.65 -2.70
C LEU A 56 -6.87 8.88 -2.21
N ALA A 57 -5.95 9.05 -3.15
CA ALA A 57 -4.55 9.29 -2.82
C ALA A 57 -4.40 10.52 -1.93
N ASN A 58 -3.94 10.30 -0.70
CA ASN A 58 -3.75 11.39 0.25
C ASN A 58 -5.08 12.09 0.55
N LYS A 59 -6.16 11.33 0.50
CA LYS A 59 -7.49 11.86 0.77
C LYS A 59 -8.17 11.09 1.89
N ARG A 60 -9.42 11.46 2.19
CA ARG A 60 -10.18 10.80 3.23
C ARG A 60 -10.69 9.44 2.76
N PHE A 61 -10.64 8.45 3.65
CA PHE A 61 -11.10 7.11 3.34
C PHE A 61 -11.61 6.40 4.58
N VAL A 62 -11.98 5.13 4.42
CA VAL A 62 -12.49 4.33 5.53
C VAL A 62 -12.07 2.87 5.41
N PHE A 63 -11.17 2.45 6.29
CA PHE A 63 -10.68 1.07 6.27
C PHE A 63 -11.77 0.10 6.71
N HIS A 64 -12.04 -0.90 5.87
CA HIS A 64 -13.05 -1.90 6.16
C HIS A 64 -12.78 -3.19 5.41
N GLN A 65 -12.87 -4.31 6.12
CA GLN A 65 -12.62 -5.62 5.52
C GLN A 65 -11.25 -5.67 4.85
N GLU A 66 -10.25 -5.14 5.55
CA GLU A 66 -8.89 -5.12 5.02
C GLU A 66 -8.83 -4.42 3.68
N GLN A 67 -9.74 -3.48 3.46
CA GLN A 67 -9.79 -2.74 2.22
C GLN A 67 -10.04 -1.24 2.47
N VAL A 68 -10.07 -0.46 1.40
CA VAL A 68 -10.30 0.97 1.51
C VAL A 68 -11.60 1.38 0.83
N TYR A 69 -12.35 2.28 1.47
CA TYR A 69 -13.62 2.74 0.93
C TYR A 69 -13.87 4.20 1.30
N CYS A 70 -14.03 5.04 0.29
CA CYS A 70 -14.27 6.46 0.51
C CYS A 70 -15.43 6.67 1.49
N PRO A 71 -15.46 7.87 2.10
CA PRO A 71 -16.49 8.22 3.07
C PRO A 71 -17.90 7.88 2.58
N ASP A 72 -18.13 8.10 1.28
CA ASP A 72 -19.43 7.82 0.68
C ASP A 72 -19.72 6.32 0.71
N CYS A 73 -18.96 5.55 -0.06
CA CYS A 73 -19.14 4.11 -0.12
C CYS A 73 -19.17 3.50 1.27
N ALA A 74 -18.34 4.04 2.17
CA ALA A 74 -18.26 3.55 3.54
C ALA A 74 -19.64 3.54 4.19
N LYS A 75 -20.45 4.53 3.86
CA LYS A 75 -21.79 4.64 4.41
C LYS A 75 -22.64 3.44 4.03
N LYS A 76 -22.36 2.86 2.85
CA LYS A 76 -23.09 1.71 2.37
C LYS A 76 -22.76 0.47 3.20
N LEU A 77 -21.55 0.44 3.76
CA LEU A 77 -21.11 -0.68 4.58
C LEU A 77 -21.81 -0.68 5.94
N GLY A 1 18.53 -32.45 -12.88
CA GLY A 1 17.60 -31.97 -11.88
C GLY A 1 18.17 -32.04 -10.48
N SER A 2 19.50 -32.02 -10.39
CA SER A 2 20.18 -32.09 -9.09
C SER A 2 19.72 -30.96 -8.18
N SER A 3 19.85 -31.16 -6.88
CA SER A 3 19.46 -30.16 -5.90
C SER A 3 20.66 -29.66 -5.09
N GLY A 4 21.56 -28.96 -5.77
CA GLY A 4 22.75 -28.44 -5.12
C GLY A 4 22.51 -27.08 -4.49
N SER A 5 22.76 -26.03 -5.26
CA SER A 5 22.58 -24.66 -4.78
C SER A 5 21.28 -24.07 -5.31
N SER A 6 20.37 -23.76 -4.40
CA SER A 6 19.08 -23.18 -4.78
C SER A 6 18.79 -21.92 -3.97
N GLY A 7 19.61 -20.90 -4.17
CA GLY A 7 19.42 -19.65 -3.45
C GLY A 7 20.14 -18.49 -4.10
N ASP A 8 19.38 -17.57 -4.70
CA ASP A 8 19.95 -16.41 -5.36
C ASP A 8 19.61 -15.13 -4.61
N CYS A 9 19.99 -15.07 -3.34
CA CYS A 9 19.73 -13.90 -2.51
C CYS A 9 21.01 -13.38 -1.87
N TYR A 10 21.44 -12.19 -2.27
CA TYR A 10 22.65 -11.59 -1.73
C TYR A 10 22.32 -10.58 -0.64
N LYS A 11 21.60 -9.53 -1.02
CA LYS A 11 21.21 -8.50 -0.07
C LYS A 11 20.38 -9.08 1.07
N ASN A 12 20.74 -8.72 2.31
CA ASN A 12 20.03 -9.21 3.48
C ASN A 12 19.04 -8.16 4.00
N PHE A 13 18.46 -7.40 3.08
CA PHE A 13 17.51 -6.37 3.44
C PHE A 13 16.29 -6.42 2.53
N VAL A 14 15.15 -5.96 3.04
CA VAL A 14 13.91 -5.95 2.27
C VAL A 14 13.14 -4.66 2.49
N ALA A 15 12.42 -4.22 1.46
CA ALA A 15 11.63 -2.99 1.54
C ALA A 15 10.14 -3.30 1.72
N LYS A 16 9.36 -2.27 1.96
CA LYS A 16 7.92 -2.43 2.15
C LYS A 16 7.23 -2.74 0.82
N LYS A 17 6.31 -3.70 0.86
CA LYS A 17 5.58 -4.10 -0.33
C LYS A 17 4.14 -3.56 -0.30
N CYS A 18 3.72 -2.97 -1.41
CA CYS A 18 2.37 -2.41 -1.51
C CYS A 18 1.33 -3.46 -1.13
N ALA A 19 0.17 -2.98 -0.66
CA ALA A 19 -0.91 -3.88 -0.27
C ALA A 19 -2.03 -3.89 -1.31
N GLY A 20 -1.67 -3.56 -2.54
CA GLY A 20 -2.65 -3.53 -3.62
C GLY A 20 -2.16 -4.22 -4.88
N CYS A 21 -0.91 -3.93 -5.25
CA CYS A 21 -0.32 -4.53 -6.44
C CYS A 21 0.67 -5.64 -6.07
N LYS A 22 1.06 -5.66 -4.80
CA LYS A 22 2.00 -6.67 -4.31
C LYS A 22 3.36 -6.52 -5.00
N ASN A 23 3.93 -5.32 -4.92
CA ASN A 23 5.23 -5.04 -5.54
C ASN A 23 6.06 -4.12 -4.66
N PRO A 24 7.38 -4.11 -4.89
CA PRO A 24 8.31 -3.28 -4.13
C PRO A 24 8.14 -1.79 -4.45
N ILE A 25 8.08 -0.98 -3.41
CA ILE A 25 7.93 0.47 -3.57
C ILE A 25 9.28 1.15 -3.70
N THR A 26 9.82 1.15 -4.92
CA THR A 26 11.12 1.78 -5.19
C THR A 26 10.95 3.18 -5.75
N GLY A 27 12.05 3.92 -5.81
CA GLY A 27 12.00 5.28 -6.34
C GLY A 27 12.09 6.33 -5.25
N PHE A 28 13.32 6.68 -4.87
CA PHE A 28 13.53 7.68 -3.83
C PHE A 28 14.38 8.84 -4.35
N GLY A 29 13.74 9.74 -5.10
CA GLY A 29 14.46 10.88 -5.65
C GLY A 29 14.03 12.19 -5.03
N LYS A 30 13.56 13.11 -5.87
CA LYS A 30 13.11 14.42 -5.39
C LYS A 30 11.59 14.46 -5.28
N GLY A 31 11.01 13.36 -4.79
CA GLY A 31 9.56 13.29 -4.65
C GLY A 31 9.02 11.89 -4.86
N SER A 32 8.31 11.37 -3.87
CA SER A 32 7.74 10.03 -3.95
C SER A 32 6.25 10.06 -3.63
N SER A 33 5.43 10.18 -4.67
CA SER A 33 3.98 10.22 -4.50
C SER A 33 3.45 8.87 -4.05
N VAL A 34 3.31 8.71 -2.73
CA VAL A 34 2.81 7.46 -2.17
C VAL A 34 2.10 7.70 -0.84
N VAL A 35 1.12 6.85 -0.53
CA VAL A 35 0.37 6.97 0.71
C VAL A 35 0.88 5.97 1.75
N ALA A 36 0.77 6.35 3.03
CA ALA A 36 1.20 5.49 4.12
C ALA A 36 0.20 5.52 5.27
N TYR A 37 -0.04 4.36 5.87
CA TYR A 37 -0.96 4.25 6.99
C TYR A 37 -0.72 2.96 7.77
N GLU A 38 -0.70 3.08 9.09
CA GLU A 38 -0.47 1.94 9.97
C GLU A 38 0.78 1.17 9.54
N GLY A 39 1.75 1.89 8.98
CA GLY A 39 2.99 1.25 8.54
C GLY A 39 2.93 0.86 7.07
N GLN A 40 1.78 0.39 6.63
CA GLN A 40 1.61 -0.03 5.24
C GLN A 40 1.66 1.17 4.30
N SER A 41 1.89 0.90 3.02
CA SER A 41 1.98 1.95 2.02
C SER A 41 1.18 1.59 0.77
N TRP A 42 0.66 2.60 0.09
CA TRP A 42 -0.13 2.38 -1.12
C TRP A 42 0.22 3.41 -2.19
N HIS A 43 0.68 2.94 -3.34
CA HIS A 43 1.05 3.82 -4.45
C HIS A 43 -0.09 4.79 -4.76
N ASP A 44 0.25 5.87 -5.46
CA ASP A 44 -0.74 6.88 -5.82
C ASP A 44 -1.80 6.28 -6.75
N TYR A 45 -1.40 5.31 -7.56
CA TYR A 45 -2.32 4.66 -8.48
C TYR A 45 -2.81 3.32 -7.93
N CYS A 46 -2.65 3.15 -6.62
CA CYS A 46 -3.06 1.91 -5.96
C CYS A 46 -4.12 2.20 -4.90
N PHE A 47 -4.02 3.37 -4.27
CA PHE A 47 -4.96 3.76 -3.23
C PHE A 47 -6.26 4.27 -3.84
N HIS A 48 -7.25 3.38 -3.92
CA HIS A 48 -8.54 3.73 -4.50
C HIS A 48 -9.66 2.86 -3.89
N CYS A 49 -10.88 3.39 -3.92
CA CYS A 49 -12.02 2.66 -3.37
C CYS A 49 -12.17 1.30 -4.05
N LYS A 50 -12.64 0.31 -3.29
CA LYS A 50 -12.84 -1.03 -3.82
C LYS A 50 -14.29 -1.24 -4.24
N LYS A 51 -14.97 -0.15 -4.56
CA LYS A 51 -16.36 -0.22 -5.00
C LYS A 51 -16.60 0.67 -6.20
N CYS A 52 -16.38 1.97 -6.04
CA CYS A 52 -16.57 2.92 -7.12
C CYS A 52 -15.26 3.17 -7.87
N SER A 53 -14.15 2.72 -7.28
CA SER A 53 -12.84 2.89 -7.89
C SER A 53 -12.49 4.37 -8.00
N VAL A 54 -12.49 5.07 -6.87
CA VAL A 54 -12.16 6.48 -6.85
C VAL A 54 -10.76 6.72 -6.29
N ASN A 55 -10.05 7.68 -6.87
CA ASN A 55 -8.70 8.01 -6.44
C ASN A 55 -8.72 8.72 -5.09
N LEU A 56 -8.38 7.99 -4.03
CA LEU A 56 -8.35 8.55 -2.69
C LEU A 56 -6.91 8.81 -2.24
N ALA A 57 -6.02 8.98 -3.19
CA ALA A 57 -4.61 9.24 -2.89
C ALA A 57 -4.45 10.49 -2.03
N ASN A 58 -3.95 10.30 -0.81
CA ASN A 58 -3.76 11.41 0.11
C ASN A 58 -5.09 12.07 0.46
N LYS A 59 -6.17 11.30 0.40
CA LYS A 59 -7.50 11.80 0.71
C LYS A 59 -8.12 10.99 1.85
N ARG A 60 -9.34 11.36 2.22
CA ARG A 60 -10.05 10.68 3.30
C ARG A 60 -10.59 9.33 2.83
N PHE A 61 -10.52 8.34 3.71
CA PHE A 61 -10.99 7.00 3.39
C PHE A 61 -11.49 6.29 4.64
N VAL A 62 -11.92 5.04 4.47
CA VAL A 62 -12.42 4.24 5.59
C VAL A 62 -12.02 2.78 5.43
N PHE A 63 -11.18 2.30 6.35
CA PHE A 63 -10.72 0.93 6.32
C PHE A 63 -11.84 -0.02 6.75
N HIS A 64 -12.05 -1.07 5.94
CA HIS A 64 -13.08 -2.06 6.23
C HIS A 64 -12.82 -3.35 5.48
N GLN A 65 -12.95 -4.47 6.19
CA GLN A 65 -12.72 -5.78 5.60
C GLN A 65 -11.36 -5.84 4.89
N GLU A 66 -10.33 -5.38 5.59
CA GLU A 66 -8.98 -5.37 5.03
C GLU A 66 -8.95 -4.66 3.69
N GLN A 67 -9.86 -3.71 3.51
CA GLN A 67 -9.95 -2.94 2.27
C GLN A 67 -10.15 -1.46 2.56
N VAL A 68 -10.21 -0.66 1.49
CA VAL A 68 -10.41 0.78 1.63
C VAL A 68 -11.69 1.22 0.94
N TYR A 69 -12.42 2.14 1.58
CA TYR A 69 -13.67 2.65 1.03
C TYR A 69 -13.87 4.11 1.40
N CYS A 70 -14.02 4.96 0.40
CA CYS A 70 -14.22 6.39 0.62
C CYS A 70 -15.37 6.63 1.61
N PRO A 71 -15.38 7.81 2.23
CA PRO A 71 -16.42 8.19 3.20
C PRO A 71 -17.82 7.89 2.68
N ASP A 72 -18.03 8.11 1.39
CA ASP A 72 -19.34 7.87 0.78
C ASP A 72 -19.68 6.38 0.81
N CYS A 73 -18.93 5.60 0.04
CA CYS A 73 -19.15 4.15 -0.02
C CYS A 73 -19.19 3.54 1.36
N ALA A 74 -18.34 4.05 2.26
CA ALA A 74 -18.28 3.56 3.63
C ALA A 74 -19.66 3.58 4.28
N LYS A 75 -20.51 4.50 3.84
CA LYS A 75 -21.85 4.63 4.38
C LYS A 75 -22.74 3.48 3.91
N LYS A 76 -22.47 2.99 2.71
CA LYS A 76 -23.24 1.88 2.14
C LYS A 76 -22.87 0.57 2.81
N LEU A 77 -21.65 0.50 3.35
CA LEU A 77 -21.18 -0.71 4.01
C LEU A 77 -21.91 -0.93 5.33
N GLY A 1 34.78 -29.24 -8.42
CA GLY A 1 34.80 -28.69 -7.08
C GLY A 1 34.55 -27.20 -7.05
N SER A 2 33.33 -26.81 -6.67
CA SER A 2 32.95 -25.40 -6.62
C SER A 2 32.15 -25.11 -5.37
N SER A 3 32.51 -24.03 -4.68
CA SER A 3 31.83 -23.63 -3.46
C SER A 3 31.32 -22.19 -3.55
N GLY A 4 32.25 -21.25 -3.66
CA GLY A 4 31.90 -19.85 -3.75
C GLY A 4 32.86 -18.94 -3.01
N SER A 5 32.45 -17.70 -2.78
CA SER A 5 33.29 -16.74 -2.09
C SER A 5 32.73 -16.41 -0.71
N SER A 6 33.56 -15.82 0.15
CA SER A 6 33.15 -15.46 1.50
C SER A 6 33.40 -13.99 1.78
N GLY A 7 32.36 -13.29 2.20
CA GLY A 7 32.49 -11.87 2.50
C GLY A 7 31.74 -11.00 1.51
N ASP A 8 30.43 -10.88 1.71
CA ASP A 8 29.59 -10.08 0.83
C ASP A 8 28.37 -9.54 1.58
N CYS A 9 27.96 -8.32 1.24
CA CYS A 9 26.82 -7.69 1.89
C CYS A 9 25.83 -7.17 0.85
N TYR A 10 24.79 -7.96 0.58
CA TYR A 10 23.78 -7.57 -0.40
C TYR A 10 22.54 -8.45 -0.26
N LYS A 11 21.51 -8.14 -1.05
CA LYS A 11 20.27 -8.90 -1.02
C LYS A 11 19.67 -8.91 0.37
N ASN A 12 19.99 -7.87 1.15
CA ASN A 12 19.47 -7.77 2.52
C ASN A 12 18.49 -6.60 2.63
N PHE A 13 18.76 -5.53 1.89
CA PHE A 13 17.89 -4.36 1.91
C PHE A 13 16.47 -4.71 1.50
N VAL A 14 15.52 -4.48 2.40
CA VAL A 14 14.12 -4.78 2.13
C VAL A 14 13.26 -3.53 2.29
N ALA A 15 12.27 -3.39 1.42
CA ALA A 15 11.37 -2.25 1.46
C ALA A 15 9.91 -2.69 1.63
N LYS A 16 9.08 -1.79 2.11
CA LYS A 16 7.67 -2.10 2.32
C LYS A 16 6.97 -2.41 1.00
N LYS A 17 6.35 -3.59 0.93
CA LYS A 17 5.65 -4.01 -0.28
C LYS A 17 4.19 -3.55 -0.25
N CYS A 18 3.75 -2.97 -1.36
CA CYS A 18 2.38 -2.49 -1.46
C CYS A 18 1.39 -3.58 -1.08
N ALA A 19 0.22 -3.17 -0.60
CA ALA A 19 -0.82 -4.11 -0.19
C ALA A 19 -1.94 -4.16 -1.23
N GLY A 20 -1.62 -3.82 -2.47
CA GLY A 20 -2.61 -3.84 -3.53
C GLY A 20 -2.09 -4.49 -4.80
N CYS A 21 -0.86 -4.14 -5.17
CA CYS A 21 -0.25 -4.71 -6.37
C CYS A 21 0.80 -5.76 -6.01
N LYS A 22 1.21 -5.77 -4.75
CA LYS A 22 2.20 -6.73 -4.28
C LYS A 22 3.53 -6.52 -4.97
N ASN A 23 4.06 -5.30 -4.89
CA ASN A 23 5.33 -4.96 -5.51
C ASN A 23 6.12 -3.99 -4.64
N PRO A 24 7.44 -3.92 -4.88
CA PRO A 24 8.34 -3.03 -4.12
C PRO A 24 8.09 -1.56 -4.45
N ILE A 25 7.99 -0.74 -3.41
CA ILE A 25 7.77 0.70 -3.58
C ILE A 25 9.09 1.45 -3.65
N THR A 26 9.70 1.46 -4.84
CA THR A 26 10.96 2.15 -5.05
C THR A 26 10.74 3.61 -5.44
N GLY A 27 10.49 4.45 -4.46
CA GLY A 27 10.26 5.86 -4.73
C GLY A 27 11.45 6.73 -4.37
N PHE A 28 12.52 6.62 -5.16
CA PHE A 28 13.73 7.39 -4.93
C PHE A 28 13.89 8.48 -5.97
N GLY A 29 13.76 9.73 -5.54
CA GLY A 29 13.90 10.86 -6.45
C GLY A 29 13.33 12.14 -5.90
N LYS A 30 12.95 13.06 -6.78
CA LYS A 30 12.38 14.33 -6.36
C LYS A 30 10.86 14.32 -6.49
N GLY A 31 10.27 13.14 -6.39
CA GLY A 31 8.83 13.02 -6.50
C GLY A 31 8.33 11.65 -6.08
N SER A 32 8.16 11.46 -4.77
CA SER A 32 7.69 10.18 -4.25
C SER A 32 6.23 10.28 -3.80
N SER A 33 5.32 10.02 -4.73
CA SER A 33 3.89 10.09 -4.43
C SER A 33 3.37 8.72 -4.00
N VAL A 34 3.22 8.54 -2.68
CA VAL A 34 2.72 7.28 -2.13
C VAL A 34 2.00 7.52 -0.81
N VAL A 35 1.04 6.65 -0.51
CA VAL A 35 0.27 6.76 0.73
C VAL A 35 0.76 5.75 1.76
N ALA A 36 0.64 6.11 3.04
CA ALA A 36 1.07 5.23 4.12
C ALA A 36 0.08 5.29 5.30
N TYR A 37 -0.18 4.15 5.90
CA TYR A 37 -1.10 4.07 7.03
C TYR A 37 -0.87 2.78 7.82
N GLU A 38 -0.82 2.92 9.15
CA GLU A 38 -0.61 1.77 10.03
C GLU A 38 0.63 0.99 9.61
N GLY A 39 1.61 1.70 9.06
CA GLY A 39 2.84 1.06 8.62
C GLY A 39 2.79 0.65 7.15
N GLN A 40 1.63 0.19 6.71
CA GLN A 40 1.46 -0.24 5.32
C GLN A 40 1.56 0.94 4.37
N SER A 41 1.64 0.66 3.08
CA SER A 41 1.75 1.70 2.07
C SER A 41 0.90 1.36 0.85
N TRP A 42 0.54 2.38 0.08
CA TRP A 42 -0.27 2.19 -1.12
C TRP A 42 0.05 3.24 -2.17
N HIS A 43 0.48 2.80 -3.35
CA HIS A 43 0.81 3.72 -4.44
C HIS A 43 -0.34 4.68 -4.71
N ASP A 44 -0.02 5.82 -5.32
CA ASP A 44 -1.03 6.83 -5.63
C ASP A 44 -2.10 6.25 -6.55
N TYR A 45 -1.72 5.29 -7.38
CA TYR A 45 -2.65 4.66 -8.31
C TYR A 45 -3.30 3.44 -7.67
N CYS A 46 -2.63 2.88 -6.66
CA CYS A 46 -3.15 1.70 -5.97
C CYS A 46 -4.19 2.09 -4.93
N PHE A 47 -3.98 3.25 -4.30
CA PHE A 47 -4.91 3.74 -3.28
C PHE A 47 -6.20 4.24 -3.91
N HIS A 48 -7.22 3.40 -3.92
CA HIS A 48 -8.51 3.76 -4.50
C HIS A 48 -9.63 2.92 -3.90
N CYS A 49 -10.85 3.43 -3.97
CA CYS A 49 -12.01 2.72 -3.43
C CYS A 49 -12.18 1.36 -4.11
N LYS A 50 -12.67 0.39 -3.35
CA LYS A 50 -12.89 -0.95 -3.88
C LYS A 50 -14.33 -1.13 -4.35
N LYS A 51 -14.99 -0.01 -4.66
CA LYS A 51 -16.37 -0.05 -5.14
C LYS A 51 -16.54 0.83 -6.37
N CYS A 52 -16.32 2.13 -6.21
CA CYS A 52 -16.46 3.07 -7.31
C CYS A 52 -15.11 3.31 -7.99
N SER A 53 -14.04 2.86 -7.34
CA SER A 53 -12.69 3.02 -7.87
C SER A 53 -12.32 4.50 -7.99
N VAL A 54 -12.37 5.20 -6.85
CA VAL A 54 -12.05 6.62 -6.82
C VAL A 54 -10.65 6.84 -6.25
N ASN A 55 -9.91 7.75 -6.88
CA ASN A 55 -8.55 8.06 -6.44
C ASN A 55 -8.57 8.77 -5.08
N LEU A 56 -8.27 8.02 -4.03
CA LEU A 56 -8.26 8.58 -2.68
C LEU A 56 -6.83 8.85 -2.22
N ALA A 57 -5.92 9.03 -3.17
CA ALA A 57 -4.53 9.30 -2.87
C ALA A 57 -4.38 10.55 -2.00
N ASN A 58 -3.88 10.36 -0.78
CA ASN A 58 -3.70 11.47 0.14
C ASN A 58 -5.03 12.12 0.48
N LYS A 59 -6.11 11.36 0.38
CA LYS A 59 -7.44 11.86 0.67
C LYS A 59 -8.08 11.09 1.82
N ARG A 60 -9.33 11.40 2.11
CA ARG A 60 -10.05 10.74 3.20
C ARG A 60 -10.58 9.38 2.75
N PHE A 61 -10.48 8.39 3.63
CA PHE A 61 -10.94 7.04 3.32
C PHE A 61 -11.44 6.34 4.58
N VAL A 62 -11.93 5.11 4.41
CA VAL A 62 -12.45 4.34 5.53
C VAL A 62 -12.04 2.87 5.41
N PHE A 63 -11.09 2.45 6.25
CA PHE A 63 -10.61 1.08 6.23
C PHE A 63 -11.70 0.11 6.69
N HIS A 64 -12.03 -0.86 5.85
CA HIS A 64 -13.06 -1.84 6.17
C HIS A 64 -12.80 -3.15 5.43
N GLN A 65 -12.88 -4.26 6.17
CA GLN A 65 -12.65 -5.58 5.58
C GLN A 65 -11.31 -5.63 4.85
N GLU A 66 -10.28 -5.13 5.51
CA GLU A 66 -8.94 -5.13 4.92
C GLU A 66 -8.94 -4.46 3.56
N GLN A 67 -9.81 -3.46 3.39
CA GLN A 67 -9.92 -2.75 2.13
C GLN A 67 -10.10 -1.25 2.37
N VAL A 68 -10.17 -0.48 1.28
CA VAL A 68 -10.35 0.96 1.37
C VAL A 68 -11.65 1.40 0.71
N TYR A 69 -12.41 2.23 1.41
CA TYR A 69 -13.68 2.73 0.89
C TYR A 69 -13.89 4.19 1.27
N CYS A 70 -14.05 5.04 0.26
CA CYS A 70 -14.26 6.46 0.48
C CYS A 70 -15.39 6.69 1.49
N PRO A 71 -15.40 7.89 2.10
CA PRO A 71 -16.42 8.27 3.09
C PRO A 71 -17.84 7.95 2.62
N ASP A 72 -18.07 8.14 1.32
CA ASP A 72 -19.39 7.88 0.74
C ASP A 72 -19.70 6.39 0.75
N CYS A 73 -18.96 5.63 -0.06
CA CYS A 73 -19.15 4.19 -0.14
C CYS A 73 -19.14 3.56 1.25
N ALA A 74 -18.32 4.10 2.14
CA ALA A 74 -18.22 3.60 3.50
C ALA A 74 -19.58 3.49 4.16
N LYS A 75 -20.45 4.45 3.84
CA LYS A 75 -21.80 4.47 4.40
C LYS A 75 -22.56 3.18 4.06
N LYS A 76 -22.23 2.60 2.91
CA LYS A 76 -22.87 1.36 2.48
C LYS A 76 -22.43 0.19 3.33
N LEU A 77 -21.23 0.28 3.88
CA LEU A 77 -20.69 -0.78 4.73
C LEU A 77 -21.42 -0.83 6.07
N GLY A 1 -3.17 -8.72 13.07
CA GLY A 1 -3.17 -9.28 14.40
C GLY A 1 -1.86 -9.95 14.75
N SER A 2 -1.89 -11.28 14.84
CA SER A 2 -0.70 -12.06 15.18
C SER A 2 0.33 -11.96 14.07
N SER A 3 1.39 -11.19 14.30
CA SER A 3 2.45 -11.02 13.33
C SER A 3 3.06 -12.36 12.93
N GLY A 4 3.33 -12.51 11.64
CA GLY A 4 3.91 -13.76 11.15
C GLY A 4 5.41 -13.64 10.90
N SER A 5 6.06 -12.75 11.64
CA SER A 5 7.50 -12.55 11.50
C SER A 5 8.22 -12.79 12.81
N SER A 6 9.03 -13.85 12.84
CA SER A 6 9.78 -14.21 14.04
C SER A 6 10.81 -13.12 14.38
N GLY A 7 11.52 -13.32 15.48
CA GLY A 7 12.52 -12.36 15.90
C GLY A 7 13.92 -12.77 15.50
N ASP A 8 14.11 -13.00 14.20
CA ASP A 8 15.42 -13.41 13.69
C ASP A 8 16.01 -12.33 12.81
N CYS A 9 17.19 -12.59 12.25
CA CYS A 9 17.86 -11.64 11.38
C CYS A 9 18.21 -12.27 10.04
N TYR A 10 17.78 -11.62 8.95
CA TYR A 10 18.04 -12.13 7.61
C TYR A 10 19.34 -11.57 7.06
N LYS A 11 19.87 -12.21 6.02
CA LYS A 11 21.11 -11.77 5.39
C LYS A 11 20.83 -11.02 4.09
N ASN A 12 19.69 -10.33 4.05
CA ASN A 12 19.31 -9.57 2.87
C ASN A 12 18.40 -8.40 3.23
N PHE A 13 18.28 -7.44 2.32
CA PHE A 13 17.44 -6.27 2.56
C PHE A 13 16.20 -6.30 1.67
N VAL A 14 15.04 -6.05 2.26
CA VAL A 14 13.79 -6.05 1.53
C VAL A 14 12.99 -4.78 1.81
N ALA A 15 12.32 -4.28 0.77
CA ALA A 15 11.52 -3.07 0.90
C ALA A 15 10.05 -3.41 1.04
N LYS A 16 9.30 -2.54 1.73
CA LYS A 16 7.87 -2.74 1.93
C LYS A 16 7.16 -2.89 0.59
N LYS A 17 6.38 -3.96 0.46
CA LYS A 17 5.63 -4.22 -0.77
C LYS A 17 4.21 -3.68 -0.66
N CYS A 18 3.75 -3.04 -1.74
CA CYS A 18 2.41 -2.48 -1.78
C CYS A 18 1.36 -3.51 -1.37
N ALA A 19 0.28 -3.05 -0.76
CA ALA A 19 -0.79 -3.94 -0.32
C ALA A 19 -1.91 -4.00 -1.35
N GLY A 20 -1.58 -3.69 -2.61
CA GLY A 20 -2.57 -3.71 -3.66
C GLY A 20 -2.09 -4.45 -4.90
N CYS A 21 -0.84 -4.18 -5.29
CA CYS A 21 -0.25 -4.81 -6.46
C CYS A 21 0.83 -5.81 -6.06
N LYS A 22 1.23 -5.75 -4.80
CA LYS A 22 2.27 -6.63 -4.29
C LYS A 22 3.60 -6.38 -4.99
N ASN A 23 4.07 -5.14 -4.94
CA ASN A 23 5.33 -4.77 -5.58
C ASN A 23 6.13 -3.84 -4.68
N PRO A 24 7.45 -3.75 -4.94
CA PRO A 24 8.36 -2.90 -4.17
C PRO A 24 8.11 -1.42 -4.42
N ILE A 25 8.07 -0.63 -3.34
CA ILE A 25 7.85 0.80 -3.45
C ILE A 25 9.17 1.57 -3.46
N THR A 26 9.92 1.43 -4.55
CA THR A 26 11.19 2.11 -4.69
C THR A 26 11.02 3.62 -4.72
N GLY A 27 12.12 4.34 -4.55
CA GLY A 27 12.06 5.80 -4.56
C GLY A 27 13.35 6.42 -5.04
N PHE A 28 13.31 7.04 -6.22
CA PHE A 28 14.49 7.67 -6.79
C PHE A 28 14.81 8.97 -6.06
N GLY A 29 13.79 9.59 -5.48
CA GLY A 29 13.98 10.83 -4.77
C GLY A 29 12.95 11.88 -5.14
N LYS A 30 13.19 12.56 -6.26
CA LYS A 30 12.28 13.60 -6.74
C LYS A 30 11.03 12.98 -7.35
N GLY A 31 9.88 13.27 -6.75
CA GLY A 31 8.63 12.73 -7.25
C GLY A 31 8.29 11.37 -6.66
N SER A 32 7.98 11.36 -5.36
CA SER A 32 7.65 10.12 -4.67
C SER A 32 6.29 10.22 -3.99
N SER A 33 5.22 10.06 -4.79
CA SER A 33 3.87 10.14 -4.27
C SER A 33 3.35 8.76 -3.87
N VAL A 34 3.19 8.55 -2.56
CA VAL A 34 2.71 7.28 -2.04
C VAL A 34 1.98 7.47 -0.72
N VAL A 35 1.02 6.58 -0.45
CA VAL A 35 0.24 6.65 0.77
C VAL A 35 0.72 5.63 1.79
N ALA A 36 0.57 5.96 3.07
CA ALA A 36 1.00 5.06 4.14
C ALA A 36 0.04 5.12 5.33
N TYR A 37 -0.15 3.98 5.98
CA TYR A 37 -1.05 3.91 7.13
C TYR A 37 -0.90 2.57 7.85
N GLU A 38 -0.86 2.62 9.18
CA GLU A 38 -0.73 1.42 10.00
C GLU A 38 0.50 0.61 9.56
N GLY A 39 1.50 1.31 9.03
CA GLY A 39 2.71 0.64 8.58
C GLY A 39 2.66 0.28 7.11
N GLN A 40 1.48 -0.10 6.63
CA GLN A 40 1.30 -0.48 5.23
C GLN A 40 1.46 0.73 4.32
N SER A 41 1.50 0.48 3.02
CA SER A 41 1.65 1.55 2.03
C SER A 41 0.84 1.26 0.77
N TRP A 42 0.48 2.30 0.05
CA TRP A 42 -0.30 2.15 -1.18
C TRP A 42 0.07 3.23 -2.19
N HIS A 43 0.44 2.81 -3.40
CA HIS A 43 0.81 3.75 -4.45
C HIS A 43 -0.32 4.75 -4.71
N ASP A 44 0.04 5.89 -5.29
CA ASP A 44 -0.95 6.93 -5.59
C ASP A 44 -2.02 6.40 -6.54
N TYR A 45 -1.65 5.41 -7.34
CA TYR A 45 -2.58 4.82 -8.30
C TYR A 45 -3.28 3.60 -7.70
N CYS A 46 -2.65 3.01 -6.68
CA CYS A 46 -3.20 1.83 -6.02
C CYS A 46 -4.24 2.23 -4.98
N PHE A 47 -3.97 3.33 -4.27
CA PHE A 47 -4.88 3.81 -3.24
C PHE A 47 -6.19 4.30 -3.85
N HIS A 48 -7.18 3.40 -3.93
CA HIS A 48 -8.48 3.74 -4.49
C HIS A 48 -9.57 2.87 -3.88
N CYS A 49 -10.80 3.36 -3.93
CA CYS A 49 -11.94 2.64 -3.37
C CYS A 49 -12.08 1.27 -4.03
N LYS A 50 -12.56 0.29 -3.28
CA LYS A 50 -12.76 -1.07 -3.78
C LYS A 50 -14.19 -1.26 -4.28
N LYS A 51 -14.86 -0.17 -4.61
CA LYS A 51 -16.24 -0.22 -5.09
C LYS A 51 -16.41 0.63 -6.34
N CYS A 52 -16.12 1.93 -6.21
CA CYS A 52 -16.25 2.85 -7.34
C CYS A 52 -14.89 3.12 -7.97
N SER A 53 -13.83 2.69 -7.28
CA SER A 53 -12.47 2.89 -7.79
C SER A 53 -12.13 4.37 -7.89
N VAL A 54 -12.38 5.11 -6.81
CA VAL A 54 -12.11 6.54 -6.79
C VAL A 54 -10.72 6.82 -6.22
N ASN A 55 -9.96 7.67 -6.92
CA ASN A 55 -8.61 8.02 -6.49
C ASN A 55 -8.64 8.75 -5.16
N LEU A 56 -8.33 8.04 -4.08
CA LEU A 56 -8.32 8.64 -2.75
C LEU A 56 -6.89 8.90 -2.29
N ALA A 57 -5.98 9.05 -3.24
CA ALA A 57 -4.58 9.31 -2.92
C ALA A 57 -4.44 10.56 -2.05
N ASN A 58 -4.01 10.35 -0.81
CA ASN A 58 -3.82 11.46 0.12
C ASN A 58 -5.15 12.15 0.42
N LYS A 59 -6.23 11.38 0.40
CA LYS A 59 -7.56 11.92 0.66
C LYS A 59 -8.23 11.17 1.81
N ARG A 60 -9.48 11.53 2.09
CA ARG A 60 -10.23 10.90 3.16
C ARG A 60 -10.76 9.54 2.73
N PHE A 61 -10.58 8.54 3.58
CA PHE A 61 -11.05 7.19 3.29
C PHE A 61 -11.54 6.49 4.55
N VAL A 62 -11.96 5.23 4.41
CA VAL A 62 -12.45 4.46 5.54
C VAL A 62 -12.01 3.00 5.44
N PHE A 63 -11.12 2.59 6.33
CA PHE A 63 -10.62 1.22 6.34
C PHE A 63 -11.70 0.26 6.79
N HIS A 64 -11.98 -0.74 5.95
CA HIS A 64 -13.00 -1.73 6.26
C HIS A 64 -12.70 -3.06 5.57
N GLN A 65 -12.73 -4.15 6.33
CA GLN A 65 -12.45 -5.47 5.80
C GLN A 65 -11.09 -5.51 5.10
N GLU A 66 -10.08 -4.98 5.78
CA GLU A 66 -8.73 -4.94 5.23
C GLU A 66 -8.72 -4.29 3.85
N GLN A 67 -9.65 -3.37 3.64
CA GLN A 67 -9.76 -2.66 2.37
C GLN A 67 -10.01 -1.17 2.58
N VAL A 68 -10.06 -0.42 1.49
CA VAL A 68 -10.29 1.02 1.57
C VAL A 68 -11.59 1.40 0.88
N TYR A 69 -12.35 2.28 1.51
CA TYR A 69 -13.62 2.74 0.96
C TYR A 69 -13.88 4.20 1.30
N CYS A 70 -14.05 5.03 0.27
CA CYS A 70 -14.30 6.44 0.46
C CYS A 70 -15.45 6.66 1.44
N PRO A 71 -15.50 7.86 2.03
CA PRO A 71 -16.55 8.23 2.99
C PRO A 71 -17.95 7.88 2.50
N ASP A 72 -18.18 8.06 1.21
CA ASP A 72 -19.47 7.76 0.61
C ASP A 72 -19.75 6.26 0.64
N CYS A 73 -18.97 5.50 -0.11
CA CYS A 73 -19.14 4.05 -0.16
C CYS A 73 -19.14 3.46 1.24
N ALA A 74 -18.36 4.05 2.14
CA ALA A 74 -18.28 3.57 3.51
C ALA A 74 -19.66 3.57 4.17
N LYS A 75 -20.46 4.58 3.86
CA LYS A 75 -21.80 4.70 4.43
C LYS A 75 -22.64 3.46 4.09
N LYS A 76 -22.36 2.86 2.93
CA LYS A 76 -23.09 1.67 2.49
C LYS A 76 -22.66 0.46 3.30
N LEU A 77 -21.44 0.48 3.82
CA LEU A 77 -20.91 -0.62 4.61
C LEU A 77 -21.54 -0.65 5.99
N GLY A 1 7.89 -22.39 0.01
CA GLY A 1 9.25 -21.96 0.21
C GLY A 1 10.04 -22.89 1.11
N SER A 2 11.29 -23.15 0.75
CA SER A 2 12.14 -24.04 1.53
C SER A 2 13.21 -23.25 2.28
N SER A 3 12.78 -22.22 3.00
CA SER A 3 13.70 -21.37 3.75
C SER A 3 13.71 -21.78 5.23
N GLY A 4 14.87 -21.63 5.86
CA GLY A 4 15.00 -21.99 7.26
C GLY A 4 16.43 -21.88 7.76
N SER A 5 17.07 -23.03 7.96
CA SER A 5 18.45 -23.06 8.44
C SER A 5 19.43 -22.76 7.31
N SER A 6 19.74 -21.47 7.14
CA SER A 6 20.66 -21.05 6.09
C SER A 6 21.78 -20.18 6.67
N GLY A 7 21.41 -19.24 7.53
CA GLY A 7 22.39 -18.37 8.15
C GLY A 7 21.79 -17.47 9.20
N ASP A 8 22.64 -16.91 10.07
CA ASP A 8 22.18 -16.03 11.13
C ASP A 8 22.38 -14.56 10.74
N CYS A 9 22.03 -14.24 9.52
CA CYS A 9 22.17 -12.87 9.02
C CYS A 9 20.80 -12.25 8.77
N TYR A 10 20.68 -10.96 9.08
CA TYR A 10 19.41 -10.24 8.89
C TYR A 10 19.66 -8.86 8.30
N LYS A 11 18.79 -8.46 7.37
CA LYS A 11 18.90 -7.17 6.72
C LYS A 11 18.59 -6.04 7.69
N ASN A 12 19.44 -5.02 7.71
CA ASN A 12 19.25 -3.88 8.60
C ASN A 12 18.28 -2.87 7.98
N PHE A 13 18.22 -2.85 6.66
CA PHE A 13 17.34 -1.93 5.95
C PHE A 13 16.51 -2.68 4.90
N VAL A 14 15.19 -2.66 5.07
CA VAL A 14 14.29 -3.33 4.14
C VAL A 14 13.23 -2.38 3.62
N ALA A 15 12.91 -2.51 2.33
CA ALA A 15 11.90 -1.65 1.72
C ALA A 15 10.49 -2.08 2.12
N LYS A 16 9.49 -1.41 1.55
CA LYS A 16 8.10 -1.72 1.86
C LYS A 16 7.36 -2.18 0.60
N LYS A 17 6.63 -3.28 0.71
CA LYS A 17 5.88 -3.81 -0.41
C LYS A 17 4.42 -3.35 -0.36
N CYS A 18 3.93 -2.82 -1.47
CA CYS A 18 2.55 -2.34 -1.55
C CYS A 18 1.58 -3.43 -1.13
N ALA A 19 0.45 -3.02 -0.57
CA ALA A 19 -0.58 -3.95 -0.13
C ALA A 19 -1.71 -4.05 -1.14
N GLY A 20 -1.40 -3.77 -2.39
CA GLY A 20 -2.41 -3.84 -3.44
C GLY A 20 -1.91 -4.54 -4.69
N CYS A 21 -0.69 -4.23 -5.10
CA CYS A 21 -0.11 -4.84 -6.28
C CYS A 21 0.97 -5.85 -5.90
N LYS A 22 1.34 -5.86 -4.62
CA LYS A 22 2.35 -6.77 -4.11
C LYS A 22 3.68 -6.58 -4.84
N ASN A 23 4.17 -5.34 -4.83
CA ASN A 23 5.43 -5.02 -5.49
C ASN A 23 6.24 -4.03 -4.66
N PRO A 24 7.55 -3.96 -4.94
CA PRO A 24 8.46 -3.05 -4.23
C PRO A 24 8.21 -1.59 -4.58
N ILE A 25 8.13 -0.74 -3.55
CA ILE A 25 7.89 0.68 -3.75
C ILE A 25 9.20 1.44 -3.94
N THR A 26 9.74 1.40 -5.15
CA THR A 26 10.99 2.08 -5.46
C THR A 26 10.74 3.52 -5.89
N GLY A 27 11.73 4.38 -5.68
CA GLY A 27 11.60 5.77 -6.06
C GLY A 27 12.28 6.08 -7.37
N PHE A 28 11.48 6.35 -8.41
CA PHE A 28 12.01 6.66 -9.72
C PHE A 28 13.01 7.81 -9.65
N GLY A 29 12.56 8.96 -9.17
CA GLY A 29 13.43 10.12 -9.05
C GLY A 29 12.99 11.06 -7.96
N LYS A 30 12.67 12.30 -8.33
CA LYS A 30 12.24 13.30 -7.37
C LYS A 30 10.73 13.24 -7.16
N GLY A 31 10.31 13.28 -5.90
CA GLY A 31 8.90 13.23 -5.59
C GLY A 31 8.38 11.81 -5.46
N SER A 32 8.09 11.39 -4.23
CA SER A 32 7.59 10.04 -3.98
C SER A 32 6.10 10.07 -3.66
N SER A 33 5.28 10.06 -4.71
CA SER A 33 3.83 10.09 -4.55
C SER A 33 3.31 8.73 -4.08
N VAL A 34 3.20 8.57 -2.77
CA VAL A 34 2.72 7.32 -2.19
C VAL A 34 2.04 7.57 -0.85
N VAL A 35 1.05 6.73 -0.53
CA VAL A 35 0.32 6.84 0.72
C VAL A 35 0.78 5.81 1.74
N ALA A 36 0.70 6.15 3.02
CA ALA A 36 1.10 5.25 4.08
C ALA A 36 0.15 5.32 5.27
N TYR A 37 -0.21 4.16 5.81
CA TYR A 37 -1.12 4.09 6.94
C TYR A 37 -0.90 2.82 7.74
N GLU A 38 -0.86 2.96 9.06
CA GLU A 38 -0.65 1.82 9.95
C GLU A 38 0.59 1.04 9.54
N GLY A 39 1.57 1.74 8.99
CA GLY A 39 2.80 1.09 8.56
C GLY A 39 2.76 0.68 7.10
N GLN A 40 1.60 0.23 6.64
CA GLN A 40 1.44 -0.19 5.25
C GLN A 40 1.49 1.00 4.31
N SER A 41 1.65 0.73 3.02
CA SER A 41 1.73 1.78 2.01
C SER A 41 0.88 1.41 0.79
N TRP A 42 0.54 2.42 0.00
CA TRP A 42 -0.26 2.22 -1.20
C TRP A 42 0.06 3.26 -2.25
N HIS A 43 0.50 2.81 -3.43
CA HIS A 43 0.84 3.71 -4.52
C HIS A 43 -0.31 4.68 -4.80
N ASP A 44 0.02 5.81 -5.42
CA ASP A 44 -0.99 6.82 -5.75
C ASP A 44 -2.09 6.22 -6.63
N TYR A 45 -1.71 5.23 -7.44
CA TYR A 45 -2.67 4.58 -8.33
C TYR A 45 -3.30 3.37 -7.65
N CYS A 46 -2.64 2.84 -6.63
CA CYS A 46 -3.13 1.68 -5.91
C CYS A 46 -4.15 2.10 -4.85
N PHE A 47 -3.97 3.30 -4.31
CA PHE A 47 -4.87 3.82 -3.28
C PHE A 47 -6.17 4.33 -3.91
N HIS A 48 -7.19 3.47 -3.90
CA HIS A 48 -8.49 3.83 -4.48
C HIS A 48 -9.59 2.94 -3.90
N CYS A 49 -10.81 3.46 -3.88
CA CYS A 49 -11.95 2.72 -3.36
C CYS A 49 -12.06 1.35 -4.03
N LYS A 50 -12.63 0.39 -3.32
CA LYS A 50 -12.81 -0.96 -3.85
C LYS A 50 -14.24 -1.19 -4.30
N LYS A 51 -14.93 -0.10 -4.64
CA LYS A 51 -16.31 -0.19 -5.10
C LYS A 51 -16.54 0.72 -6.31
N CYS A 52 -16.32 2.01 -6.12
CA CYS A 52 -16.50 2.98 -7.20
C CYS A 52 -15.18 3.24 -7.92
N SER A 53 -14.08 2.80 -7.31
CA SER A 53 -12.76 2.99 -7.90
C SER A 53 -12.42 4.47 -8.01
N VAL A 54 -12.41 5.15 -6.86
CA VAL A 54 -12.09 6.57 -6.83
C VAL A 54 -10.70 6.81 -6.26
N ASN A 55 -9.98 7.77 -6.84
CA ASN A 55 -8.64 8.10 -6.40
C ASN A 55 -8.67 8.80 -5.04
N LEU A 56 -8.29 8.08 -4.00
CA LEU A 56 -8.27 8.63 -2.65
C LEU A 56 -6.84 8.92 -2.19
N ALA A 57 -5.95 9.09 -3.15
CA ALA A 57 -4.55 9.38 -2.85
C ALA A 57 -4.41 10.61 -1.97
N ASN A 58 -3.90 10.43 -0.76
CA ASN A 58 -3.72 11.53 0.18
C ASN A 58 -5.06 12.16 0.54
N LYS A 59 -6.12 11.36 0.45
CA LYS A 59 -7.46 11.84 0.77
C LYS A 59 -8.07 11.03 1.91
N ARG A 60 -9.30 11.36 2.28
CA ARG A 60 -9.99 10.65 3.36
C ARG A 60 -10.52 9.31 2.87
N PHE A 61 -10.52 8.32 3.76
CA PHE A 61 -11.00 6.99 3.41
C PHE A 61 -11.52 6.26 4.66
N VAL A 62 -11.94 5.02 4.47
CA VAL A 62 -12.46 4.22 5.57
C VAL A 62 -12.07 2.75 5.43
N PHE A 63 -11.20 2.29 6.33
CA PHE A 63 -10.74 0.90 6.29
C PHE A 63 -11.85 -0.05 6.72
N HIS A 64 -12.13 -1.04 5.87
CA HIS A 64 -13.17 -2.02 6.17
C HIS A 64 -12.90 -3.33 5.44
N GLN A 65 -13.02 -4.44 6.16
CA GLN A 65 -12.79 -5.76 5.58
C GLN A 65 -11.43 -5.81 4.88
N GLU A 66 -10.39 -5.38 5.59
CA GLU A 66 -9.04 -5.37 5.03
C GLU A 66 -9.01 -4.67 3.68
N GLN A 67 -9.90 -3.70 3.51
CA GLN A 67 -9.98 -2.95 2.26
C GLN A 67 -10.18 -1.46 2.54
N VAL A 68 -10.24 -0.67 1.46
CA VAL A 68 -10.43 0.77 1.59
C VAL A 68 -11.71 1.22 0.89
N TYR A 69 -12.43 2.15 1.52
CA TYR A 69 -13.67 2.66 0.97
C TYR A 69 -13.88 4.13 1.34
N CYS A 70 -13.99 4.98 0.33
CA CYS A 70 -14.20 6.41 0.56
C CYS A 70 -15.35 6.65 1.54
N PRO A 71 -15.37 7.84 2.16
CA PRO A 71 -16.41 8.22 3.12
C PRO A 71 -17.81 7.94 2.58
N ASP A 72 -18.00 8.16 1.29
CA ASP A 72 -19.30 7.93 0.66
C ASP A 72 -19.65 6.45 0.68
N CYS A 73 -18.90 5.65 -0.07
CA CYS A 73 -19.13 4.21 -0.13
C CYS A 73 -19.21 3.61 1.25
N ALA A 74 -18.36 4.09 2.16
CA ALA A 74 -18.33 3.60 3.53
C ALA A 74 -19.72 3.65 4.16
N LYS A 75 -20.49 4.66 3.78
CA LYS A 75 -21.84 4.84 4.32
C LYS A 75 -22.72 3.65 3.95
N LYS A 76 -22.43 3.03 2.81
CA LYS A 76 -23.20 1.88 2.36
C LYS A 76 -22.82 0.62 3.14
N LEU A 77 -21.59 0.60 3.65
CA LEU A 77 -21.11 -0.54 4.43
C LEU A 77 -21.74 -0.56 5.81
N GLY A 1 13.56 -18.25 5.66
CA GLY A 1 12.13 -18.08 5.43
C GLY A 1 11.52 -17.07 6.38
N SER A 2 11.94 -17.09 7.63
CA SER A 2 11.41 -16.17 8.64
C SER A 2 11.97 -14.77 8.43
N SER A 3 11.52 -13.84 9.26
CA SER A 3 11.97 -12.46 9.17
C SER A 3 13.20 -12.23 10.04
N GLY A 4 13.66 -10.97 10.08
CA GLY A 4 14.83 -10.64 10.87
C GLY A 4 14.61 -9.42 11.75
N SER A 5 14.48 -9.64 13.05
CA SER A 5 14.27 -8.54 13.99
C SER A 5 15.50 -7.66 14.09
N SER A 6 15.46 -6.68 14.98
CA SER A 6 16.57 -5.76 15.17
C SER A 6 17.86 -6.51 15.49
N GLY A 7 18.96 -6.04 14.92
CA GLY A 7 20.25 -6.69 15.15
C GLY A 7 20.62 -7.64 14.03
N ASP A 8 20.02 -7.44 12.86
CA ASP A 8 20.31 -8.29 11.70
C ASP A 8 21.72 -8.03 11.18
N CYS A 9 22.53 -9.09 11.15
CA CYS A 9 23.90 -8.98 10.67
C CYS A 9 24.02 -9.50 9.24
N TYR A 10 23.41 -8.79 8.31
CA TYR A 10 23.44 -9.18 6.90
C TYR A 10 23.66 -7.97 5.99
N LYS A 11 23.98 -8.24 4.73
CA LYS A 11 24.22 -7.18 3.77
C LYS A 11 23.08 -7.10 2.76
N ASN A 12 21.85 -7.17 3.26
CA ASN A 12 20.67 -7.11 2.40
C ASN A 12 19.48 -6.52 3.15
N PHE A 13 18.78 -5.59 2.52
CA PHE A 13 17.62 -4.95 3.13
C PHE A 13 16.41 -5.03 2.20
N VAL A 14 15.23 -5.16 2.79
CA VAL A 14 13.99 -5.24 2.02
C VAL A 14 13.07 -4.06 2.32
N ALA A 15 12.45 -3.50 1.28
CA ALA A 15 11.55 -2.38 1.45
C ALA A 15 10.11 -2.85 1.63
N LYS A 16 9.23 -1.93 2.03
CA LYS A 16 7.82 -2.25 2.23
C LYS A 16 7.14 -2.57 0.91
N LYS A 17 6.36 -3.65 0.90
CA LYS A 17 5.65 -4.06 -0.31
C LYS A 17 4.21 -3.57 -0.27
N CYS A 18 3.76 -2.96 -1.37
CA CYS A 18 2.40 -2.45 -1.46
C CYS A 18 1.39 -3.52 -1.10
N ALA A 19 0.23 -3.09 -0.61
CA ALA A 19 -0.83 -4.02 -0.22
C ALA A 19 -1.94 -4.05 -1.26
N GLY A 20 -1.60 -3.72 -2.50
CA GLY A 20 -2.58 -3.72 -3.57
C GLY A 20 -2.06 -4.38 -4.83
N CYS A 21 -0.82 -4.06 -5.19
CA CYS A 21 -0.21 -4.64 -6.38
C CYS A 21 0.81 -5.70 -6.01
N LYS A 22 1.15 -5.77 -4.73
CA LYS A 22 2.12 -6.74 -4.24
C LYS A 22 3.47 -6.57 -4.94
N ASN A 23 4.00 -5.36 -4.89
CA ASN A 23 5.29 -5.06 -5.52
C ASN A 23 6.09 -4.09 -4.66
N PRO A 24 7.41 -4.05 -4.91
CA PRO A 24 8.33 -3.17 -4.17
C PRO A 24 8.12 -1.69 -4.51
N ILE A 25 8.03 -0.86 -3.48
CA ILE A 25 7.84 0.57 -3.69
C ILE A 25 9.18 1.29 -3.85
N THR A 26 9.69 1.31 -5.07
CA THR A 26 10.96 1.97 -5.36
C THR A 26 10.74 3.43 -5.71
N GLY A 27 11.53 4.30 -5.07
CA GLY A 27 11.41 5.73 -5.32
C GLY A 27 12.75 6.38 -5.57
N PHE A 28 12.91 6.94 -6.77
CA PHE A 28 14.16 7.60 -7.14
C PHE A 28 13.99 9.12 -7.17
N GLY A 29 12.78 9.56 -7.51
CA GLY A 29 12.50 10.98 -7.57
C GLY A 29 11.52 11.34 -8.68
N LYS A 30 11.14 12.60 -8.75
CA LYS A 30 10.20 13.06 -9.76
C LYS A 30 8.94 12.22 -9.76
N GLY A 31 8.42 11.94 -8.57
CA GLY A 31 7.21 11.14 -8.45
C GLY A 31 7.29 10.13 -7.32
N SER A 32 7.23 10.61 -6.09
CA SER A 32 7.31 9.75 -4.91
C SER A 32 6.03 9.83 -4.09
N SER A 33 4.91 10.09 -4.77
CA SER A 33 3.62 10.21 -4.10
C SER A 33 3.10 8.84 -3.68
N VAL A 34 3.10 8.58 -2.38
CA VAL A 34 2.61 7.31 -1.85
C VAL A 34 1.90 7.51 -0.52
N VAL A 35 0.88 6.68 -0.27
CA VAL A 35 0.12 6.76 0.97
C VAL A 35 0.63 5.76 2.00
N ALA A 36 0.49 6.10 3.26
CA ALA A 36 0.93 5.23 4.34
C ALA A 36 -0.07 5.23 5.50
N TYR A 37 -0.31 4.06 6.07
CA TYR A 37 -1.24 3.92 7.18
C TYR A 37 -1.05 2.60 7.91
N GLU A 38 -1.05 2.65 9.24
CA GLU A 38 -0.87 1.45 10.04
C GLU A 38 0.41 0.71 9.65
N GLY A 39 1.38 1.46 9.15
CA GLY A 39 2.64 0.86 8.74
C GLY A 39 2.66 0.50 7.27
N GLN A 40 1.51 0.04 6.76
CA GLN A 40 1.41 -0.34 5.35
C GLN A 40 1.50 0.87 4.44
N SER A 41 1.58 0.63 3.15
CA SER A 41 1.68 1.70 2.16
C SER A 41 0.86 1.38 0.91
N TRP A 42 0.51 2.41 0.16
CA TRP A 42 -0.27 2.23 -1.06
C TRP A 42 0.08 3.32 -2.08
N HIS A 43 0.47 2.90 -3.29
CA HIS A 43 0.81 3.84 -4.35
C HIS A 43 -0.34 4.81 -4.61
N ASP A 44 -0.01 5.96 -5.17
CA ASP A 44 -1.01 6.99 -5.47
C ASP A 44 -2.07 6.43 -6.42
N TYR A 45 -1.67 5.46 -7.24
CA TYR A 45 -2.59 4.85 -8.20
C TYR A 45 -3.26 3.62 -7.60
N CYS A 46 -2.62 3.04 -6.58
CA CYS A 46 -3.16 1.85 -5.93
C CYS A 46 -4.21 2.23 -4.90
N PHE A 47 -3.99 3.33 -4.19
CA PHE A 47 -4.92 3.81 -3.18
C PHE A 47 -6.21 4.30 -3.82
N HIS A 48 -7.18 3.40 -3.97
CA HIS A 48 -8.46 3.74 -4.56
C HIS A 48 -9.58 2.87 -3.98
N CYS A 49 -10.78 3.43 -3.93
CA CYS A 49 -11.93 2.71 -3.39
C CYS A 49 -12.09 1.35 -4.08
N LYS A 50 -12.57 0.37 -3.32
CA LYS A 50 -12.76 -0.98 -3.85
C LYS A 50 -14.20 -1.17 -4.32
N LYS A 51 -14.87 -0.06 -4.62
CA LYS A 51 -16.26 -0.11 -5.08
C LYS A 51 -16.45 0.75 -6.32
N CYS A 52 -16.25 2.06 -6.17
CA CYS A 52 -16.39 2.99 -7.28
C CYS A 52 -15.04 3.25 -7.95
N SER A 53 -13.97 2.83 -7.29
CA SER A 53 -12.62 3.03 -7.81
C SER A 53 -12.29 4.51 -7.94
N VAL A 54 -12.37 5.22 -6.81
CA VAL A 54 -12.07 6.64 -6.79
C VAL A 54 -10.68 6.91 -6.23
N ASN A 55 -9.92 7.73 -6.95
CA ASN A 55 -8.56 8.07 -6.53
C ASN A 55 -8.57 8.82 -5.19
N LEU A 56 -8.35 8.10 -4.10
CA LEU A 56 -8.33 8.69 -2.78
C LEU A 56 -6.91 8.90 -2.30
N ALA A 57 -5.98 9.03 -3.23
CA ALA A 57 -4.58 9.24 -2.90
C ALA A 57 -4.40 10.50 -2.05
N ASN A 58 -3.94 10.31 -0.81
CA ASN A 58 -3.72 11.42 0.10
C ASN A 58 -5.03 12.14 0.39
N LYS A 59 -6.13 11.40 0.37
CA LYS A 59 -7.45 11.96 0.64
C LYS A 59 -8.15 11.20 1.77
N ARG A 60 -9.39 11.58 2.05
CA ARG A 60 -10.17 10.94 3.10
C ARG A 60 -10.67 9.56 2.64
N PHE A 61 -10.56 8.58 3.53
CA PHE A 61 -10.99 7.22 3.22
C PHE A 61 -11.47 6.50 4.48
N VAL A 62 -11.87 5.25 4.32
CA VAL A 62 -12.35 4.44 5.45
C VAL A 62 -11.93 2.99 5.30
N PHE A 63 -11.05 2.54 6.21
CA PHE A 63 -10.57 1.17 6.18
C PHE A 63 -11.68 0.19 6.56
N HIS A 64 -11.84 -0.86 5.77
CA HIS A 64 -12.87 -1.87 6.03
C HIS A 64 -12.50 -3.20 5.36
N GLN A 65 -12.57 -4.28 6.13
CA GLN A 65 -12.25 -5.59 5.61
C GLN A 65 -10.89 -5.60 4.92
N GLU A 66 -9.89 -5.01 5.58
CA GLU A 66 -8.55 -4.95 5.03
C GLU A 66 -8.55 -4.26 3.67
N GLN A 67 -9.52 -3.37 3.46
CA GLN A 67 -9.63 -2.65 2.20
C GLN A 67 -9.88 -1.17 2.44
N VAL A 68 -9.96 -0.40 1.36
CA VAL A 68 -10.20 1.03 1.46
C VAL A 68 -11.53 1.41 0.82
N TYR A 69 -12.24 2.35 1.43
CA TYR A 69 -13.53 2.80 0.91
C TYR A 69 -13.78 4.26 1.28
N CYS A 70 -13.98 5.08 0.27
CA CYS A 70 -14.23 6.50 0.47
C CYS A 70 -15.35 6.72 1.49
N PRO A 71 -15.39 7.91 2.09
CA PRO A 71 -16.41 8.26 3.08
C PRO A 71 -17.82 7.91 2.62
N ASP A 72 -18.08 8.10 1.33
CA ASP A 72 -19.39 7.80 0.77
C ASP A 72 -19.67 6.30 0.80
N CYS A 73 -18.90 5.55 0.01
CA CYS A 73 -19.07 4.10 -0.05
C CYS A 73 -19.03 3.48 1.35
N ALA A 74 -18.22 4.07 2.22
CA ALA A 74 -18.10 3.59 3.60
C ALA A 74 -19.46 3.53 4.28
N LYS A 75 -20.37 4.41 3.86
CA LYS A 75 -21.71 4.46 4.43
C LYS A 75 -22.54 3.26 3.98
N LYS A 76 -22.20 2.72 2.82
CA LYS A 76 -22.91 1.56 2.27
C LYS A 76 -22.54 0.30 3.03
N LEU A 77 -21.36 0.29 3.64
CA LEU A 77 -20.89 -0.86 4.39
C LEU A 77 -21.83 -1.16 5.56
N GLY A 1 36.74 -27.83 -8.93
CA GLY A 1 35.70 -26.88 -8.57
C GLY A 1 36.18 -25.45 -8.61
N SER A 2 35.51 -24.62 -9.42
CA SER A 2 35.88 -23.21 -9.54
C SER A 2 34.69 -22.31 -9.22
N SER A 3 34.60 -21.88 -7.97
CA SER A 3 33.51 -21.02 -7.53
C SER A 3 34.02 -19.98 -6.53
N GLY A 4 33.84 -18.70 -6.87
CA GLY A 4 34.28 -17.64 -5.99
C GLY A 4 33.21 -16.58 -5.78
N SER A 5 33.27 -15.52 -6.58
CA SER A 5 32.30 -14.44 -6.47
C SER A 5 31.01 -14.78 -7.21
N SER A 6 30.15 -15.56 -6.56
CA SER A 6 28.88 -15.97 -7.16
C SER A 6 27.74 -15.13 -6.62
N GLY A 7 27.39 -15.34 -5.35
CA GLY A 7 26.32 -14.60 -4.74
C GLY A 7 26.34 -14.68 -3.23
N ASP A 8 27.05 -13.76 -2.60
CA ASP A 8 27.16 -13.72 -1.14
C ASP A 8 26.20 -12.70 -0.55
N CYS A 9 25.39 -13.13 0.40
CA CYS A 9 24.42 -12.24 1.06
C CYS A 9 25.09 -11.44 2.15
N TYR A 10 25.88 -10.44 1.77
CA TYR A 10 26.58 -9.60 2.73
C TYR A 10 25.73 -8.39 3.11
N LYS A 11 24.87 -7.97 2.19
CA LYS A 11 24.00 -6.82 2.43
C LYS A 11 22.64 -7.28 2.96
N ASN A 12 22.05 -6.47 3.83
CA ASN A 12 20.75 -6.79 4.40
C ASN A 12 19.83 -5.56 4.39
N PHE A 13 18.79 -5.62 3.57
CA PHE A 13 17.85 -4.52 3.46
C PHE A 13 16.46 -5.02 3.06
N VAL A 14 15.43 -4.41 3.62
CA VAL A 14 14.06 -4.79 3.32
C VAL A 14 13.24 -3.60 2.84
N ALA A 15 12.37 -3.84 1.87
CA ALA A 15 11.52 -2.78 1.33
C ALA A 15 10.05 -3.18 1.38
N LYS A 16 9.25 -2.37 2.08
CA LYS A 16 7.83 -2.62 2.22
C LYS A 16 7.16 -2.77 0.84
N LYS A 17 6.43 -3.86 0.64
CA LYS A 17 5.76 -4.10 -0.62
C LYS A 17 4.30 -3.63 -0.55
N CYS A 18 3.83 -3.03 -1.64
CA CYS A 18 2.46 -2.53 -1.71
C CYS A 18 1.47 -3.63 -1.32
N ALA A 19 0.36 -3.22 -0.72
CA ALA A 19 -0.67 -4.15 -0.30
C ALA A 19 -1.76 -4.28 -1.35
N GLY A 20 -1.42 -3.98 -2.59
CA GLY A 20 -2.38 -4.06 -3.68
C GLY A 20 -1.83 -4.78 -4.89
N CYS A 21 -0.60 -4.44 -5.26
CA CYS A 21 0.04 -5.06 -6.41
C CYS A 21 1.19 -5.96 -5.98
N LYS A 22 1.52 -5.93 -4.70
CA LYS A 22 2.60 -6.74 -4.15
C LYS A 22 3.91 -6.43 -4.85
N ASN A 23 4.32 -5.17 -4.81
CA ASN A 23 5.57 -4.74 -5.43
C ASN A 23 6.30 -3.74 -4.55
N PRO A 24 7.62 -3.58 -4.81
CA PRO A 24 8.46 -2.66 -4.04
C PRO A 24 8.12 -1.19 -4.33
N ILE A 25 8.00 -0.40 -3.27
CA ILE A 25 7.69 1.01 -3.41
C ILE A 25 8.96 1.86 -3.47
N THR A 26 9.71 1.72 -4.56
CA THR A 26 10.95 2.47 -4.73
C THR A 26 10.66 3.95 -4.98
N GLY A 27 11.73 4.73 -5.15
CA GLY A 27 11.57 6.15 -5.38
C GLY A 27 11.81 6.97 -4.14
N PHE A 28 12.96 7.64 -4.07
CA PHE A 28 13.29 8.47 -2.92
C PHE A 28 13.56 9.91 -3.34
N GLY A 29 13.53 10.82 -2.37
CA GLY A 29 13.76 12.23 -2.67
C GLY A 29 12.77 13.14 -1.97
N LYS A 30 12.35 14.18 -2.66
CA LYS A 30 11.39 15.13 -2.11
C LYS A 30 9.99 14.89 -2.66
N GLY A 31 9.86 14.94 -3.99
CA GLY A 31 8.58 14.72 -4.63
C GLY A 31 8.21 13.26 -4.68
N SER A 32 7.16 12.89 -3.94
CA SER A 32 6.70 11.50 -3.91
C SER A 32 5.19 11.43 -3.71
N SER A 33 4.54 10.56 -4.47
CA SER A 33 3.10 10.41 -4.38
C SER A 33 2.73 8.98 -3.99
N VAL A 34 2.67 8.73 -2.68
CA VAL A 34 2.33 7.41 -2.17
C VAL A 34 1.66 7.51 -0.80
N VAL A 35 0.81 6.54 -0.48
CA VAL A 35 0.11 6.52 0.80
C VAL A 35 0.80 5.57 1.78
N ALA A 36 0.79 5.94 3.05
CA ALA A 36 1.41 5.13 4.09
C ALA A 36 0.43 4.88 5.24
N TYR A 37 0.51 3.69 5.82
CA TYR A 37 -0.36 3.32 6.93
C TYR A 37 0.42 2.65 8.05
N GLU A 38 -0.29 2.07 9.01
CA GLU A 38 0.35 1.39 10.13
C GLU A 38 1.04 0.12 9.67
N GLY A 39 2.28 0.26 9.19
CA GLY A 39 3.03 -0.88 8.73
C GLY A 39 2.66 -1.29 7.31
N GLN A 40 1.97 -0.40 6.61
CA GLN A 40 1.54 -0.68 5.24
C GLN A 40 1.69 0.55 4.36
N SER A 41 1.36 0.41 3.08
CA SER A 41 1.46 1.51 2.14
C SER A 41 0.80 1.15 0.81
N TRP A 42 0.29 2.17 0.11
CA TRP A 42 -0.38 1.96 -1.16
C TRP A 42 0.05 3.03 -2.17
N HIS A 43 0.35 2.60 -3.40
CA HIS A 43 0.76 3.52 -4.45
C HIS A 43 -0.34 4.54 -4.74
N ASP A 44 0.05 5.65 -5.35
CA ASP A 44 -0.90 6.70 -5.69
C ASP A 44 -1.97 6.18 -6.64
N TYR A 45 -1.61 5.19 -7.45
CA TYR A 45 -2.53 4.61 -8.41
C TYR A 45 -3.23 3.38 -7.83
N CYS A 46 -2.62 2.80 -6.81
CA CYS A 46 -3.17 1.62 -6.15
C CYS A 46 -4.24 2.01 -5.12
N PHE A 47 -3.99 3.12 -4.42
CA PHE A 47 -4.92 3.60 -3.41
C PHE A 47 -6.21 4.10 -4.06
N HIS A 48 -7.23 3.24 -4.06
CA HIS A 48 -8.53 3.58 -4.64
C HIS A 48 -9.64 2.75 -4.02
N CYS A 49 -10.85 3.29 -4.01
CA CYS A 49 -12.00 2.61 -3.45
C CYS A 49 -12.18 1.23 -4.08
N LYS A 50 -12.68 0.29 -3.30
CA LYS A 50 -12.90 -1.07 -3.79
C LYS A 50 -14.33 -1.25 -4.26
N LYS A 51 -14.98 -0.16 -4.60
CA LYS A 51 -16.36 -0.19 -5.08
C LYS A 51 -16.53 0.65 -6.35
N CYS A 52 -16.26 1.94 -6.23
CA CYS A 52 -16.37 2.85 -7.36
C CYS A 52 -15.01 3.09 -8.01
N SER A 53 -13.95 2.69 -7.32
CA SER A 53 -12.59 2.87 -7.81
C SER A 53 -12.25 4.35 -7.96
N VAL A 54 -12.33 5.07 -6.85
CA VAL A 54 -12.04 6.51 -6.86
C VAL A 54 -10.65 6.78 -6.28
N ASN A 55 -9.88 7.60 -6.99
CA ASN A 55 -8.53 7.94 -6.55
C ASN A 55 -8.56 8.65 -5.19
N LEU A 56 -8.37 7.89 -4.12
CA LEU A 56 -8.36 8.45 -2.78
C LEU A 56 -6.94 8.69 -2.29
N ALA A 57 -6.02 8.88 -3.23
CA ALA A 57 -4.63 9.12 -2.89
C ALA A 57 -4.48 10.44 -2.14
N ASN A 58 -3.93 10.38 -0.93
CA ASN A 58 -3.73 11.57 -0.11
C ASN A 58 -5.07 12.23 0.21
N LYS A 59 -6.13 11.44 0.22
CA LYS A 59 -7.46 11.95 0.52
C LYS A 59 -8.08 11.22 1.71
N ARG A 60 -9.32 11.55 2.01
CA ARG A 60 -10.03 10.92 3.13
C ARG A 60 -10.64 9.59 2.70
N PHE A 61 -10.45 8.57 3.53
CA PHE A 61 -10.98 7.25 3.24
C PHE A 61 -11.48 6.57 4.51
N VAL A 62 -11.94 5.33 4.38
CA VAL A 62 -12.44 4.57 5.52
C VAL A 62 -12.02 3.10 5.44
N PHE A 63 -11.08 2.72 6.30
CA PHE A 63 -10.60 1.35 6.32
C PHE A 63 -11.66 0.39 6.84
N HIS A 64 -12.01 -0.60 6.04
CA HIS A 64 -13.02 -1.58 6.41
C HIS A 64 -12.75 -2.92 5.75
N GLN A 65 -12.84 -4.00 6.53
CA GLN A 65 -12.61 -5.34 6.01
C GLN A 65 -11.26 -5.42 5.29
N GLU A 66 -10.23 -4.83 5.90
CA GLU A 66 -8.90 -4.84 5.31
C GLU A 66 -8.90 -4.22 3.93
N GLN A 67 -9.80 -3.26 3.71
CA GLN A 67 -9.92 -2.59 2.42
C GLN A 67 -10.11 -1.09 2.61
N VAL A 68 -10.21 -0.37 1.49
CA VAL A 68 -10.40 1.08 1.52
C VAL A 68 -11.69 1.47 0.82
N TYR A 69 -12.45 2.35 1.46
CA TYR A 69 -13.71 2.82 0.90
C TYR A 69 -13.95 4.29 1.22
N CYS A 70 -14.11 5.11 0.18
CA CYS A 70 -14.34 6.52 0.36
C CYS A 70 -15.48 6.78 1.34
N PRO A 71 -15.50 8.00 1.91
CA PRO A 71 -16.53 8.39 2.87
C PRO A 71 -17.94 8.05 2.39
N ASP A 72 -18.18 8.23 1.10
CA ASP A 72 -19.48 7.94 0.51
C ASP A 72 -19.78 6.45 0.57
N CYS A 73 -19.02 5.66 -0.17
CA CYS A 73 -19.21 4.21 -0.20
C CYS A 73 -19.23 3.64 1.22
N ALA A 74 -18.42 4.21 2.09
CA ALA A 74 -18.34 3.76 3.47
C ALA A 74 -19.71 3.80 4.14
N LYS A 75 -20.51 4.80 3.78
CA LYS A 75 -21.85 4.95 4.34
C LYS A 75 -22.71 3.73 4.02
N LYS A 76 -22.45 3.11 2.88
CA LYS A 76 -23.20 1.93 2.46
C LYS A 76 -22.81 0.71 3.30
N LEU A 77 -21.59 0.71 3.80
CA LEU A 77 -21.09 -0.39 4.62
C LEU A 77 -21.79 -0.41 5.97
N GLY A 1 7.50 -0.36 17.37
CA GLY A 1 7.94 0.26 16.14
C GLY A 1 7.62 1.74 16.09
N SER A 2 8.27 2.52 16.96
CA SER A 2 8.04 3.96 17.00
C SER A 2 9.37 4.71 16.91
N SER A 3 10.30 4.38 17.79
CA SER A 3 11.61 5.03 17.80
C SER A 3 12.72 4.01 17.57
N GLY A 4 13.61 4.32 16.62
CA GLY A 4 14.71 3.43 16.31
C GLY A 4 14.47 2.61 15.06
N SER A 5 15.39 2.71 14.10
CA SER A 5 15.27 1.98 12.85
C SER A 5 15.33 0.48 13.08
N SER A 6 15.04 -0.29 12.04
CA SER A 6 15.06 -1.74 12.12
C SER A 6 15.88 -2.34 10.99
N GLY A 7 16.76 -3.29 11.33
CA GLY A 7 17.60 -3.93 10.34
C GLY A 7 18.81 -4.60 10.95
N ASP A 8 19.45 -5.47 10.17
CA ASP A 8 20.63 -6.18 10.64
C ASP A 8 21.91 -5.52 10.13
N CYS A 9 21.90 -5.15 8.86
CA CYS A 9 23.06 -4.50 8.24
C CYS A 9 22.80 -3.02 8.00
N TYR A 10 23.74 -2.18 8.39
CA TYR A 10 23.60 -0.74 8.22
C TYR A 10 23.50 -0.38 6.74
N LYS A 11 24.11 -1.21 5.90
CA LYS A 11 24.09 -0.98 4.46
C LYS A 11 22.78 -1.46 3.84
N ASN A 12 22.37 -2.66 4.22
CA ASN A 12 21.12 -3.25 3.71
C ASN A 12 19.94 -2.36 4.04
N PHE A 13 18.91 -2.40 3.19
CA PHE A 13 17.72 -1.61 3.39
C PHE A 13 16.49 -2.31 2.82
N VAL A 14 15.36 -2.14 3.49
CA VAL A 14 14.11 -2.77 3.05
C VAL A 14 13.03 -1.72 2.83
N ALA A 15 12.23 -1.91 1.77
CA ALA A 15 11.15 -0.99 1.45
C ALA A 15 9.79 -1.68 1.55
N LYS A 16 8.84 -1.02 2.21
CA LYS A 16 7.51 -1.56 2.39
C LYS A 16 6.91 -1.98 1.04
N LYS A 17 6.18 -3.09 1.05
CA LYS A 17 5.55 -3.60 -0.17
C LYS A 17 4.09 -3.20 -0.24
N CYS A 18 3.67 -2.70 -1.40
CA CYS A 18 2.28 -2.28 -1.60
C CYS A 18 1.32 -3.40 -1.20
N ALA A 19 0.21 -3.01 -0.58
CA ALA A 19 -0.80 -3.98 -0.15
C ALA A 19 -1.90 -4.11 -1.19
N GLY A 20 -1.58 -3.79 -2.44
CA GLY A 20 -2.56 -3.88 -3.51
C GLY A 20 -2.03 -4.64 -4.71
N CYS A 21 -0.79 -4.36 -5.10
CA CYS A 21 -0.17 -5.01 -6.24
C CYS A 21 0.92 -5.97 -5.78
N LYS A 22 1.32 -5.86 -4.52
CA LYS A 22 2.36 -6.71 -3.96
C LYS A 22 3.69 -6.46 -4.65
N ASN A 23 4.14 -5.21 -4.65
CA ASN A 23 5.40 -4.84 -5.28
C ASN A 23 6.15 -3.83 -4.43
N PRO A 24 7.47 -3.71 -4.66
CA PRO A 24 8.32 -2.77 -3.94
C PRO A 24 8.03 -1.32 -4.30
N ILE A 25 7.98 -0.46 -3.28
CA ILE A 25 7.71 0.96 -3.49
C ILE A 25 9.01 1.76 -3.58
N THR A 26 9.73 1.58 -4.68
CA THR A 26 10.99 2.29 -4.89
C THR A 26 10.76 3.62 -5.59
N GLY A 27 11.79 4.46 -5.60
CA GLY A 27 11.69 5.77 -6.24
C GLY A 27 12.47 6.84 -5.50
N PHE A 28 13.78 6.67 -5.45
CA PHE A 28 14.65 7.64 -4.77
C PHE A 28 14.68 8.96 -5.52
N GLY A 29 15.13 10.01 -4.84
CA GLY A 29 15.20 11.32 -5.46
C GLY A 29 14.20 12.29 -4.88
N LYS A 30 13.50 13.01 -5.74
CA LYS A 30 12.50 13.98 -5.31
C LYS A 30 11.09 13.53 -5.72
N GLY A 31 10.12 13.83 -4.87
CA GLY A 31 8.75 13.46 -5.14
C GLY A 31 8.39 12.11 -4.56
N SER A 32 7.26 12.06 -3.85
CA SER A 32 6.80 10.81 -3.24
C SER A 32 5.57 10.27 -3.95
N SER A 33 4.44 10.94 -3.75
CA SER A 33 3.18 10.53 -4.36
C SER A 33 2.83 9.10 -3.98
N VAL A 34 2.80 8.83 -2.68
CA VAL A 34 2.49 7.50 -2.18
C VAL A 34 1.82 7.56 -0.81
N VAL A 35 0.91 6.63 -0.56
CA VAL A 35 0.20 6.58 0.72
C VAL A 35 0.89 5.64 1.70
N ALA A 36 0.94 6.04 2.97
CA ALA A 36 1.57 5.22 4.00
C ALA A 36 0.63 5.01 5.18
N TYR A 37 0.63 3.79 5.72
CA TYR A 37 -0.23 3.46 6.85
C TYR A 37 0.57 2.76 7.95
N GLU A 38 -0.15 2.22 8.93
CA GLU A 38 0.50 1.52 10.04
C GLU A 38 1.11 0.21 9.57
N GLY A 39 2.33 0.29 9.05
CA GLY A 39 3.01 -0.90 8.57
C GLY A 39 2.67 -1.22 7.12
N GLN A 40 1.68 -0.53 6.58
CA GLN A 40 1.25 -0.74 5.20
C GLN A 40 1.49 0.50 4.36
N SER A 41 1.17 0.41 3.08
CA SER A 41 1.35 1.53 2.16
C SER A 41 0.78 1.20 0.78
N TRP A 42 0.18 2.20 0.14
CA TRP A 42 -0.40 2.01 -1.19
C TRP A 42 0.11 3.08 -2.16
N HIS A 43 0.25 2.71 -3.42
CA HIS A 43 0.72 3.63 -4.45
C HIS A 43 -0.34 4.69 -4.76
N ASP A 44 0.08 5.76 -5.41
CA ASP A 44 -0.83 6.84 -5.77
C ASP A 44 -1.91 6.35 -6.73
N TYR A 45 -1.60 5.30 -7.47
CA TYR A 45 -2.54 4.73 -8.43
C TYR A 45 -3.23 3.50 -7.85
N CYS A 46 -2.64 2.93 -6.81
CA CYS A 46 -3.20 1.74 -6.17
C CYS A 46 -4.25 2.15 -5.13
N PHE A 47 -3.99 3.24 -4.42
CA PHE A 47 -4.90 3.72 -3.39
C PHE A 47 -6.21 4.21 -4.01
N HIS A 48 -7.22 3.36 -4.00
CA HIS A 48 -8.52 3.71 -4.57
C HIS A 48 -9.62 2.83 -3.98
N CYS A 49 -10.84 3.36 -3.95
CA CYS A 49 -11.98 2.61 -3.41
C CYS A 49 -12.09 1.24 -4.06
N LYS A 50 -12.63 0.28 -3.31
CA LYS A 50 -12.80 -1.08 -3.82
C LYS A 50 -14.24 -1.33 -4.25
N LYS A 51 -14.95 -0.26 -4.58
CA LYS A 51 -16.33 -0.35 -5.02
C LYS A 51 -16.57 0.50 -6.26
N CYS A 52 -16.30 1.79 -6.14
CA CYS A 52 -16.49 2.70 -7.26
C CYS A 52 -15.17 2.96 -7.98
N SER A 53 -14.08 2.55 -7.37
CA SER A 53 -12.75 2.72 -7.95
C SER A 53 -12.43 4.21 -8.10
N VAL A 54 -12.43 4.92 -6.98
CA VAL A 54 -12.14 6.35 -6.98
C VAL A 54 -10.75 6.62 -6.40
N ASN A 55 -10.07 7.62 -6.95
CA ASN A 55 -8.74 7.99 -6.48
C ASN A 55 -8.80 8.68 -5.14
N LEU A 56 -8.33 8.00 -4.10
CA LEU A 56 -8.32 8.55 -2.75
C LEU A 56 -6.91 8.83 -2.28
N ALA A 57 -5.99 8.99 -3.22
CA ALA A 57 -4.60 9.27 -2.90
C ALA A 57 -4.46 10.57 -2.11
N ASN A 58 -3.95 10.46 -0.89
CA ASN A 58 -3.77 11.63 -0.03
C ASN A 58 -5.11 12.28 0.29
N LYS A 59 -6.18 11.48 0.23
CA LYS A 59 -7.52 11.99 0.51
C LYS A 59 -8.15 11.24 1.68
N ARG A 60 -9.41 11.55 1.97
CA ARG A 60 -10.12 10.91 3.06
C ARG A 60 -10.66 9.55 2.63
N PHE A 61 -10.55 8.56 3.52
CA PHE A 61 -11.02 7.22 3.23
C PHE A 61 -11.48 6.52 4.51
N VAL A 62 -11.85 5.25 4.38
CA VAL A 62 -12.31 4.46 5.53
C VAL A 62 -11.92 3.00 5.38
N PHE A 63 -10.99 2.57 6.23
CA PHE A 63 -10.51 1.19 6.20
C PHE A 63 -11.62 0.23 6.64
N HIS A 64 -11.94 -0.74 5.78
CA HIS A 64 -12.96 -1.72 6.08
C HIS A 64 -12.66 -3.05 5.41
N GLN A 65 -12.77 -4.14 6.18
CA GLN A 65 -12.49 -5.47 5.66
C GLN A 65 -11.14 -5.52 4.97
N GLU A 66 -10.12 -5.00 5.64
CA GLU A 66 -8.76 -4.98 5.09
C GLU A 66 -8.74 -4.30 3.72
N GLN A 67 -9.68 -3.39 3.51
CA GLN A 67 -9.77 -2.67 2.25
C GLN A 67 -9.98 -1.18 2.48
N VAL A 68 -10.05 -0.41 1.40
CA VAL A 68 -10.25 1.03 1.50
C VAL A 68 -11.55 1.45 0.81
N TYR A 69 -12.35 2.25 1.50
CA TYR A 69 -13.61 2.72 0.95
C TYR A 69 -13.82 4.20 1.26
N CYS A 70 -13.99 5.01 0.22
CA CYS A 70 -14.19 6.45 0.39
C CYS A 70 -15.33 6.72 1.37
N PRO A 71 -15.35 7.93 1.94
CA PRO A 71 -16.37 8.34 2.90
C PRO A 71 -17.78 8.02 2.41
N ASP A 72 -18.01 8.19 1.11
CA ASP A 72 -19.31 7.92 0.52
C ASP A 72 -19.65 6.43 0.61
N CYS A 73 -18.89 5.61 -0.13
CA CYS A 73 -19.12 4.17 -0.13
C CYS A 73 -19.15 3.62 1.29
N ALA A 74 -18.28 4.17 2.15
CA ALA A 74 -18.22 3.73 3.54
C ALA A 74 -19.60 3.77 4.20
N LYS A 75 -20.40 4.77 3.82
CA LYS A 75 -21.74 4.92 4.37
C LYS A 75 -22.62 3.72 4.01
N LYS A 76 -22.36 3.12 2.85
CA LYS A 76 -23.12 1.97 2.39
C LYS A 76 -22.87 0.76 3.28
N LEU A 77 -21.67 0.71 3.87
CA LEU A 77 -21.31 -0.39 4.75
C LEU A 77 -22.22 -0.46 5.96
N GLY A 1 5.32 -24.02 13.68
CA GLY A 1 6.21 -23.18 12.91
C GLY A 1 5.95 -23.28 11.42
N SER A 2 6.93 -23.82 10.69
CA SER A 2 6.82 -23.97 9.25
C SER A 2 7.80 -25.01 8.73
N SER A 3 7.71 -25.32 7.44
CA SER A 3 8.58 -26.30 6.82
C SER A 3 8.62 -26.13 5.31
N GLY A 4 9.58 -26.78 4.65
CA GLY A 4 9.70 -26.67 3.21
C GLY A 4 10.69 -25.60 2.79
N SER A 5 11.94 -25.74 3.22
CA SER A 5 12.98 -24.77 2.88
C SER A 5 13.74 -25.19 1.62
N SER A 6 13.32 -24.66 0.48
CA SER A 6 13.96 -24.98 -0.79
C SER A 6 15.45 -24.68 -0.74
N GLY A 7 15.79 -23.42 -0.47
CA GLY A 7 17.18 -23.02 -0.40
C GLY A 7 17.42 -21.96 0.65
N ASP A 8 18.60 -21.35 0.60
CA ASP A 8 18.96 -20.30 1.57
C ASP A 8 19.53 -19.08 0.86
N CYS A 9 18.70 -18.06 0.69
CA CYS A 9 19.12 -16.84 0.03
C CYS A 9 18.98 -15.64 0.95
N TYR A 10 20.03 -15.35 1.72
CA TYR A 10 20.02 -14.23 2.66
C TYR A 10 19.64 -12.94 1.94
N LYS A 11 19.03 -12.01 2.68
CA LYS A 11 18.63 -10.73 2.13
C LYS A 11 19.49 -9.60 2.69
N ASN A 12 19.50 -8.47 1.99
CA ASN A 12 20.28 -7.31 2.42
C ASN A 12 19.37 -6.18 2.89
N PHE A 13 18.47 -5.75 2.01
CA PHE A 13 17.54 -4.68 2.34
C PHE A 13 16.15 -4.97 1.75
N VAL A 14 15.11 -4.57 2.47
CA VAL A 14 13.75 -4.77 2.02
C VAL A 14 12.88 -3.54 2.29
N ALA A 15 12.21 -3.06 1.27
CA ALA A 15 11.35 -1.89 1.40
C ALA A 15 9.88 -2.30 1.50
N LYS A 16 9.04 -1.39 2.00
CA LYS A 16 7.62 -1.65 2.14
C LYS A 16 7.02 -2.16 0.83
N LYS A 17 6.13 -3.13 0.94
CA LYS A 17 5.48 -3.71 -0.24
C LYS A 17 4.01 -3.29 -0.31
N CYS A 18 3.60 -2.81 -1.48
CA CYS A 18 2.22 -2.37 -1.68
C CYS A 18 1.24 -3.47 -1.29
N ALA A 19 0.12 -3.08 -0.71
CA ALA A 19 -0.91 -4.04 -0.29
C ALA A 19 -2.00 -4.17 -1.35
N GLY A 20 -1.64 -3.86 -2.60
CA GLY A 20 -2.61 -3.95 -3.68
C GLY A 20 -2.05 -4.70 -4.87
N CYS A 21 -0.82 -4.40 -5.26
CA CYS A 21 -0.18 -5.04 -6.39
C CYS A 21 0.90 -6.01 -5.93
N LYS A 22 1.26 -5.92 -4.65
CA LYS A 22 2.29 -6.79 -4.08
C LYS A 22 3.64 -6.55 -4.75
N ASN A 23 4.09 -5.30 -4.73
CA ASN A 23 5.37 -4.94 -5.33
C ASN A 23 6.12 -3.92 -4.47
N PRO A 24 7.43 -3.82 -4.68
CA PRO A 24 8.28 -2.89 -3.94
C PRO A 24 8.01 -1.43 -4.30
N ILE A 25 7.92 -0.58 -3.29
CA ILE A 25 7.66 0.84 -3.50
C ILE A 25 8.96 1.63 -3.59
N THR A 26 9.65 1.50 -4.71
CA THR A 26 10.92 2.19 -4.92
C THR A 26 10.72 3.47 -5.74
N GLY A 27 10.27 4.53 -5.08
CA GLY A 27 10.04 5.79 -5.76
C GLY A 27 10.63 6.97 -5.02
N PHE A 28 11.93 6.92 -4.75
CA PHE A 28 12.61 7.99 -4.04
C PHE A 28 13.21 8.99 -5.02
N GLY A 29 12.70 10.22 -5.00
CA GLY A 29 13.21 11.25 -5.88
C GLY A 29 12.31 12.48 -5.93
N LYS A 30 11.96 12.91 -7.12
CA LYS A 30 11.11 14.07 -7.29
C LYS A 30 9.65 13.73 -7.03
N GLY A 31 9.11 14.24 -5.94
CA GLY A 31 7.72 13.97 -5.59
C GLY A 31 7.51 12.54 -5.13
N SER A 32 7.03 12.39 -3.89
CA SER A 32 6.80 11.07 -3.32
C SER A 32 5.31 10.86 -3.04
N SER A 33 4.51 10.83 -4.10
CA SER A 33 3.07 10.64 -3.96
C SER A 33 2.74 9.18 -3.69
N VAL A 34 2.72 8.81 -2.42
CA VAL A 34 2.42 7.44 -2.02
C VAL A 34 1.75 7.40 -0.65
N VAL A 35 0.73 6.57 -0.53
CA VAL A 35 0.00 6.43 0.73
C VAL A 35 0.77 5.55 1.72
N ALA A 36 0.72 5.93 2.98
CA ALA A 36 1.42 5.19 4.03
C ALA A 36 0.58 5.10 5.29
N TYR A 37 0.45 3.89 5.84
CA TYR A 37 -0.34 3.67 7.05
C TYR A 37 0.55 3.24 8.20
N GLU A 38 -0.07 2.81 9.29
CA GLU A 38 0.66 2.38 10.47
C GLU A 38 1.71 1.31 10.10
N GLY A 39 1.26 0.28 9.39
CA GLY A 39 2.16 -0.78 8.98
C GLY A 39 1.90 -1.26 7.57
N GLN A 40 1.39 -0.36 6.73
CA GLN A 40 1.08 -0.69 5.35
C GLN A 40 1.43 0.47 4.42
N SER A 41 1.12 0.30 3.14
CA SER A 41 1.41 1.34 2.15
C SER A 41 0.67 1.04 0.83
N TRP A 42 0.46 2.08 0.05
CA TRP A 42 -0.23 1.94 -1.24
C TRP A 42 0.23 3.00 -2.23
N HIS A 43 0.30 2.64 -3.49
CA HIS A 43 0.73 3.56 -4.54
C HIS A 43 -0.36 4.59 -4.83
N ASP A 44 0.04 5.73 -5.40
CA ASP A 44 -0.91 6.79 -5.74
C ASP A 44 -1.96 6.29 -6.71
N TYR A 45 -1.61 5.26 -7.48
CA TYR A 45 -2.54 4.69 -8.46
C TYR A 45 -3.23 3.45 -7.89
N CYS A 46 -2.62 2.87 -6.86
CA CYS A 46 -3.19 1.67 -6.23
C CYS A 46 -4.26 2.05 -5.22
N PHE A 47 -4.01 3.13 -4.47
CA PHE A 47 -4.95 3.59 -3.46
C PHE A 47 -6.24 4.09 -4.11
N HIS A 48 -7.26 3.23 -4.13
CA HIS A 48 -8.54 3.59 -4.73
C HIS A 48 -9.66 2.75 -4.12
N CYS A 49 -10.85 3.33 -4.05
CA CYS A 49 -12.01 2.64 -3.49
C CYS A 49 -12.20 1.27 -4.16
N LYS A 50 -12.69 0.31 -3.39
CA LYS A 50 -12.92 -1.04 -3.90
C LYS A 50 -14.36 -1.21 -4.35
N LYS A 51 -15.02 -0.10 -4.66
CA LYS A 51 -16.40 -0.12 -5.12
C LYS A 51 -16.59 0.73 -6.36
N CYS A 52 -16.33 2.03 -6.24
CA CYS A 52 -16.46 2.95 -7.35
C CYS A 52 -15.12 3.20 -8.02
N SER A 53 -14.04 2.77 -7.37
CA SER A 53 -12.70 2.94 -7.89
C SER A 53 -12.35 4.43 -8.03
N VAL A 54 -12.39 5.13 -6.90
CA VAL A 54 -12.09 6.56 -6.89
C VAL A 54 -10.70 6.82 -6.32
N ASN A 55 -9.92 7.63 -7.02
CA ASN A 55 -8.56 7.96 -6.58
C ASN A 55 -8.59 8.69 -5.23
N LEU A 56 -8.39 7.93 -4.16
CA LEU A 56 -8.38 8.51 -2.82
C LEU A 56 -6.96 8.71 -2.33
N ALA A 57 -6.03 8.86 -3.25
CA ALA A 57 -4.63 9.07 -2.91
C ALA A 57 -4.44 10.37 -2.15
N ASN A 58 -3.93 10.26 -0.92
CA ASN A 58 -3.71 11.45 -0.09
C ASN A 58 -5.02 12.15 0.23
N LYS A 59 -6.11 11.39 0.22
CA LYS A 59 -7.42 11.94 0.51
C LYS A 59 -8.08 11.19 1.67
N ARG A 60 -9.32 11.56 1.96
CA ARG A 60 -10.06 10.92 3.05
C ARG A 60 -10.62 9.57 2.61
N PHE A 61 -10.43 8.55 3.45
CA PHE A 61 -10.91 7.21 3.14
C PHE A 61 -11.36 6.50 4.42
N VAL A 62 -11.74 5.24 4.27
CA VAL A 62 -12.19 4.43 5.40
C VAL A 62 -11.73 2.99 5.28
N PHE A 63 -10.75 2.61 6.10
CA PHE A 63 -10.22 1.25 6.07
C PHE A 63 -11.22 0.26 6.67
N HIS A 64 -11.66 -0.69 5.86
CA HIS A 64 -12.62 -1.69 6.30
C HIS A 64 -12.38 -3.03 5.60
N GLN A 65 -12.44 -4.12 6.37
CA GLN A 65 -12.21 -5.45 5.81
C GLN A 65 -10.91 -5.50 5.02
N GLU A 66 -9.84 -4.97 5.62
CA GLU A 66 -8.54 -4.96 4.96
C GLU A 66 -8.61 -4.31 3.59
N GLN A 67 -9.58 -3.40 3.42
CA GLN A 67 -9.76 -2.71 2.15
C GLN A 67 -9.96 -1.21 2.38
N VAL A 68 -10.14 -0.47 1.29
CA VAL A 68 -10.34 0.97 1.37
C VAL A 68 -11.65 1.39 0.71
N TYR A 69 -12.36 2.30 1.36
CA TYR A 69 -13.64 2.78 0.84
C TYR A 69 -13.85 4.24 1.19
N CYS A 70 -14.03 5.08 0.17
CA CYS A 70 -14.25 6.51 0.37
C CYS A 70 -15.37 6.75 1.38
N PRO A 71 -15.38 7.95 1.98
CA PRO A 71 -16.39 8.33 2.97
C PRO A 71 -17.80 8.01 2.50
N ASP A 72 -18.06 8.21 1.21
CA ASP A 72 -19.37 7.94 0.65
C ASP A 72 -19.69 6.45 0.69
N CYS A 73 -18.94 5.67 -0.08
CA CYS A 73 -19.15 4.22 -0.12
C CYS A 73 -19.16 3.63 1.28
N ALA A 74 -18.30 4.16 2.15
CA ALA A 74 -18.21 3.69 3.52
C ALA A 74 -19.57 3.71 4.21
N LYS A 75 -20.39 4.69 3.84
CA LYS A 75 -21.73 4.81 4.41
C LYS A 75 -22.58 3.58 4.10
N LYS A 76 -22.31 2.95 2.95
CA LYS A 76 -23.03 1.76 2.54
C LYS A 76 -22.62 0.55 3.36
N LEU A 77 -21.39 0.58 3.87
CA LEU A 77 -20.86 -0.52 4.67
C LEU A 77 -21.50 -0.54 6.05
N GLY A 1 6.30 -21.82 30.81
CA GLY A 1 7.30 -20.82 30.51
C GLY A 1 7.54 -20.65 29.01
N SER A 2 8.73 -20.18 28.65
CA SER A 2 9.07 -19.97 27.26
C SER A 2 9.40 -21.30 26.58
N SER A 3 8.97 -21.44 25.33
CA SER A 3 9.21 -22.67 24.57
C SER A 3 10.13 -22.40 23.38
N GLY A 4 9.89 -21.29 22.69
CA GLY A 4 10.71 -20.93 21.54
C GLY A 4 12.12 -20.57 21.94
N SER A 5 13.01 -20.48 20.94
CA SER A 5 14.40 -20.15 21.19
C SER A 5 14.74 -18.76 20.65
N SER A 6 15.35 -17.94 21.49
CA SER A 6 15.71 -16.57 21.10
C SER A 6 16.71 -16.60 19.94
N GLY A 7 16.22 -16.36 18.74
CA GLY A 7 17.08 -16.35 17.57
C GLY A 7 16.51 -15.53 16.43
N ASP A 8 17.38 -14.81 15.73
CA ASP A 8 16.96 -13.97 14.61
C ASP A 8 16.14 -14.79 13.61
N CYS A 9 14.92 -14.32 13.32
CA CYS A 9 14.04 -15.00 12.39
C CYS A 9 13.54 -14.05 11.31
N TYR A 10 14.47 -13.33 10.68
CA TYR A 10 14.12 -12.38 9.64
C TYR A 10 15.20 -12.33 8.56
N LYS A 11 14.82 -11.90 7.36
CA LYS A 11 15.75 -11.81 6.25
C LYS A 11 16.81 -10.74 6.52
N ASN A 12 17.81 -10.68 5.63
CA ASN A 12 18.89 -9.70 5.77
C ASN A 12 18.36 -8.28 5.58
N PHE A 13 17.46 -8.11 4.61
CA PHE A 13 16.88 -6.80 4.32
C PHE A 13 15.59 -6.95 3.54
N VAL A 14 14.60 -6.12 3.88
CA VAL A 14 13.31 -6.15 3.21
C VAL A 14 12.79 -4.73 2.96
N ALA A 15 12.38 -4.47 1.72
CA ALA A 15 11.86 -3.16 1.34
C ALA A 15 10.35 -3.09 1.56
N LYS A 16 9.77 -1.94 1.27
CA LYS A 16 8.34 -1.74 1.42
C LYS A 16 7.58 -2.26 0.21
N LYS A 17 6.71 -3.25 0.43
CA LYS A 17 5.92 -3.84 -0.64
C LYS A 17 4.48 -3.36 -0.58
N CYS A 18 3.97 -2.86 -1.70
CA CYS A 18 2.60 -2.37 -1.78
C CYS A 18 1.62 -3.45 -1.33
N ALA A 19 0.52 -3.03 -0.71
CA ALA A 19 -0.49 -3.95 -0.23
C ALA A 19 -1.66 -4.05 -1.22
N GLY A 20 -1.37 -3.76 -2.48
CA GLY A 20 -2.41 -3.80 -3.51
C GLY A 20 -1.96 -4.56 -4.74
N CYS A 21 -0.73 -4.30 -5.19
CA CYS A 21 -0.19 -4.95 -6.37
C CYS A 21 0.89 -5.95 -5.98
N LYS A 22 1.34 -5.89 -4.73
CA LYS A 22 2.37 -6.79 -4.23
C LYS A 22 3.68 -6.58 -4.98
N ASN A 23 4.17 -5.36 -4.95
CA ASN A 23 5.43 -5.02 -5.63
C ASN A 23 6.26 -4.06 -4.78
N PRO A 24 7.57 -4.00 -5.07
CA PRO A 24 8.50 -3.12 -4.36
C PRO A 24 8.26 -1.64 -4.66
N ILE A 25 8.23 -0.83 -3.61
CA ILE A 25 8.02 0.60 -3.76
C ILE A 25 9.34 1.36 -3.79
N THR A 26 10.12 1.12 -4.83
CA THR A 26 11.41 1.78 -4.98
C THR A 26 11.25 3.17 -5.61
N GLY A 27 12.32 3.96 -5.55
CA GLY A 27 12.28 5.29 -6.12
C GLY A 27 12.74 5.33 -7.56
N PHE A 28 13.99 5.75 -7.77
CA PHE A 28 14.55 5.83 -9.12
C PHE A 28 13.63 6.62 -10.05
N GLY A 29 13.01 7.67 -9.51
CA GLY A 29 12.12 8.49 -10.30
C GLY A 29 10.89 8.93 -9.52
N LYS A 30 10.34 8.01 -8.73
CA LYS A 30 9.15 8.30 -7.94
C LYS A 30 9.53 9.04 -6.65
N GLY A 31 9.29 10.35 -6.63
CA GLY A 31 9.62 11.14 -5.46
C GLY A 31 8.79 10.75 -4.26
N SER A 32 7.79 11.56 -3.93
CA SER A 32 6.92 11.29 -2.79
C SER A 32 5.46 11.23 -3.22
N SER A 33 5.11 10.18 -3.96
CA SER A 33 3.75 9.99 -4.44
C SER A 33 3.19 8.65 -3.99
N VAL A 34 3.21 8.41 -2.68
CA VAL A 34 2.70 7.16 -2.12
C VAL A 34 1.99 7.40 -0.80
N VAL A 35 0.96 6.61 -0.53
CA VAL A 35 0.19 6.74 0.70
C VAL A 35 0.62 5.68 1.72
N ALA A 36 0.51 6.03 3.00
CA ALA A 36 0.88 5.11 4.07
C ALA A 36 -0.09 5.22 5.24
N TYR A 37 -0.37 4.09 5.88
CA TYR A 37 -1.28 4.05 7.01
C TYR A 37 -1.10 2.76 7.82
N GLU A 38 -0.98 2.91 9.14
CA GLU A 38 -0.79 1.76 10.01
C GLU A 38 0.40 0.93 9.58
N GLY A 39 1.37 1.57 8.93
CA GLY A 39 2.56 0.88 8.48
C GLY A 39 2.46 0.46 7.03
N GLN A 40 1.26 0.10 6.60
CA GLN A 40 1.04 -0.33 5.22
C GLN A 40 1.16 0.84 4.26
N SER A 41 1.42 0.54 2.99
CA SER A 41 1.56 1.58 1.97
C SER A 41 0.73 1.25 0.73
N TRP A 42 0.44 2.26 -0.06
CA TRP A 42 -0.34 2.08 -1.28
C TRP A 42 -0.01 3.15 -2.31
N HIS A 43 0.43 2.72 -3.49
CA HIS A 43 0.77 3.64 -4.56
C HIS A 43 -0.37 4.63 -4.82
N ASP A 44 -0.03 5.77 -5.41
CA ASP A 44 -1.02 6.80 -5.71
C ASP A 44 -2.12 6.24 -6.61
N TYR A 45 -1.76 5.28 -7.45
CA TYR A 45 -2.71 4.65 -8.37
C TYR A 45 -3.36 3.43 -7.74
N CYS A 46 -2.69 2.86 -6.73
CA CYS A 46 -3.20 1.69 -6.04
C CYS A 46 -4.23 2.07 -4.99
N PHE A 47 -4.03 3.24 -4.38
CA PHE A 47 -4.94 3.73 -3.35
C PHE A 47 -6.24 4.24 -3.97
N HIS A 48 -7.24 3.35 -4.05
CA HIS A 48 -8.52 3.71 -4.63
C HIS A 48 -9.64 2.86 -4.02
N CYS A 49 -10.85 3.41 -3.97
CA CYS A 49 -11.99 2.71 -3.41
C CYS A 49 -12.16 1.35 -4.08
N LYS A 50 -12.63 0.37 -3.30
CA LYS A 50 -12.85 -0.97 -3.82
C LYS A 50 -14.29 -1.18 -4.26
N LYS A 51 -14.96 -0.07 -4.58
CA LYS A 51 -16.35 -0.11 -5.02
C LYS A 51 -16.55 0.73 -6.28
N CYS A 52 -16.27 2.02 -6.16
CA CYS A 52 -16.43 2.94 -7.29
C CYS A 52 -15.08 3.20 -7.96
N SER A 53 -14.01 2.79 -7.30
CA SER A 53 -12.66 2.99 -7.82
C SER A 53 -12.34 4.48 -7.95
N VAL A 54 -12.40 5.19 -6.82
CA VAL A 54 -12.11 6.61 -6.81
C VAL A 54 -10.72 6.90 -6.23
N ASN A 55 -9.96 7.72 -6.93
CA ASN A 55 -8.61 8.06 -6.50
C ASN A 55 -8.65 8.77 -5.14
N LEU A 56 -8.38 8.01 -4.08
CA LEU A 56 -8.37 8.56 -2.73
C LEU A 56 -6.94 8.80 -2.24
N ALA A 57 -6.03 8.99 -3.19
CA ALA A 57 -4.62 9.23 -2.85
C ALA A 57 -4.47 10.51 -2.04
N ASN A 58 -3.93 10.36 -0.83
CA ASN A 58 -3.72 11.51 0.05
C ASN A 58 -5.05 12.18 0.38
N LYS A 59 -6.13 11.41 0.34
CA LYS A 59 -7.46 11.92 0.64
C LYS A 59 -8.10 11.14 1.79
N ARG A 60 -9.36 11.46 2.09
CA ARG A 60 -10.07 10.80 3.16
C ARG A 60 -10.55 9.41 2.71
N PHE A 61 -10.43 8.44 3.61
CA PHE A 61 -10.84 7.08 3.31
C PHE A 61 -11.38 6.38 4.56
N VAL A 62 -11.89 5.17 4.38
CA VAL A 62 -12.43 4.39 5.49
C VAL A 62 -12.01 2.93 5.41
N PHE A 63 -11.09 2.53 6.28
CA PHE A 63 -10.60 1.16 6.30
C PHE A 63 -11.67 0.21 6.85
N HIS A 64 -12.04 -0.78 6.05
CA HIS A 64 -13.05 -1.75 6.46
C HIS A 64 -12.83 -3.09 5.77
N GLN A 65 -12.88 -4.17 6.54
CA GLN A 65 -12.68 -5.50 5.99
C GLN A 65 -11.35 -5.60 5.24
N GLU A 66 -10.31 -5.04 5.84
CA GLU A 66 -8.98 -5.06 5.23
C GLU A 66 -9.02 -4.45 3.83
N GLN A 67 -9.91 -3.50 3.63
CA GLN A 67 -10.04 -2.84 2.34
C GLN A 67 -10.17 -1.33 2.51
N VAL A 68 -10.22 -0.61 1.38
CA VAL A 68 -10.35 0.84 1.40
C VAL A 68 -11.65 1.29 0.75
N TYR A 69 -12.37 2.17 1.43
CA TYR A 69 -13.63 2.69 0.91
C TYR A 69 -13.81 4.16 1.25
N CYS A 70 -13.97 4.99 0.23
CA CYS A 70 -14.15 6.42 0.42
C CYS A 70 -15.25 6.71 1.44
N PRO A 71 -15.22 7.91 2.02
CA PRO A 71 -16.21 8.33 3.02
C PRO A 71 -17.64 8.03 2.59
N ASP A 72 -17.90 8.18 1.29
CA ASP A 72 -19.22 7.93 0.74
C ASP A 72 -19.56 6.45 0.79
N CYS A 73 -18.87 5.66 -0.02
CA CYS A 73 -19.09 4.22 -0.06
C CYS A 73 -19.05 3.61 1.33
N ALA A 74 -18.21 4.18 2.19
CA ALA A 74 -18.08 3.70 3.57
C ALA A 74 -19.44 3.62 4.25
N LYS A 75 -20.31 4.57 3.93
CA LYS A 75 -21.65 4.61 4.52
C LYS A 75 -22.46 3.38 4.10
N LYS A 76 -22.19 2.88 2.91
CA LYS A 76 -22.90 1.71 2.39
C LYS A 76 -22.51 0.46 3.18
N LEU A 77 -21.30 0.45 3.73
CA LEU A 77 -20.82 -0.68 4.50
C LEU A 77 -21.62 -0.85 5.78
N GLY A 1 15.43 -24.39 -13.29
CA GLY A 1 16.50 -25.27 -12.86
C GLY A 1 17.14 -24.80 -11.56
N SER A 2 17.68 -25.75 -10.79
CA SER A 2 18.31 -25.43 -9.53
C SER A 2 17.38 -24.62 -8.63
N SER A 3 16.10 -24.98 -8.63
CA SER A 3 15.11 -24.29 -7.83
C SER A 3 14.68 -25.13 -6.63
N GLY A 4 13.88 -24.54 -5.76
CA GLY A 4 13.41 -25.25 -4.58
C GLY A 4 13.11 -24.32 -3.42
N SER A 5 14.00 -23.36 -3.18
CA SER A 5 13.82 -22.41 -2.09
C SER A 5 13.88 -20.98 -2.61
N SER A 6 12.74 -20.30 -2.59
CA SER A 6 12.67 -18.92 -3.06
C SER A 6 11.72 -18.10 -2.19
N GLY A 7 12.07 -16.83 -1.97
CA GLY A 7 11.24 -15.97 -1.16
C GLY A 7 11.86 -14.59 -0.97
N ASP A 8 12.90 -14.51 -0.14
CA ASP A 8 13.56 -13.24 0.12
C ASP A 8 14.76 -13.07 -0.81
N CYS A 9 15.24 -11.83 -0.90
CA CYS A 9 16.38 -11.52 -1.77
C CYS A 9 17.68 -11.53 -0.98
N TYR A 10 18.79 -11.29 -1.66
CA TYR A 10 20.10 -11.28 -1.02
C TYR A 10 20.65 -9.86 -0.93
N LYS A 11 20.09 -9.07 -0.03
CA LYS A 11 20.52 -7.68 0.16
C LYS A 11 20.32 -7.24 1.61
N ASN A 12 21.01 -6.18 2.00
CA ASN A 12 20.91 -5.66 3.36
C ASN A 12 19.99 -4.44 3.40
N PHE A 13 18.87 -4.52 2.68
CA PHE A 13 17.91 -3.42 2.64
C PHE A 13 16.63 -3.85 1.94
N VAL A 14 15.50 -3.67 2.61
CA VAL A 14 14.20 -4.03 2.05
C VAL A 14 13.19 -2.89 2.20
N ALA A 15 12.49 -2.59 1.12
CA ALA A 15 11.50 -1.53 1.13
C ALA A 15 10.09 -2.09 1.26
N LYS A 16 9.21 -1.33 1.89
CA LYS A 16 7.82 -1.75 2.09
C LYS A 16 7.19 -2.19 0.77
N LYS A 17 6.37 -3.23 0.82
CA LYS A 17 5.71 -3.75 -0.36
C LYS A 17 4.24 -3.34 -0.38
N CYS A 18 3.79 -2.80 -1.52
CA CYS A 18 2.40 -2.38 -1.66
C CYS A 18 1.44 -3.49 -1.27
N ALA A 19 0.30 -3.12 -0.70
CA ALA A 19 -0.70 -4.09 -0.28
C ALA A 19 -1.81 -4.20 -1.32
N GLY A 20 -1.51 -3.85 -2.56
CA GLY A 20 -2.48 -3.92 -3.63
C GLY A 20 -1.96 -4.62 -4.86
N CYS A 21 -0.74 -4.29 -5.25
CA CYS A 21 -0.12 -4.89 -6.43
C CYS A 21 0.98 -5.88 -6.03
N LYS A 22 1.38 -5.82 -4.76
CA LYS A 22 2.41 -6.72 -4.24
C LYS A 22 3.74 -6.45 -4.94
N ASN A 23 4.20 -5.21 -4.89
CA ASN A 23 5.46 -4.83 -5.51
C ASN A 23 6.23 -3.84 -4.64
N PRO A 24 7.54 -3.72 -4.89
CA PRO A 24 8.41 -2.81 -4.14
C PRO A 24 8.13 -1.35 -4.45
N ILE A 25 8.04 -0.53 -3.41
CA ILE A 25 7.77 0.89 -3.58
C ILE A 25 9.07 1.69 -3.67
N THR A 26 9.65 1.73 -4.87
CA THR A 26 10.90 2.45 -5.08
C THR A 26 10.63 3.92 -5.41
N GLY A 27 11.06 4.81 -4.54
CA GLY A 27 10.87 6.24 -4.76
C GLY A 27 12.09 7.06 -4.41
N PHE A 28 12.92 7.34 -5.41
CA PHE A 28 14.13 8.11 -5.19
C PHE A 28 14.05 9.46 -5.91
N GLY A 29 14.66 10.48 -5.32
CA GLY A 29 14.64 11.80 -5.91
C GLY A 29 13.78 12.78 -5.12
N LYS A 30 13.02 13.61 -5.84
CA LYS A 30 12.15 14.59 -5.19
C LYS A 30 10.70 14.40 -5.65
N GLY A 31 9.77 14.64 -4.72
CA GLY A 31 8.36 14.49 -5.04
C GLY A 31 7.94 13.04 -5.19
N SER A 32 7.30 12.50 -4.17
CA SER A 32 6.86 11.11 -4.19
C SER A 32 5.40 11.00 -3.75
N SER A 33 4.55 10.56 -4.67
CA SER A 33 3.12 10.42 -4.38
C SER A 33 2.81 8.99 -3.95
N VAL A 34 2.72 8.78 -2.64
CA VAL A 34 2.43 7.46 -2.09
C VAL A 34 1.72 7.57 -0.74
N VAL A 35 0.89 6.58 -0.44
CA VAL A 35 0.15 6.56 0.82
C VAL A 35 0.78 5.59 1.81
N ALA A 36 0.71 5.93 3.09
CA ALA A 36 1.27 5.08 4.14
C ALA A 36 0.26 4.86 5.26
N TYR A 37 0.33 3.69 5.89
CA TYR A 37 -0.58 3.35 6.98
C TYR A 37 0.17 2.64 8.10
N GLU A 38 -0.59 2.05 9.03
CA GLU A 38 -0.01 1.35 10.16
C GLU A 38 0.70 0.08 9.69
N GLY A 39 1.96 0.23 9.28
CA GLY A 39 2.73 -0.90 8.82
C GLY A 39 2.38 -1.31 7.40
N GLN A 40 1.70 -0.41 6.69
CA GLN A 40 1.31 -0.67 5.30
C GLN A 40 1.52 0.56 4.44
N SER A 41 1.27 0.41 3.13
CA SER A 41 1.44 1.51 2.20
C SER A 41 0.80 1.17 0.85
N TRP A 42 0.36 2.20 0.14
CA TRP A 42 -0.27 2.01 -1.16
C TRP A 42 0.21 3.07 -2.16
N HIS A 43 0.35 2.68 -3.42
CA HIS A 43 0.79 3.59 -4.46
C HIS A 43 -0.29 4.64 -4.76
N ASP A 44 0.13 5.74 -5.37
CA ASP A 44 -0.80 6.82 -5.71
C ASP A 44 -1.87 6.32 -6.68
N TYR A 45 -1.54 5.29 -7.44
CA TYR A 45 -2.48 4.73 -8.40
C TYR A 45 -3.19 3.50 -7.82
N CYS A 46 -2.59 2.92 -6.80
CA CYS A 46 -3.16 1.74 -6.15
C CYS A 46 -4.20 2.14 -5.11
N PHE A 47 -3.92 3.24 -4.40
CA PHE A 47 -4.84 3.73 -3.38
C PHE A 47 -6.15 4.22 -4.00
N HIS A 48 -7.16 3.35 -3.99
CA HIS A 48 -8.46 3.70 -4.54
C HIS A 48 -9.56 2.82 -3.95
N CYS A 49 -10.78 3.34 -3.92
CA CYS A 49 -11.91 2.61 -3.36
C CYS A 49 -12.02 1.23 -3.99
N LYS A 50 -12.57 0.28 -3.24
CA LYS A 50 -12.73 -1.09 -3.72
C LYS A 50 -14.17 -1.34 -4.17
N LYS A 51 -14.86 -0.26 -4.53
CA LYS A 51 -16.25 -0.36 -4.98
C LYS A 51 -16.47 0.49 -6.22
N CYS A 52 -16.22 1.79 -6.10
CA CYS A 52 -16.40 2.72 -7.21
C CYS A 52 -15.07 2.96 -7.94
N SER A 53 -13.98 2.54 -7.31
CA SER A 53 -12.66 2.72 -7.89
C SER A 53 -12.32 4.19 -8.04
N VAL A 54 -12.38 4.92 -6.93
CA VAL A 54 -12.08 6.35 -6.94
C VAL A 54 -10.69 6.62 -6.36
N ASN A 55 -9.98 7.59 -6.96
CA ASN A 55 -8.64 7.94 -6.51
C ASN A 55 -8.70 8.65 -5.16
N LEU A 56 -8.27 7.95 -4.12
CA LEU A 56 -8.27 8.51 -2.77
C LEU A 56 -6.84 8.80 -2.30
N ALA A 57 -5.94 8.99 -3.26
CA ALA A 57 -4.54 9.27 -2.95
C ALA A 57 -4.41 10.58 -2.16
N ASN A 58 -3.89 10.48 -0.94
CA ASN A 58 -3.72 11.65 -0.09
C ASN A 58 -5.06 12.30 0.23
N LYS A 59 -6.12 11.49 0.20
CA LYS A 59 -7.47 11.99 0.49
C LYS A 59 -8.07 11.26 1.68
N ARG A 60 -9.33 11.56 1.98
CA ARG A 60 -10.03 10.93 3.09
C ARG A 60 -10.61 9.58 2.66
N PHE A 61 -10.47 8.59 3.53
CA PHE A 61 -11.00 7.25 3.24
C PHE A 61 -11.51 6.59 4.52
N VAL A 62 -11.94 5.33 4.39
CA VAL A 62 -12.45 4.59 5.53
C VAL A 62 -12.06 3.11 5.45
N PHE A 63 -11.12 2.71 6.30
CA PHE A 63 -10.67 1.32 6.32
C PHE A 63 -11.78 0.38 6.75
N HIS A 64 -12.01 -0.66 5.95
CA HIS A 64 -13.05 -1.63 6.26
C HIS A 64 -12.73 -2.99 5.61
N GLN A 65 -12.83 -4.05 6.41
CA GLN A 65 -12.55 -5.40 5.92
C GLN A 65 -11.20 -5.45 5.23
N GLU A 66 -10.17 -4.94 5.90
CA GLU A 66 -8.82 -4.93 5.35
C GLU A 66 -8.80 -4.29 3.97
N GLN A 67 -9.74 -3.37 3.74
CA GLN A 67 -9.83 -2.68 2.46
C GLN A 67 -10.02 -1.18 2.67
N VAL A 68 -10.08 -0.43 1.55
CA VAL A 68 -10.27 1.01 1.62
C VAL A 68 -11.55 1.42 0.91
N TYR A 69 -12.34 2.26 1.57
CA TYR A 69 -13.60 2.74 1.01
C TYR A 69 -13.81 4.22 1.32
N CYS A 70 -13.95 5.03 0.27
CA CYS A 70 -14.17 6.46 0.44
C CYS A 70 -15.32 6.73 1.41
N PRO A 71 -15.34 7.95 1.97
CA PRO A 71 -16.38 8.36 2.91
C PRO A 71 -17.78 8.04 2.40
N ASP A 72 -17.99 8.20 1.10
CA ASP A 72 -19.28 7.93 0.49
C ASP A 72 -19.62 6.44 0.57
N CYS A 73 -18.86 5.63 -0.15
CA CYS A 73 -19.08 4.19 -0.16
C CYS A 73 -19.14 3.64 1.26
N ALA A 74 -18.30 4.18 2.14
CA ALA A 74 -18.26 3.75 3.52
C ALA A 74 -19.65 3.80 4.16
N LYS A 75 -20.46 4.75 3.71
CA LYS A 75 -21.82 4.90 4.23
C LYS A 75 -22.68 3.69 3.88
N LYS A 76 -22.38 3.07 2.74
CA LYS A 76 -23.12 1.91 2.29
C LYS A 76 -22.86 0.71 3.20
N LEU A 77 -21.68 0.69 3.82
CA LEU A 77 -21.31 -0.40 4.71
C LEU A 77 -22.26 -0.47 5.90
N GLY A 1 24.14 -26.79 -0.75
CA GLY A 1 25.06 -27.09 -1.83
C GLY A 1 24.42 -27.90 -2.94
N SER A 2 23.60 -28.89 -2.56
CA SER A 2 22.93 -29.74 -3.53
C SER A 2 21.48 -29.31 -3.71
N SER A 3 20.71 -29.33 -2.63
CA SER A 3 19.31 -28.95 -2.67
C SER A 3 19.16 -27.52 -3.20
N GLY A 4 20.18 -26.70 -2.99
CA GLY A 4 20.13 -25.33 -3.44
C GLY A 4 20.04 -24.34 -2.30
N SER A 5 19.31 -23.25 -2.52
CA SER A 5 19.15 -22.22 -1.51
C SER A 5 17.74 -21.65 -1.52
N SER A 6 17.06 -21.73 -0.38
CA SER A 6 15.70 -21.23 -0.26
C SER A 6 15.69 -19.72 -0.03
N GLY A 7 15.41 -18.97 -1.10
CA GLY A 7 15.38 -17.52 -1.01
C GLY A 7 16.64 -16.87 -1.55
N ASP A 8 16.47 -16.06 -2.58
CA ASP A 8 17.60 -15.38 -3.21
C ASP A 8 17.84 -14.02 -2.54
N CYS A 9 17.95 -14.02 -1.23
CA CYS A 9 18.19 -12.79 -0.47
C CYS A 9 19.46 -12.89 0.35
N TYR A 10 20.57 -12.44 -0.21
CA TYR A 10 21.86 -12.48 0.47
C TYR A 10 21.99 -11.33 1.46
N LYS A 11 21.44 -10.17 1.09
CA LYS A 11 21.49 -8.99 1.95
C LYS A 11 20.39 -9.04 3.00
N ASN A 12 20.49 -8.16 4.00
CA ASN A 12 19.51 -8.10 5.08
C ASN A 12 18.72 -6.80 5.02
N PHE A 13 17.96 -6.61 3.94
CA PHE A 13 17.17 -5.40 3.76
C PHE A 13 15.99 -5.67 2.82
N VAL A 14 14.77 -5.52 3.36
CA VAL A 14 13.57 -5.73 2.58
C VAL A 14 12.63 -4.52 2.65
N ALA A 15 12.22 -4.02 1.50
CA ALA A 15 11.32 -2.88 1.43
C ALA A 15 9.87 -3.32 1.52
N LYS A 16 9.01 -2.40 1.97
CA LYS A 16 7.58 -2.69 2.09
C LYS A 16 6.94 -2.89 0.73
N LYS A 17 6.14 -3.95 0.60
CA LYS A 17 5.46 -4.25 -0.65
C LYS A 17 4.05 -3.69 -0.66
N CYS A 18 3.67 -3.07 -1.77
CA CYS A 18 2.34 -2.48 -1.90
C CYS A 18 1.26 -3.51 -1.60
N ALA A 19 0.19 -3.06 -0.95
CA ALA A 19 -0.92 -3.94 -0.60
C ALA A 19 -2.04 -3.86 -1.63
N GLY A 20 -1.67 -3.65 -2.88
CA GLY A 20 -2.65 -3.56 -3.95
C GLY A 20 -2.18 -4.21 -5.24
N CYS A 21 -0.94 -3.94 -5.62
CA CYS A 21 -0.37 -4.51 -6.84
C CYS A 21 0.63 -5.60 -6.52
N LYS A 22 0.95 -5.75 -5.23
CA LYS A 22 1.89 -6.77 -4.79
C LYS A 22 3.26 -6.57 -5.45
N ASN A 23 3.85 -5.40 -5.27
CA ASN A 23 5.14 -5.09 -5.85
C ASN A 23 5.96 -4.19 -4.94
N PRO A 24 7.29 -4.17 -5.15
CA PRO A 24 8.20 -3.35 -4.35
C PRO A 24 8.03 -1.86 -4.61
N ILE A 25 8.10 -1.07 -3.55
CA ILE A 25 7.95 0.38 -3.66
C ILE A 25 9.32 1.06 -3.76
N THR A 26 9.96 0.93 -4.92
CA THR A 26 11.27 1.53 -5.14
C THR A 26 11.14 2.98 -5.61
N GLY A 27 11.69 3.89 -4.82
CA GLY A 27 11.62 5.30 -5.17
C GLY A 27 12.70 6.12 -4.50
N PHE A 28 13.71 6.53 -5.28
CA PHE A 28 14.81 7.32 -4.75
C PHE A 28 14.64 8.79 -5.10
N GLY A 29 15.48 9.64 -4.51
CA GLY A 29 15.41 11.07 -4.78
C GLY A 29 14.29 11.74 -4.02
N LYS A 30 13.56 12.62 -4.70
CA LYS A 30 12.45 13.35 -4.07
C LYS A 30 11.14 13.05 -4.80
N GLY A 31 10.28 12.26 -4.15
CA GLY A 31 9.00 11.92 -4.75
C GLY A 31 8.04 11.31 -3.75
N SER A 32 7.63 12.09 -2.76
CA SER A 32 6.71 11.62 -1.74
C SER A 32 5.27 11.58 -2.26
N SER A 33 4.99 10.61 -3.13
CA SER A 33 3.66 10.47 -3.71
C SER A 33 3.12 9.06 -3.50
N VAL A 34 3.21 8.59 -2.26
CA VAL A 34 2.73 7.25 -1.92
C VAL A 34 2.02 7.25 -0.57
N VAL A 35 0.82 6.66 -0.53
CA VAL A 35 0.05 6.59 0.69
C VAL A 35 0.75 5.76 1.74
N ALA A 36 0.68 6.20 3.00
CA ALA A 36 1.31 5.48 4.10
C ALA A 36 0.36 5.33 5.27
N TYR A 37 0.31 4.13 5.85
CA TYR A 37 -0.57 3.86 6.98
C TYR A 37 0.24 3.40 8.20
N GLU A 38 -0.46 2.91 9.21
CA GLU A 38 0.19 2.44 10.43
C GLU A 38 1.30 1.45 10.10
N GLY A 39 0.99 0.51 9.22
CA GLY A 39 1.97 -0.50 8.85
C GLY A 39 1.80 -0.98 7.42
N GLN A 40 1.36 -0.07 6.55
CA GLN A 40 1.13 -0.42 5.14
C GLN A 40 1.41 0.78 4.24
N SER A 41 1.17 0.61 2.95
CA SER A 41 1.39 1.67 1.98
C SER A 41 0.71 1.35 0.64
N TRP A 42 0.36 2.39 -0.10
CA TRP A 42 -0.30 2.22 -1.38
C TRP A 42 0.14 3.31 -2.36
N HIS A 43 0.61 2.89 -3.53
CA HIS A 43 1.06 3.81 -4.56
C HIS A 43 -0.03 4.84 -4.88
N ASP A 44 0.38 5.99 -5.40
CA ASP A 44 -0.55 7.05 -5.75
C ASP A 44 -1.58 6.55 -6.77
N TYR A 45 -1.19 5.54 -7.54
CA TYR A 45 -2.07 4.97 -8.56
C TYR A 45 -2.62 3.62 -8.11
N CYS A 46 -2.51 3.35 -6.81
CA CYS A 46 -2.99 2.09 -6.26
C CYS A 46 -4.06 2.34 -5.20
N PHE A 47 -3.92 3.43 -4.47
CA PHE A 47 -4.87 3.79 -3.42
C PHE A 47 -6.20 4.23 -4.02
N HIS A 48 -7.16 3.31 -4.07
CA HIS A 48 -8.47 3.60 -4.62
C HIS A 48 -9.54 2.74 -3.96
N CYS A 49 -10.77 3.23 -3.96
CA CYS A 49 -11.88 2.51 -3.35
C CYS A 49 -11.98 1.10 -3.90
N LYS A 50 -12.46 0.17 -3.08
CA LYS A 50 -12.61 -1.23 -3.49
C LYS A 50 -14.05 -1.52 -3.90
N LYS A 51 -14.75 -0.48 -4.32
CA LYS A 51 -16.14 -0.63 -4.75
C LYS A 51 -16.41 0.17 -6.02
N CYS A 52 -16.07 1.45 -5.99
CA CYS A 52 -16.27 2.31 -7.15
C CYS A 52 -14.95 2.59 -7.85
N SER A 53 -13.85 2.26 -7.19
CA SER A 53 -12.52 2.48 -7.76
C SER A 53 -12.25 3.97 -7.96
N VAL A 54 -12.30 4.72 -6.88
CA VAL A 54 -12.07 6.17 -6.95
C VAL A 54 -10.70 6.53 -6.36
N ASN A 55 -9.98 7.38 -7.08
CA ASN A 55 -8.65 7.81 -6.63
C ASN A 55 -8.74 8.56 -5.31
N LEU A 56 -8.34 7.90 -4.23
CA LEU A 56 -8.38 8.50 -2.90
C LEU A 56 -6.97 8.85 -2.42
N ALA A 57 -6.04 8.99 -3.37
CA ALA A 57 -4.66 9.32 -3.04
C ALA A 57 -4.58 10.65 -2.29
N ASN A 58 -4.05 10.60 -1.07
CA ASN A 58 -3.91 11.80 -0.25
C ASN A 58 -5.27 12.40 0.06
N LYS A 59 -6.29 11.56 0.10
CA LYS A 59 -7.66 12.01 0.39
C LYS A 59 -8.24 11.25 1.57
N ARG A 60 -9.50 11.53 1.88
CA ARG A 60 -10.19 10.87 2.99
C ARG A 60 -10.72 9.51 2.58
N PHE A 61 -10.64 8.54 3.49
CA PHE A 61 -11.12 7.18 3.21
C PHE A 61 -11.61 6.52 4.48
N VAL A 62 -12.02 5.26 4.37
CA VAL A 62 -12.53 4.50 5.50
C VAL A 62 -12.06 3.05 5.46
N PHE A 63 -11.19 2.68 6.40
CA PHE A 63 -10.66 1.33 6.46
C PHE A 63 -11.73 0.35 6.93
N HIS A 64 -12.00 -0.66 6.10
CA HIS A 64 -13.01 -1.67 6.44
C HIS A 64 -12.67 -3.00 5.79
N GLN A 65 -12.81 -4.08 6.56
CA GLN A 65 -12.51 -5.42 6.05
C GLN A 65 -11.13 -5.47 5.41
N GLU A 66 -10.17 -4.80 6.03
CA GLU A 66 -8.80 -4.76 5.51
C GLU A 66 -8.78 -4.20 4.10
N GLN A 67 -9.62 -3.20 3.85
CA GLN A 67 -9.69 -2.57 2.52
C GLN A 67 -9.90 -1.07 2.65
N VAL A 68 -9.97 -0.38 1.52
CA VAL A 68 -10.16 1.06 1.50
C VAL A 68 -11.48 1.42 0.83
N TYR A 69 -12.28 2.24 1.52
CA TYR A 69 -13.57 2.67 0.98
C TYR A 69 -13.80 4.15 1.25
N CYS A 70 -13.97 4.92 0.19
CA CYS A 70 -14.20 6.36 0.31
C CYS A 70 -15.35 6.64 1.30
N PRO A 71 -15.37 7.87 1.83
CA PRO A 71 -16.41 8.29 2.78
C PRO A 71 -17.81 7.93 2.31
N ASP A 72 -18.05 8.05 1.01
CA ASP A 72 -19.35 7.73 0.44
C ASP A 72 -19.65 6.25 0.57
N CYS A 73 -18.89 5.42 -0.13
CA CYS A 73 -19.08 3.98 -0.10
C CYS A 73 -19.09 3.47 1.34
N ALA A 74 -18.25 4.06 2.18
CA ALA A 74 -18.17 3.67 3.59
C ALA A 74 -19.55 3.71 4.25
N LYS A 75 -20.35 4.70 3.88
CA LYS A 75 -21.69 4.85 4.42
C LYS A 75 -22.56 3.64 4.08
N LYS A 76 -22.24 2.99 2.96
CA LYS A 76 -22.99 1.82 2.51
C LYS A 76 -22.73 0.63 3.43
N LEU A 77 -21.55 0.61 4.04
CA LEU A 77 -21.17 -0.48 4.93
C LEU A 77 -22.11 -0.54 6.14
N GLY A 1 13.51 -28.15 26.70
CA GLY A 1 13.76 -28.72 25.39
C GLY A 1 13.87 -27.67 24.31
N SER A 2 14.26 -28.10 23.10
CA SER A 2 14.40 -27.19 21.98
C SER A 2 15.43 -26.11 22.28
N SER A 3 16.57 -26.53 22.84
CA SER A 3 17.64 -25.60 23.18
C SER A 3 18.26 -25.02 21.92
N GLY A 4 18.36 -23.68 21.88
CA GLY A 4 18.94 -23.02 20.72
C GLY A 4 19.18 -21.54 20.96
N SER A 5 18.74 -20.73 20.01
CA SER A 5 18.90 -19.28 20.12
C SER A 5 17.86 -18.55 19.29
N SER A 6 17.03 -17.76 19.95
CA SER A 6 15.98 -17.00 19.27
C SER A 6 16.47 -15.61 18.86
N GLY A 7 15.90 -15.09 17.79
CA GLY A 7 16.31 -13.77 17.31
C GLY A 7 17.46 -13.84 16.33
N ASP A 8 17.15 -13.76 15.05
CA ASP A 8 18.17 -13.82 14.01
C ASP A 8 17.71 -13.09 12.74
N CYS A 9 18.29 -11.92 12.50
CA CYS A 9 17.94 -11.12 11.32
C CYS A 9 19.13 -10.98 10.38
N TYR A 10 18.94 -11.43 9.14
CA TYR A 10 20.00 -11.36 8.14
C TYR A 10 20.19 -9.93 7.64
N LYS A 11 19.09 -9.20 7.51
CA LYS A 11 19.14 -7.81 7.05
C LYS A 11 18.64 -6.87 8.13
N ASN A 12 18.72 -5.57 7.86
CA ASN A 12 18.27 -4.55 8.81
C ASN A 12 17.13 -3.73 8.23
N PHE A 13 17.33 -3.20 7.03
CA PHE A 13 16.31 -2.39 6.37
C PHE A 13 15.64 -3.17 5.24
N VAL A 14 14.32 -3.11 5.19
CA VAL A 14 13.56 -3.81 4.16
C VAL A 14 12.53 -2.89 3.52
N ALA A 15 12.40 -3.00 2.20
CA ALA A 15 11.45 -2.17 1.46
C ALA A 15 10.01 -2.60 1.74
N LYS A 16 9.13 -1.63 1.95
CA LYS A 16 7.73 -1.92 2.23
C LYS A 16 6.97 -2.21 0.93
N LYS A 17 6.55 -3.47 0.79
CA LYS A 17 5.82 -3.89 -0.41
C LYS A 17 4.36 -3.46 -0.33
N CYS A 18 3.86 -2.86 -1.40
CA CYS A 18 2.47 -2.41 -1.45
C CYS A 18 1.52 -3.53 -1.05
N ALA A 19 0.37 -3.13 -0.49
CA ALA A 19 -0.63 -4.10 -0.07
C ALA A 19 -1.80 -4.16 -1.05
N GLY A 20 -1.53 -3.79 -2.30
CA GLY A 20 -2.56 -3.80 -3.32
C GLY A 20 -2.10 -4.45 -4.61
N CYS A 21 -0.89 -4.11 -5.04
CA CYS A 21 -0.34 -4.67 -6.26
C CYS A 21 0.72 -5.72 -5.95
N LYS A 22 1.19 -5.74 -4.71
CA LYS A 22 2.19 -6.71 -4.28
C LYS A 22 3.50 -6.49 -5.03
N ASN A 23 4.01 -5.27 -4.97
CA ASN A 23 5.26 -4.93 -5.66
C ASN A 23 6.09 -3.94 -4.83
N PRO A 24 7.39 -3.86 -5.12
CA PRO A 24 8.30 -2.96 -4.42
C PRO A 24 8.04 -1.50 -4.75
N ILE A 25 8.00 -0.67 -3.71
CA ILE A 25 7.76 0.77 -3.90
C ILE A 25 9.07 1.52 -4.09
N THR A 26 9.73 1.27 -5.21
CA THR A 26 11.00 1.92 -5.51
C THR A 26 10.79 3.41 -5.79
N GLY A 27 11.46 4.26 -5.00
CA GLY A 27 11.34 5.68 -5.18
C GLY A 27 11.92 6.47 -4.02
N PHE A 28 13.25 6.56 -3.98
CA PHE A 28 13.94 7.27 -2.91
C PHE A 28 14.35 8.66 -3.38
N GLY A 29 14.62 8.79 -4.68
CA GLY A 29 15.03 10.07 -5.23
C GLY A 29 13.86 11.01 -5.45
N LYS A 30 13.34 11.02 -6.67
CA LYS A 30 12.21 11.88 -7.01
C LYS A 30 10.91 11.07 -7.09
N GLY A 31 9.80 11.77 -7.31
CA GLY A 31 8.51 11.10 -7.40
C GLY A 31 8.14 10.39 -6.11
N SER A 32 7.85 11.16 -5.07
CA SER A 32 7.48 10.60 -3.77
C SER A 32 5.98 10.65 -3.57
N SER A 33 5.24 10.03 -4.49
CA SER A 33 3.78 10.01 -4.41
C SER A 33 3.28 8.65 -3.92
N VAL A 34 3.13 8.51 -2.61
CA VAL A 34 2.66 7.27 -2.03
C VAL A 34 1.94 7.52 -0.71
N VAL A 35 1.00 6.64 -0.37
CA VAL A 35 0.25 6.77 0.87
C VAL A 35 0.73 5.77 1.92
N ALA A 36 0.62 6.15 3.19
CA ALA A 36 1.04 5.28 4.28
C ALA A 36 0.01 5.28 5.41
N TYR A 37 -0.23 4.10 5.98
CA TYR A 37 -1.20 3.96 7.05
C TYR A 37 -0.94 2.69 7.85
N GLU A 38 -0.90 2.83 9.17
CA GLU A 38 -0.66 1.69 10.06
C GLU A 38 0.59 0.93 9.64
N GLY A 39 1.56 1.67 9.08
CA GLY A 39 2.79 1.05 8.65
C GLY A 39 2.75 0.64 7.19
N GLN A 40 1.60 0.16 6.73
CA GLN A 40 1.44 -0.27 5.35
C GLN A 40 1.54 0.92 4.40
N SER A 41 1.73 0.64 3.12
CA SER A 41 1.84 1.69 2.11
C SER A 41 0.99 1.34 0.89
N TRP A 42 0.52 2.37 0.20
CA TRP A 42 -0.30 2.19 -0.99
C TRP A 42 -0.02 3.28 -2.03
N HIS A 43 0.38 2.86 -3.22
CA HIS A 43 0.69 3.80 -4.30
C HIS A 43 -0.49 4.76 -4.53
N ASP A 44 -0.18 5.93 -5.07
CA ASP A 44 -1.20 6.93 -5.35
C ASP A 44 -2.30 6.37 -6.23
N TYR A 45 -1.95 5.38 -7.04
CA TYR A 45 -2.91 4.75 -7.95
C TYR A 45 -3.51 3.50 -7.32
N CYS A 46 -2.82 2.94 -6.33
CA CYS A 46 -3.29 1.75 -5.64
C CYS A 46 -4.29 2.11 -4.55
N PHE A 47 -4.12 3.28 -3.95
CA PHE A 47 -5.00 3.75 -2.89
C PHE A 47 -6.33 4.24 -3.47
N HIS A 48 -7.11 3.30 -4.00
CA HIS A 48 -8.41 3.63 -4.58
C HIS A 48 -9.52 2.81 -3.93
N CYS A 49 -10.76 3.26 -4.11
CA CYS A 49 -11.91 2.57 -3.53
C CYS A 49 -12.08 1.18 -4.16
N LYS A 50 -12.69 0.27 -3.41
CA LYS A 50 -12.92 -1.08 -3.90
C LYS A 50 -14.36 -1.25 -4.38
N LYS A 51 -15.02 -0.13 -4.66
CA LYS A 51 -16.40 -0.14 -5.14
C LYS A 51 -16.55 0.72 -6.38
N CYS A 52 -16.15 1.98 -6.29
CA CYS A 52 -16.25 2.90 -7.40
C CYS A 52 -14.86 3.19 -7.99
N SER A 53 -13.84 2.60 -7.39
CA SER A 53 -12.47 2.79 -7.85
C SER A 53 -12.16 4.27 -8.04
N VAL A 54 -12.30 5.04 -6.96
CA VAL A 54 -12.04 6.47 -7.01
C VAL A 54 -10.69 6.81 -6.36
N ASN A 55 -9.90 7.62 -7.05
CA ASN A 55 -8.59 8.02 -6.54
C ASN A 55 -8.72 8.63 -5.15
N LEU A 56 -8.19 7.93 -4.15
CA LEU A 56 -8.24 8.40 -2.77
C LEU A 56 -6.85 8.80 -2.29
N ALA A 57 -5.93 9.00 -3.22
CA ALA A 57 -4.57 9.39 -2.89
C ALA A 57 -4.54 10.72 -2.14
N ASN A 58 -4.01 10.69 -0.92
CA ASN A 58 -3.93 11.90 -0.10
C ASN A 58 -5.33 12.44 0.22
N LYS A 59 -6.31 11.53 0.23
CA LYS A 59 -7.68 11.91 0.52
C LYS A 59 -8.24 11.08 1.67
N ARG A 60 -9.47 11.37 2.08
CA ARG A 60 -10.13 10.65 3.16
C ARG A 60 -10.56 9.25 2.70
N PHE A 61 -10.57 8.30 3.63
CA PHE A 61 -10.97 6.94 3.32
C PHE A 61 -11.53 6.24 4.56
N VAL A 62 -11.87 4.96 4.41
CA VAL A 62 -12.42 4.18 5.51
C VAL A 62 -12.04 2.72 5.38
N PHE A 63 -11.11 2.28 6.23
CA PHE A 63 -10.66 0.89 6.21
C PHE A 63 -11.79 -0.06 6.60
N HIS A 64 -12.05 -1.05 5.75
CA HIS A 64 -13.11 -2.02 6.01
C HIS A 64 -12.82 -3.33 5.29
N GLN A 65 -12.95 -4.44 6.03
CA GLN A 65 -12.70 -5.76 5.47
C GLN A 65 -11.31 -5.82 4.81
N GLU A 66 -10.32 -5.24 5.47
CA GLU A 66 -8.96 -5.23 4.95
C GLU A 66 -8.91 -4.56 3.58
N GLN A 67 -9.78 -3.57 3.38
CA GLN A 67 -9.84 -2.85 2.12
C GLN A 67 -9.97 -1.35 2.34
N VAL A 68 -10.05 -0.59 1.25
CA VAL A 68 -10.18 0.86 1.34
C VAL A 68 -11.47 1.33 0.67
N TYR A 69 -12.26 2.11 1.39
CA TYR A 69 -13.52 2.63 0.86
C TYR A 69 -13.68 4.11 1.21
N CYS A 70 -13.86 4.93 0.18
CA CYS A 70 -14.02 6.37 0.38
C CYS A 70 -15.13 6.64 1.39
N PRO A 71 -15.10 7.85 1.98
CA PRO A 71 -16.09 8.28 2.98
C PRO A 71 -17.52 7.99 2.53
N ASP A 72 -17.78 8.18 1.24
CA ASP A 72 -19.10 7.94 0.68
C ASP A 72 -19.46 6.45 0.74
N CYS A 73 -18.75 5.65 -0.05
CA CYS A 73 -19.00 4.21 -0.09
C CYS A 73 -18.97 3.61 1.32
N ALA A 74 -18.15 4.20 2.18
CA ALA A 74 -18.04 3.73 3.57
C ALA A 74 -19.38 3.77 4.27
N LYS A 75 -20.21 4.74 3.89
CA LYS A 75 -21.53 4.89 4.49
C LYS A 75 -22.44 3.71 4.12
N LYS A 76 -22.19 3.13 2.95
CA LYS A 76 -22.98 2.00 2.48
C LYS A 76 -22.69 0.75 3.32
N LEU A 77 -21.49 0.69 3.90
CA LEU A 77 -21.10 -0.45 4.72
C LEU A 77 -22.01 -0.58 5.94
N GLY A 1 28.45 -4.12 5.00
CA GLY A 1 29.58 -4.66 4.26
C GLY A 1 30.79 -4.90 5.15
N SER A 2 30.94 -6.13 5.62
CA SER A 2 32.05 -6.48 6.49
C SER A 2 33.16 -7.18 5.69
N SER A 3 34.40 -6.92 6.08
CA SER A 3 35.55 -7.52 5.41
C SER A 3 35.82 -8.92 5.94
N GLY A 4 36.05 -9.86 5.01
CA GLY A 4 36.33 -11.23 5.40
C GLY A 4 35.13 -12.14 5.21
N SER A 5 33.93 -11.60 5.40
CA SER A 5 32.71 -12.36 5.24
C SER A 5 31.81 -11.75 4.17
N SER A 6 31.52 -12.53 3.13
CA SER A 6 30.67 -12.06 2.04
C SER A 6 29.20 -12.18 2.41
N GLY A 7 28.89 -13.14 3.27
CA GLY A 7 27.51 -13.34 3.68
C GLY A 7 26.94 -14.64 3.16
N ASP A 8 26.04 -15.25 3.93
CA ASP A 8 25.41 -16.50 3.53
C ASP A 8 23.92 -16.30 3.28
N CYS A 9 23.54 -15.09 2.90
CA CYS A 9 22.14 -14.78 2.63
C CYS A 9 22.02 -13.67 1.59
N TYR A 10 20.90 -13.66 0.87
CA TYR A 10 20.67 -12.66 -0.16
C TYR A 10 19.67 -11.61 0.32
N LYS A 11 18.80 -12.00 1.24
CA LYS A 11 17.78 -11.10 1.78
C LYS A 11 18.28 -10.45 3.07
N ASN A 12 19.02 -9.36 2.93
CA ASN A 12 19.55 -8.64 4.08
C ASN A 12 18.69 -7.42 4.40
N PHE A 13 18.14 -6.80 3.37
CA PHE A 13 17.30 -5.62 3.56
C PHE A 13 15.93 -5.83 2.90
N VAL A 14 14.88 -5.73 3.70
CA VAL A 14 13.52 -5.91 3.21
C VAL A 14 12.80 -4.56 3.07
N ALA A 15 12.28 -4.30 1.88
CA ALA A 15 11.56 -3.05 1.63
C ALA A 15 10.06 -3.23 1.81
N LYS A 16 9.33 -2.12 1.81
CA LYS A 16 7.88 -2.15 1.99
C LYS A 16 7.19 -2.52 0.68
N LYS A 17 6.39 -3.59 0.72
CA LYS A 17 5.67 -4.04 -0.47
C LYS A 17 4.22 -3.55 -0.43
N CYS A 18 3.77 -2.97 -1.55
CA CYS A 18 2.41 -2.46 -1.65
C CYS A 18 1.40 -3.53 -1.26
N ALA A 19 0.25 -3.10 -0.73
CA ALA A 19 -0.79 -4.02 -0.32
C ALA A 19 -1.91 -4.08 -1.34
N GLY A 20 -1.59 -3.72 -2.59
CA GLY A 20 -2.59 -3.74 -3.64
C GLY A 20 -2.10 -4.44 -4.89
N CYS A 21 -0.86 -4.18 -5.27
CA CYS A 21 -0.27 -4.80 -6.45
C CYS A 21 0.83 -5.79 -6.06
N LYS A 22 1.24 -5.74 -4.80
CA LYS A 22 2.27 -6.64 -4.30
C LYS A 22 3.59 -6.40 -5.01
N ASN A 23 3.97 -5.14 -5.15
CA ASN A 23 5.21 -4.78 -5.82
C ASN A 23 6.08 -3.91 -4.91
N PRO A 24 7.41 -3.95 -5.13
CA PRO A 24 8.37 -3.17 -4.34
C PRO A 24 8.28 -1.68 -4.63
N ILE A 25 8.23 -0.88 -3.56
CA ILE A 25 8.14 0.57 -3.70
C ILE A 25 9.53 1.21 -3.65
N THR A 26 10.33 0.97 -4.68
CA THR A 26 11.67 1.53 -4.75
C THR A 26 11.65 2.94 -5.30
N GLY A 27 11.64 3.92 -4.39
CA GLY A 27 11.63 5.32 -4.81
C GLY A 27 12.38 6.21 -3.85
N PHE A 28 13.69 6.00 -3.74
CA PHE A 28 14.52 6.79 -2.84
C PHE A 28 14.95 8.10 -3.53
N GLY A 29 14.48 9.22 -2.98
CA GLY A 29 14.81 10.51 -3.54
C GLY A 29 13.67 11.50 -3.45
N LYS A 30 13.33 12.11 -4.58
CA LYS A 30 12.24 13.09 -4.62
C LYS A 30 10.93 12.41 -5.01
N GLY A 31 9.86 13.21 -5.07
CA GLY A 31 8.56 12.68 -5.43
C GLY A 31 7.69 12.41 -4.23
N SER A 32 7.91 11.26 -3.59
CA SER A 32 7.13 10.88 -2.41
C SER A 32 5.65 10.80 -2.75
N SER A 33 5.34 10.31 -3.95
CA SER A 33 3.95 10.18 -4.39
C SER A 33 3.39 8.82 -4.00
N VAL A 34 3.24 8.60 -2.69
CA VAL A 34 2.70 7.34 -2.19
C VAL A 34 2.00 7.55 -0.85
N VAL A 35 1.01 6.70 -0.58
CA VAL A 35 0.26 6.78 0.66
C VAL A 35 0.73 5.74 1.67
N ALA A 36 0.61 6.06 2.95
CA ALA A 36 1.03 5.14 4.01
C ALA A 36 0.06 5.17 5.18
N TYR A 37 -0.21 4.01 5.75
CA TYR A 37 -1.14 3.91 6.88
C TYR A 37 -0.90 2.62 7.66
N GLU A 38 -0.82 2.75 8.98
CA GLU A 38 -0.59 1.59 9.85
C GLU A 38 0.64 0.82 9.41
N GLY A 39 1.61 1.53 8.84
CA GLY A 39 2.84 0.90 8.39
C GLY A 39 2.78 0.53 6.91
N GLN A 40 1.62 0.06 6.47
CA GLN A 40 1.45 -0.34 5.08
C GLN A 40 1.54 0.87 4.15
N SER A 41 1.65 0.61 2.85
CA SER A 41 1.75 1.66 1.86
C SER A 41 0.89 1.35 0.64
N TRP A 42 0.59 2.38 -0.14
CA TRP A 42 -0.22 2.22 -1.34
C TRP A 42 0.10 3.30 -2.37
N HIS A 43 0.48 2.86 -3.58
CA HIS A 43 0.82 3.79 -4.65
C HIS A 43 -0.31 4.77 -4.90
N ASP A 44 0.02 5.91 -5.49
CA ASP A 44 -0.97 6.94 -5.78
C ASP A 44 -2.08 6.38 -6.70
N TYR A 45 -1.72 5.39 -7.51
CA TYR A 45 -2.67 4.78 -8.42
C TYR A 45 -3.33 3.55 -7.79
N CYS A 46 -2.67 2.99 -6.78
CA CYS A 46 -3.19 1.82 -6.09
C CYS A 46 -4.20 2.22 -5.03
N PHE A 47 -3.96 3.35 -4.37
CA PHE A 47 -4.86 3.84 -3.33
C PHE A 47 -6.18 4.31 -3.94
N HIS A 48 -7.17 3.42 -3.95
CA HIS A 48 -8.48 3.75 -4.49
C HIS A 48 -9.57 2.88 -3.84
N CYS A 49 -10.80 3.36 -3.91
CA CYS A 49 -11.93 2.63 -3.33
C CYS A 49 -12.06 1.25 -3.95
N LYS A 50 -12.50 0.29 -3.15
CA LYS A 50 -12.67 -1.08 -3.61
C LYS A 50 -14.11 -1.34 -4.04
N LYS A 51 -14.82 -0.27 -4.40
CA LYS A 51 -16.21 -0.39 -4.82
C LYS A 51 -16.47 0.47 -6.06
N CYS A 52 -16.28 1.78 -5.92
CA CYS A 52 -16.50 2.71 -7.03
C CYS A 52 -15.19 2.96 -7.77
N SER A 53 -14.08 2.58 -7.16
CA SER A 53 -12.76 2.78 -7.76
C SER A 53 -12.46 4.26 -7.94
N VAL A 54 -12.38 4.99 -6.82
CA VAL A 54 -12.10 6.41 -6.85
C VAL A 54 -10.71 6.71 -6.30
N ASN A 55 -10.01 7.63 -6.95
CA ASN A 55 -8.67 8.01 -6.54
C ASN A 55 -8.70 8.75 -5.20
N LEU A 56 -8.37 8.03 -4.13
CA LEU A 56 -8.36 8.62 -2.79
C LEU A 56 -6.93 8.89 -2.33
N ALA A 57 -6.02 9.07 -3.29
CA ALA A 57 -4.63 9.35 -2.98
C ALA A 57 -4.49 10.61 -2.14
N ASN A 58 -4.00 10.45 -0.92
CA ASN A 58 -3.82 11.58 0.00
C ASN A 58 -5.17 12.22 0.33
N LYS A 59 -6.23 11.43 0.26
CA LYS A 59 -7.57 11.92 0.56
C LYS A 59 -8.17 11.16 1.73
N ARG A 60 -9.42 11.48 2.06
CA ARG A 60 -10.11 10.83 3.16
C ARG A 60 -10.66 9.46 2.72
N PHE A 61 -10.57 8.49 3.62
CA PHE A 61 -11.05 7.13 3.32
C PHE A 61 -11.55 6.45 4.59
N VAL A 62 -11.91 5.18 4.47
CA VAL A 62 -12.41 4.41 5.61
C VAL A 62 -11.99 2.95 5.51
N PHE A 63 -11.08 2.54 6.39
CA PHE A 63 -10.60 1.16 6.40
C PHE A 63 -11.69 0.21 6.86
N HIS A 64 -12.02 -0.77 6.01
CA HIS A 64 -13.04 -1.75 6.34
C HIS A 64 -12.76 -3.08 5.65
N GLN A 65 -12.87 -4.18 6.41
CA GLN A 65 -12.63 -5.50 5.86
C GLN A 65 -11.26 -5.58 5.19
N GLU A 66 -10.25 -5.07 5.88
CA GLU A 66 -8.89 -5.07 5.34
C GLU A 66 -8.84 -4.40 3.98
N GLN A 67 -9.78 -3.48 3.74
CA GLN A 67 -9.83 -2.77 2.47
C GLN A 67 -10.06 -1.28 2.69
N VAL A 68 -10.11 -0.52 1.59
CA VAL A 68 -10.32 0.92 1.67
C VAL A 68 -11.61 1.32 0.98
N TYR A 69 -12.35 2.24 1.60
CA TYR A 69 -13.61 2.71 1.05
C TYR A 69 -13.85 4.18 1.39
N CYS A 70 -13.99 5.01 0.36
CA CYS A 70 -14.23 6.43 0.55
C CYS A 70 -15.38 6.68 1.52
N PRO A 71 -15.41 7.88 2.12
CA PRO A 71 -16.46 8.26 3.07
C PRO A 71 -17.85 7.94 2.56
N ASP A 72 -18.06 8.12 1.26
CA ASP A 72 -19.36 7.85 0.65
C ASP A 72 -19.68 6.36 0.70
N CYS A 73 -18.91 5.57 -0.03
CA CYS A 73 -19.11 4.13 -0.06
C CYS A 73 -19.17 3.54 1.35
N ALA A 74 -18.32 4.07 2.24
CA ALA A 74 -18.28 3.62 3.62
C ALA A 74 -19.66 3.66 4.26
N LYS A 75 -20.49 4.60 3.81
CA LYS A 75 -21.84 4.74 4.34
C LYS A 75 -22.71 3.56 3.91
N LYS A 76 -22.43 3.01 2.74
CA LYS A 76 -23.19 1.87 2.22
C LYS A 76 -22.79 0.59 2.93
N LEU A 77 -21.57 0.56 3.44
CA LEU A 77 -21.06 -0.62 4.15
C LEU A 77 -21.76 -0.79 5.49
N GLY A 1 1.38 -32.41 1.49
CA GLY A 1 1.43 -31.26 0.62
C GLY A 1 2.76 -30.55 0.67
N SER A 2 3.85 -31.30 0.44
CA SER A 2 5.18 -30.73 0.47
C SER A 2 6.02 -31.26 -0.70
N SER A 3 7.11 -30.57 -1.00
CA SER A 3 7.99 -30.97 -2.09
C SER A 3 9.33 -31.46 -1.55
N GLY A 4 9.98 -30.63 -0.73
CA GLY A 4 11.26 -30.99 -0.16
C GLY A 4 12.21 -29.82 -0.06
N SER A 5 11.73 -28.71 0.50
CA SER A 5 12.55 -27.52 0.64
C SER A 5 12.62 -27.08 2.10
N SER A 6 13.62 -27.61 2.81
CA SER A 6 13.81 -27.27 4.22
C SER A 6 14.18 -25.81 4.39
N GLY A 7 15.36 -25.45 3.87
CA GLY A 7 15.83 -24.08 3.97
C GLY A 7 17.07 -23.83 3.13
N ASP A 8 18.22 -23.74 3.79
CA ASP A 8 19.48 -23.50 3.08
C ASP A 8 19.40 -22.21 2.27
N CYS A 9 18.58 -21.28 2.71
CA CYS A 9 18.41 -20.00 2.01
C CYS A 9 18.18 -18.87 3.01
N TYR A 10 18.60 -17.67 2.64
CA TYR A 10 18.44 -16.50 3.49
C TYR A 10 18.37 -15.22 2.66
N LYS A 11 17.34 -14.43 2.90
CA LYS A 11 17.15 -13.17 2.18
C LYS A 11 18.21 -12.15 2.59
N ASN A 12 18.14 -10.97 1.98
CA ASN A 12 19.09 -9.90 2.27
C ASN A 12 18.42 -8.77 3.04
N PHE A 13 17.50 -8.09 2.37
CA PHE A 13 16.78 -6.98 3.00
C PHE A 13 15.33 -6.94 2.53
N VAL A 14 14.42 -6.66 3.47
CA VAL A 14 13.00 -6.59 3.15
C VAL A 14 12.52 -5.15 3.04
N ALA A 15 12.00 -4.80 1.87
CA ALA A 15 11.51 -3.44 1.63
C ALA A 15 10.00 -3.37 1.82
N LYS A 16 9.43 -2.19 1.59
CA LYS A 16 7.99 -1.99 1.73
C LYS A 16 7.25 -2.44 0.46
N LYS A 17 6.49 -3.51 0.60
CA LYS A 17 5.73 -4.04 -0.53
C LYS A 17 4.27 -3.58 -0.47
N CYS A 18 3.80 -3.01 -1.59
CA CYS A 18 2.43 -2.53 -1.67
C CYS A 18 1.43 -3.61 -1.27
N ALA A 19 0.28 -3.19 -0.76
CA ALA A 19 -0.75 -4.14 -0.34
C ALA A 19 -1.89 -4.20 -1.37
N GLY A 20 -1.58 -3.82 -2.61
CA GLY A 20 -2.58 -3.84 -3.66
C GLY A 20 -2.09 -4.53 -4.91
N CYS A 21 -0.85 -4.24 -5.30
CA CYS A 21 -0.27 -4.84 -6.49
C CYS A 21 0.82 -5.83 -6.12
N LYS A 22 1.24 -5.80 -4.86
CA LYS A 22 2.28 -6.70 -4.38
C LYS A 22 3.60 -6.45 -5.09
N ASN A 23 3.97 -5.18 -5.23
CA ASN A 23 5.21 -4.80 -5.89
C ASN A 23 6.08 -3.94 -4.98
N PRO A 24 7.40 -3.98 -5.20
CA PRO A 24 8.36 -3.20 -4.41
C PRO A 24 8.26 -1.71 -4.68
N ILE A 25 8.22 -0.93 -3.60
CA ILE A 25 8.12 0.52 -3.72
C ILE A 25 9.51 1.17 -3.66
N THR A 26 10.25 1.07 -4.76
CA THR A 26 11.59 1.65 -4.83
C THR A 26 11.53 3.14 -5.16
N GLY A 27 12.38 3.91 -4.50
CA GLY A 27 12.41 5.35 -4.73
C GLY A 27 13.81 5.87 -4.93
N PHE A 28 14.42 5.53 -6.06
CA PHE A 28 15.77 5.97 -6.38
C PHE A 28 15.77 7.40 -6.89
N GLY A 29 14.70 7.78 -7.59
CA GLY A 29 14.61 9.13 -8.12
C GLY A 29 13.88 10.07 -7.18
N LYS A 30 13.20 11.06 -7.74
CA LYS A 30 12.47 12.03 -6.95
C LYS A 30 10.97 11.88 -7.15
N GLY A 31 10.18 12.39 -6.20
CA GLY A 31 8.74 12.30 -6.29
C GLY A 31 8.16 11.34 -5.27
N SER A 32 7.54 11.87 -4.23
CA SER A 32 6.95 11.05 -3.18
C SER A 32 5.45 10.86 -3.42
N SER A 33 5.12 10.10 -4.46
CA SER A 33 3.73 9.84 -4.80
C SER A 33 3.27 8.49 -4.24
N VAL A 34 3.28 8.37 -2.92
CA VAL A 34 2.88 7.14 -2.26
C VAL A 34 2.14 7.44 -0.95
N VAL A 35 1.18 6.60 -0.61
CA VAL A 35 0.39 6.77 0.61
C VAL A 35 0.81 5.75 1.67
N ALA A 36 0.69 6.15 2.94
CA ALA A 36 1.05 5.27 4.04
C ALA A 36 0.03 5.37 5.18
N TYR A 37 -0.29 4.23 5.78
CA TYR A 37 -1.25 4.19 6.87
C TYR A 37 -1.07 2.93 7.72
N GLU A 38 -1.01 3.11 9.03
CA GLU A 38 -0.83 2.00 9.95
C GLU A 38 0.39 1.17 9.58
N GLY A 39 1.39 1.83 8.99
CA GLY A 39 2.60 1.15 8.58
C GLY A 39 2.56 0.70 7.13
N GLN A 40 1.39 0.27 6.68
CA GLN A 40 1.23 -0.18 5.31
C GLN A 40 1.38 0.98 4.32
N SER A 41 1.55 0.66 3.05
CA SER A 41 1.72 1.67 2.02
C SER A 41 0.88 1.33 0.79
N TRP A 42 0.60 2.35 -0.02
CA TRP A 42 -0.19 2.17 -1.23
C TRP A 42 0.16 3.22 -2.29
N HIS A 43 0.52 2.76 -3.48
CA HIS A 43 0.87 3.67 -4.56
C HIS A 43 -0.24 4.67 -4.81
N ASP A 44 0.12 5.81 -5.41
CA ASP A 44 -0.86 6.85 -5.71
C ASP A 44 -1.96 6.33 -6.61
N TYR A 45 -1.62 5.34 -7.44
CA TYR A 45 -2.60 4.75 -8.36
C TYR A 45 -3.27 3.53 -7.73
N CYS A 46 -2.61 2.96 -6.72
CA CYS A 46 -3.15 1.79 -6.04
C CYS A 46 -4.17 2.20 -4.98
N PHE A 47 -3.92 3.33 -4.32
CA PHE A 47 -4.80 3.83 -3.29
C PHE A 47 -6.12 4.34 -3.90
N HIS A 48 -7.12 3.46 -3.92
CA HIS A 48 -8.42 3.81 -4.47
C HIS A 48 -9.52 2.94 -3.86
N CYS A 49 -10.75 3.43 -3.92
CA CYS A 49 -11.89 2.69 -3.37
C CYS A 49 -12.01 1.31 -4.02
N LYS A 50 -12.58 0.38 -3.28
CA LYS A 50 -12.75 -0.99 -3.77
C LYS A 50 -14.19 -1.22 -4.24
N LYS A 51 -14.87 -0.14 -4.61
CA LYS A 51 -16.25 -0.23 -5.07
C LYS A 51 -16.47 0.68 -6.29
N CYS A 52 -16.19 1.97 -6.11
CA CYS A 52 -16.36 2.93 -7.19
C CYS A 52 -15.04 3.19 -7.91
N SER A 53 -13.93 2.77 -7.28
CA SER A 53 -12.61 2.96 -7.84
C SER A 53 -12.27 4.43 -7.97
N VAL A 54 -12.26 5.13 -6.84
CA VAL A 54 -11.96 6.56 -6.82
C VAL A 54 -10.56 6.82 -6.26
N ASN A 55 -9.84 7.74 -6.86
CA ASN A 55 -8.50 8.09 -6.41
C ASN A 55 -8.54 8.79 -5.05
N LEU A 56 -8.25 8.03 -4.00
CA LEU A 56 -8.26 8.58 -2.65
C LEU A 56 -6.83 8.86 -2.17
N ALA A 57 -5.93 9.08 -3.12
CA ALA A 57 -4.54 9.36 -2.81
C ALA A 57 -4.42 10.62 -1.95
N ASN A 58 -3.92 10.46 -0.73
CA ASN A 58 -3.76 11.58 0.18
C ASN A 58 -5.11 12.21 0.52
N LYS A 59 -6.17 11.42 0.42
CA LYS A 59 -7.51 11.90 0.71
C LYS A 59 -8.13 11.12 1.86
N ARG A 60 -9.40 11.39 2.14
CA ARG A 60 -10.11 10.71 3.22
C ARG A 60 -10.56 9.32 2.78
N PHE A 61 -10.48 8.36 3.70
CA PHE A 61 -10.87 6.98 3.41
C PHE A 61 -11.35 6.28 4.67
N VAL A 62 -11.94 5.09 4.49
CA VAL A 62 -12.44 4.31 5.62
C VAL A 62 -12.02 2.85 5.51
N PHE A 63 -11.22 2.40 6.46
CA PHE A 63 -10.75 1.02 6.48
C PHE A 63 -11.86 0.06 6.91
N HIS A 64 -12.17 -0.90 6.06
CA HIS A 64 -13.21 -1.88 6.36
C HIS A 64 -12.93 -3.20 5.65
N GLN A 65 -12.94 -4.29 6.41
CA GLN A 65 -12.70 -5.62 5.86
C GLN A 65 -11.33 -5.68 5.19
N GLU A 66 -10.34 -5.09 5.85
CA GLU A 66 -8.97 -5.08 5.32
C GLU A 66 -8.93 -4.44 3.95
N GLN A 67 -9.86 -3.52 3.70
CA GLN A 67 -9.94 -2.83 2.42
C GLN A 67 -10.10 -1.33 2.62
N VAL A 68 -10.17 -0.59 1.51
CA VAL A 68 -10.34 0.86 1.56
C VAL A 68 -11.63 1.29 0.88
N TYR A 69 -12.38 2.16 1.55
CA TYR A 69 -13.64 2.65 1.01
C TYR A 69 -13.86 4.12 1.38
N CYS A 70 -13.99 4.97 0.37
CA CYS A 70 -14.20 6.39 0.60
C CYS A 70 -15.36 6.62 1.57
N PRO A 71 -15.39 7.81 2.19
CA PRO A 71 -16.44 8.18 3.14
C PRO A 71 -17.84 7.89 2.60
N ASP A 72 -18.03 8.11 1.30
CA ASP A 72 -19.32 7.87 0.66
C ASP A 72 -19.66 6.38 0.67
N CYS A 73 -18.88 5.59 -0.07
CA CYS A 73 -19.10 4.15 -0.14
C CYS A 73 -19.18 3.54 1.25
N ALA A 74 -18.35 4.04 2.16
CA ALA A 74 -18.32 3.55 3.53
C ALA A 74 -19.72 3.56 4.15
N LYS A 75 -20.50 4.58 3.78
CA LYS A 75 -21.86 4.72 4.30
C LYS A 75 -22.71 3.50 3.95
N LYS A 76 -22.39 2.88 2.82
CA LYS A 76 -23.12 1.70 2.37
C LYS A 76 -22.71 0.46 3.16
N LEU A 77 -21.48 0.49 3.68
CA LEU A 77 -20.96 -0.63 4.46
C LEU A 77 -21.63 -0.69 5.84
N GLY A 1 18.71 -31.43 9.61
CA GLY A 1 19.07 -32.03 8.33
C GLY A 1 20.41 -31.55 7.83
N SER A 2 20.75 -31.92 6.60
CA SER A 2 22.02 -31.54 6.00
C SER A 2 21.80 -30.75 4.71
N SER A 3 22.28 -29.51 4.69
CA SER A 3 22.14 -28.65 3.52
C SER A 3 23.18 -27.55 3.53
N GLY A 4 23.50 -27.04 2.34
CA GLY A 4 24.49 -25.97 2.24
C GLY A 4 24.58 -25.41 0.84
N SER A 5 24.03 -24.21 0.64
CA SER A 5 24.05 -23.56 -0.65
C SER A 5 24.76 -22.21 -0.58
N SER A 6 25.75 -22.01 -1.44
CA SER A 6 26.50 -20.76 -1.47
C SER A 6 25.62 -19.60 -1.91
N GLY A 7 25.56 -18.57 -1.09
CA GLY A 7 24.74 -17.41 -1.42
C GLY A 7 24.26 -16.68 -0.18
N ASP A 8 24.86 -15.52 0.10
CA ASP A 8 24.47 -14.73 1.26
C ASP A 8 25.04 -13.32 1.17
N CYS A 9 24.17 -12.33 1.04
CA CYS A 9 24.58 -10.94 0.94
C CYS A 9 24.91 -10.37 2.32
N TYR A 10 25.28 -9.09 2.35
CA TYR A 10 25.64 -8.44 3.61
C TYR A 10 24.43 -7.73 4.20
N LYS A 11 23.77 -6.91 3.40
CA LYS A 11 22.60 -6.18 3.86
C LYS A 11 21.47 -6.25 2.82
N ASN A 12 20.25 -6.46 3.29
CA ASN A 12 19.10 -6.55 2.41
C ASN A 12 18.28 -5.27 2.45
N PHE A 13 17.67 -5.00 3.59
CA PHE A 13 16.85 -3.79 3.76
C PHE A 13 15.78 -3.70 2.67
N VAL A 14 14.69 -4.44 2.87
CA VAL A 14 13.60 -4.44 1.90
C VAL A 14 12.58 -3.35 2.22
N ALA A 15 12.33 -2.49 1.25
CA ALA A 15 11.36 -1.40 1.42
C ALA A 15 9.95 -1.93 1.57
N LYS A 16 9.07 -1.13 2.16
CA LYS A 16 7.68 -1.51 2.35
C LYS A 16 7.06 -2.00 1.04
N LYS A 17 6.37 -3.13 1.10
CA LYS A 17 5.72 -3.69 -0.07
C LYS A 17 4.25 -3.28 -0.13
N CYS A 18 3.82 -2.80 -1.30
CA CYS A 18 2.44 -2.38 -1.49
C CYS A 18 1.47 -3.47 -1.06
N ALA A 19 0.39 -3.07 -0.41
CA ALA A 19 -0.62 -4.01 0.04
C ALA A 19 -1.76 -4.14 -0.97
N GLY A 20 -1.46 -3.84 -2.22
CA GLY A 20 -2.47 -3.93 -3.27
C GLY A 20 -1.97 -4.71 -4.48
N CYS A 21 -0.74 -4.46 -4.88
CA CYS A 21 -0.15 -5.14 -6.03
C CYS A 21 0.95 -6.10 -5.59
N LYS A 22 1.37 -5.98 -4.33
CA LYS A 22 2.41 -6.83 -3.78
C LYS A 22 3.73 -6.60 -4.51
N ASN A 23 4.19 -5.35 -4.52
CA ASN A 23 5.44 -5.00 -5.18
C ASN A 23 6.21 -3.96 -4.37
N PRO A 24 7.53 -3.86 -4.64
CA PRO A 24 8.40 -2.90 -3.94
C PRO A 24 8.10 -1.46 -4.33
N ILE A 25 8.06 -0.58 -3.33
CA ILE A 25 7.79 0.83 -3.57
C ILE A 25 9.09 1.62 -3.73
N THR A 26 9.73 1.47 -4.88
CA THR A 26 10.99 2.17 -5.16
C THR A 26 10.73 3.53 -5.81
N GLY A 27 11.29 4.57 -5.23
CA GLY A 27 11.11 5.91 -5.76
C GLY A 27 11.47 6.99 -4.76
N PHE A 28 12.76 7.10 -4.45
CA PHE A 28 13.22 8.10 -3.49
C PHE A 28 13.31 9.47 -4.14
N GLY A 29 12.97 10.51 -3.37
CA GLY A 29 13.02 11.86 -3.89
C GLY A 29 11.85 12.70 -3.41
N LYS A 30 11.93 14.01 -3.62
CA LYS A 30 10.88 14.92 -3.22
C LYS A 30 9.74 14.92 -4.22
N GLY A 31 8.51 14.86 -3.71
CA GLY A 31 7.34 14.85 -4.57
C GLY A 31 6.80 13.45 -4.81
N SER A 32 6.28 12.84 -3.75
CA SER A 32 5.72 11.50 -3.85
C SER A 32 4.25 11.48 -3.42
N SER A 33 3.40 10.98 -4.31
CA SER A 33 1.97 10.91 -4.03
C SER A 33 1.58 9.52 -3.53
N VAL A 34 2.53 8.85 -2.88
CA VAL A 34 2.29 7.51 -2.36
C VAL A 34 1.65 7.58 -0.97
N VAL A 35 0.89 6.55 -0.63
CA VAL A 35 0.23 6.48 0.68
C VAL A 35 1.01 5.60 1.64
N ALA A 36 0.93 5.92 2.93
CA ALA A 36 1.62 5.16 3.95
C ALA A 36 0.72 4.95 5.18
N TYR A 37 0.73 3.73 5.71
CA TYR A 37 -0.08 3.38 6.87
C TYR A 37 0.76 2.68 7.93
N GLU A 38 0.10 2.14 8.94
CA GLU A 38 0.78 1.44 10.02
C GLU A 38 1.38 0.12 9.53
N GLY A 39 2.58 0.21 8.95
CA GLY A 39 3.23 -0.98 8.44
C GLY A 39 2.83 -1.30 7.01
N GLN A 40 1.81 -0.61 6.52
CA GLN A 40 1.33 -0.83 5.16
C GLN A 40 1.56 0.41 4.30
N SER A 41 1.26 0.28 3.00
CA SER A 41 1.44 1.39 2.08
C SER A 41 0.79 1.08 0.72
N TRP A 42 0.24 2.10 0.08
CA TRP A 42 -0.41 1.93 -1.21
C TRP A 42 0.06 3.00 -2.19
N HIS A 43 0.33 2.59 -3.43
CA HIS A 43 0.77 3.51 -4.46
C HIS A 43 -0.30 4.56 -4.77
N ASP A 44 0.12 5.68 -5.34
CA ASP A 44 -0.81 6.75 -5.69
C ASP A 44 -1.89 6.24 -6.63
N TYR A 45 -1.59 5.19 -7.37
CA TYR A 45 -2.53 4.62 -8.32
C TYR A 45 -3.21 3.39 -7.72
N CYS A 46 -2.60 2.82 -6.70
CA CYS A 46 -3.14 1.64 -6.03
C CYS A 46 -4.18 2.03 -5.00
N PHE A 47 -3.97 3.16 -4.33
CA PHE A 47 -4.88 3.65 -3.32
C PHE A 47 -6.17 4.17 -3.95
N HIS A 48 -7.21 3.34 -3.96
CA HIS A 48 -8.49 3.71 -4.53
C HIS A 48 -9.61 2.85 -3.96
N CYS A 49 -10.82 3.39 -3.95
CA CYS A 49 -11.98 2.67 -3.43
C CYS A 49 -12.11 1.30 -4.10
N LYS A 50 -12.68 0.35 -3.37
CA LYS A 50 -12.87 -1.00 -3.88
C LYS A 50 -14.31 -1.21 -4.35
N LYS A 51 -14.98 -0.11 -4.69
CA LYS A 51 -16.36 -0.18 -5.16
C LYS A 51 -16.55 0.70 -6.40
N CYS A 52 -16.32 1.99 -6.23
CA CYS A 52 -16.48 2.94 -7.33
C CYS A 52 -15.15 3.17 -8.04
N SER A 53 -14.06 2.71 -7.42
CA SER A 53 -12.73 2.86 -7.99
C SER A 53 -12.36 4.33 -8.11
N VAL A 54 -12.38 5.04 -6.98
CA VAL A 54 -12.04 6.45 -6.96
C VAL A 54 -10.65 6.68 -6.37
N ASN A 55 -9.95 7.68 -6.89
CA ASN A 55 -8.61 7.99 -6.42
C ASN A 55 -8.66 8.69 -5.06
N LEU A 56 -8.21 7.97 -4.03
CA LEU A 56 -8.20 8.52 -2.67
C LEU A 56 -6.78 8.77 -2.20
N ALA A 57 -5.86 8.94 -3.14
CA ALA A 57 -4.46 9.19 -2.83
C ALA A 57 -4.31 10.48 -2.01
N ASN A 58 -3.82 10.35 -0.79
CA ASN A 58 -3.64 11.49 0.09
C ASN A 58 -4.97 12.18 0.38
N LYS A 59 -6.05 11.42 0.29
CA LYS A 59 -7.38 11.95 0.56
C LYS A 59 -8.06 11.21 1.70
N ARG A 60 -9.30 11.58 1.99
CA ARG A 60 -10.05 10.95 3.07
C ARG A 60 -10.60 9.60 2.63
N PHE A 61 -10.45 8.60 3.48
CA PHE A 61 -10.92 7.25 3.18
C PHE A 61 -11.40 6.54 4.44
N VAL A 62 -11.79 5.28 4.30
CA VAL A 62 -12.27 4.49 5.43
C VAL A 62 -11.85 3.03 5.29
N PHE A 63 -10.89 2.62 6.12
CA PHE A 63 -10.40 1.25 6.10
C PHE A 63 -11.44 0.29 6.68
N HIS A 64 -11.82 -0.71 5.89
CA HIS A 64 -12.81 -1.70 6.32
C HIS A 64 -12.61 -3.02 5.58
N GLN A 65 -12.73 -4.12 6.32
CA GLN A 65 -12.56 -5.45 5.73
C GLN A 65 -11.24 -5.54 4.97
N GLU A 66 -10.17 -5.08 5.60
CA GLU A 66 -8.85 -5.11 4.98
C GLU A 66 -8.87 -4.42 3.62
N GLN A 67 -9.79 -3.47 3.46
CA GLN A 67 -9.91 -2.73 2.21
C GLN A 67 -10.09 -1.24 2.47
N VAL A 68 -10.19 -0.46 1.40
CA VAL A 68 -10.37 0.98 1.51
C VAL A 68 -11.63 1.44 0.80
N TYR A 69 -12.44 2.24 1.49
CA TYR A 69 -13.68 2.74 0.92
C TYR A 69 -13.88 4.22 1.27
N CYS A 70 -14.00 5.05 0.23
CA CYS A 70 -14.19 6.48 0.41
C CYS A 70 -15.34 6.76 1.39
N PRO A 71 -15.34 7.96 1.97
CA PRO A 71 -16.38 8.38 2.92
C PRO A 71 -17.79 8.08 2.41
N ASP A 72 -17.98 8.27 1.10
CA ASP A 72 -19.28 8.04 0.48
C ASP A 72 -19.65 6.55 0.54
N CYS A 73 -18.89 5.74 -0.20
CA CYS A 73 -19.14 4.30 -0.23
C CYS A 73 -19.20 3.72 1.19
N ALA A 74 -18.36 4.24 2.07
CA ALA A 74 -18.33 3.79 3.45
C ALA A 74 -19.71 3.86 4.08
N LYS A 75 -20.51 4.83 3.66
CA LYS A 75 -21.86 5.01 4.19
C LYS A 75 -22.73 3.80 3.84
N LYS A 76 -22.44 3.17 2.72
CA LYS A 76 -23.20 2.01 2.28
C LYS A 76 -22.84 0.77 3.11
N LEU A 77 -21.63 0.76 3.64
CA LEU A 77 -21.15 -0.36 4.45
C LEU A 77 -21.91 -0.42 5.78
N GLY A 1 32.16 -29.22 5.35
CA GLY A 1 33.04 -28.40 4.53
C GLY A 1 33.51 -27.15 5.25
N SER A 2 34.37 -26.38 4.60
CA SER A 2 34.91 -25.16 5.18
C SER A 2 34.48 -23.94 4.37
N SER A 3 33.32 -23.39 4.70
CA SER A 3 32.80 -22.22 4.00
C SER A 3 33.74 -21.02 4.17
N GLY A 4 33.86 -20.23 3.11
CA GLY A 4 34.72 -19.06 3.16
C GLY A 4 33.95 -17.77 3.30
N SER A 5 34.60 -16.65 2.98
CA SER A 5 33.96 -15.34 3.09
C SER A 5 32.97 -15.12 1.95
N SER A 6 32.23 -14.02 2.02
CA SER A 6 31.25 -13.70 1.00
C SER A 6 31.79 -12.64 0.03
N GLY A 7 31.17 -12.57 -1.14
CA GLY A 7 31.60 -11.60 -2.15
C GLY A 7 31.26 -10.17 -1.75
N ASP A 8 31.53 -9.23 -2.65
CA ASP A 8 31.25 -7.83 -2.39
C ASP A 8 29.76 -7.54 -2.49
N CYS A 9 29.06 -7.68 -1.37
CA CYS A 9 27.61 -7.44 -1.33
C CYS A 9 27.26 -6.44 -0.24
N TYR A 10 26.89 -5.23 -0.65
CA TYR A 10 26.52 -4.19 0.30
C TYR A 10 25.06 -3.81 0.16
N LYS A 11 24.18 -4.71 0.60
CA LYS A 11 22.74 -4.48 0.52
C LYS A 11 22.07 -4.79 1.86
N ASN A 12 21.79 -3.74 2.63
CA ASN A 12 21.16 -3.89 3.94
C ASN A 12 19.98 -2.94 4.08
N PHE A 13 19.27 -2.72 2.97
CA PHE A 13 18.12 -1.83 2.97
C PHE A 13 16.85 -2.58 2.55
N VAL A 14 15.72 -2.19 3.15
CA VAL A 14 14.45 -2.82 2.84
C VAL A 14 13.36 -1.78 2.60
N ALA A 15 12.45 -2.08 1.68
CA ALA A 15 11.36 -1.18 1.35
C ALA A 15 10.01 -1.85 1.55
N LYS A 16 9.02 -1.08 2.02
CA LYS A 16 7.69 -1.61 2.24
C LYS A 16 7.03 -2.00 0.92
N LYS A 17 6.48 -3.21 0.88
CA LYS A 17 5.81 -3.71 -0.33
C LYS A 17 4.34 -3.31 -0.33
N CYS A 18 3.88 -2.79 -1.46
CA CYS A 18 2.49 -2.37 -1.60
C CYS A 18 1.54 -3.49 -1.20
N ALA A 19 0.43 -3.13 -0.56
CA ALA A 19 -0.56 -4.10 -0.13
C ALA A 19 -1.67 -4.26 -1.16
N GLY A 20 -1.36 -3.91 -2.41
CA GLY A 20 -2.35 -4.02 -3.47
C GLY A 20 -1.83 -4.78 -4.67
N CYS A 21 -0.59 -4.50 -5.05
CA CYS A 21 0.03 -5.15 -6.21
C CYS A 21 1.17 -6.06 -5.75
N LYS A 22 1.52 -5.98 -4.48
CA LYS A 22 2.60 -6.79 -3.93
C LYS A 22 3.91 -6.53 -4.65
N ASN A 23 4.30 -5.26 -4.72
CA ASN A 23 5.54 -4.86 -5.38
C ASN A 23 6.29 -3.83 -4.55
N PRO A 24 7.59 -3.69 -4.84
CA PRO A 24 8.46 -2.74 -4.13
C PRO A 24 8.13 -1.29 -4.48
N ILE A 25 8.10 -0.44 -3.46
CA ILE A 25 7.80 0.98 -3.65
C ILE A 25 9.07 1.80 -3.78
N THR A 26 9.67 1.78 -4.97
CA THR A 26 10.90 2.53 -5.21
C THR A 26 10.60 3.94 -5.66
N GLY A 27 10.97 4.92 -4.84
CA GLY A 27 10.72 6.31 -5.17
C GLY A 27 11.53 7.26 -4.29
N PHE A 28 12.68 7.70 -4.79
CA PHE A 28 13.54 8.61 -4.03
C PHE A 28 13.73 9.91 -4.80
N GLY A 29 13.49 11.03 -4.11
CA GLY A 29 13.64 12.34 -4.74
C GLY A 29 12.88 13.42 -4.01
N LYS A 30 12.13 14.22 -4.77
CA LYS A 30 11.35 15.31 -4.19
C LYS A 30 9.88 14.91 -4.07
N GLY A 31 9.29 14.50 -5.19
CA GLY A 31 7.89 14.09 -5.17
C GLY A 31 7.70 12.68 -4.66
N SER A 32 6.65 12.49 -3.87
CA SER A 32 6.36 11.17 -3.31
C SER A 32 5.15 10.54 -4.00
N SER A 33 3.97 11.08 -3.71
CA SER A 33 2.74 10.56 -4.30
C SER A 33 2.52 9.10 -3.92
N VAL A 34 2.52 8.83 -2.62
CA VAL A 34 2.32 7.48 -2.11
C VAL A 34 1.71 7.50 -0.72
N VAL A 35 0.74 6.60 -0.49
CA VAL A 35 0.07 6.52 0.80
C VAL A 35 0.84 5.62 1.76
N ALA A 36 0.85 6.00 3.03
CA ALA A 36 1.55 5.23 4.06
C ALA A 36 0.68 5.04 5.29
N TYR A 37 0.69 3.82 5.83
CA TYR A 37 -0.11 3.50 7.01
C TYR A 37 0.77 2.91 8.11
N GLU A 38 0.12 2.35 9.13
CA GLU A 38 0.84 1.75 10.25
C GLU A 38 1.42 0.39 9.86
N GLY A 39 2.53 0.42 9.14
CA GLY A 39 3.17 -0.82 8.72
C GLY A 39 2.78 -1.22 7.31
N GLN A 40 1.99 -0.37 6.65
CA GLN A 40 1.55 -0.64 5.29
C GLN A 40 1.73 0.57 4.40
N SER A 41 1.40 0.43 3.12
CA SER A 41 1.54 1.52 2.16
C SER A 41 0.88 1.17 0.84
N TRP A 42 0.42 2.19 0.12
CA TRP A 42 -0.23 1.98 -1.18
C TRP A 42 0.20 3.05 -2.17
N HIS A 43 0.31 2.66 -3.43
CA HIS A 43 0.71 3.59 -4.49
C HIS A 43 -0.41 4.58 -4.79
N ASP A 44 -0.02 5.73 -5.33
CA ASP A 44 -1.00 6.77 -5.66
C ASP A 44 -2.05 6.25 -6.62
N TYR A 45 -1.70 5.20 -7.36
CA TYR A 45 -2.62 4.60 -8.32
C TYR A 45 -3.27 3.35 -7.74
N CYS A 46 -2.65 2.79 -6.71
CA CYS A 46 -3.17 1.59 -6.07
C CYS A 46 -4.21 1.94 -5.02
N PHE A 47 -4.04 3.10 -4.37
CA PHE A 47 -4.97 3.55 -3.34
C PHE A 47 -6.26 4.06 -3.97
N HIS A 48 -7.28 3.22 -3.98
CA HIS A 48 -8.57 3.59 -4.56
C HIS A 48 -9.70 2.76 -3.93
N CYS A 49 -10.92 3.30 -3.98
CA CYS A 49 -12.08 2.62 -3.43
C CYS A 49 -12.25 1.24 -4.06
N LYS A 50 -12.76 0.30 -3.26
CA LYS A 50 -12.98 -1.07 -3.74
C LYS A 50 -14.42 -1.26 -4.19
N LYS A 51 -15.08 -0.16 -4.54
CA LYS A 51 -16.47 -0.21 -5.00
C LYS A 51 -16.66 0.64 -6.25
N CYS A 52 -16.30 1.92 -6.15
CA CYS A 52 -16.43 2.84 -7.27
C CYS A 52 -15.09 3.06 -7.97
N SER A 53 -14.02 2.62 -7.31
CA SER A 53 -12.68 2.77 -7.85
C SER A 53 -12.31 4.25 -8.00
N VAL A 54 -12.39 4.98 -6.90
CA VAL A 54 -12.06 6.41 -6.91
C VAL A 54 -10.67 6.65 -6.32
N ASN A 55 -9.94 7.58 -6.94
CA ASN A 55 -8.59 7.91 -6.48
C ASN A 55 -8.64 8.61 -5.12
N LEU A 56 -8.31 7.88 -4.07
CA LEU A 56 -8.30 8.43 -2.72
C LEU A 56 -6.88 8.66 -2.23
N ALA A 57 -5.95 8.83 -3.16
CA ALA A 57 -4.55 9.06 -2.83
C ALA A 57 -4.39 10.35 -2.04
N ASN A 58 -3.88 10.23 -0.82
CA ASN A 58 -3.68 11.40 0.04
C ASN A 58 -5.00 12.10 0.34
N LYS A 59 -6.09 11.34 0.29
CA LYS A 59 -7.41 11.88 0.57
C LYS A 59 -8.08 11.13 1.72
N ARG A 60 -9.32 11.51 2.02
CA ARG A 60 -10.07 10.88 3.10
C ARG A 60 -10.64 9.54 2.65
N PHE A 61 -10.54 8.54 3.51
CA PHE A 61 -11.05 7.21 3.21
C PHE A 61 -11.52 6.49 4.47
N VAL A 62 -11.92 5.24 4.33
CA VAL A 62 -12.39 4.45 5.46
C VAL A 62 -11.99 2.98 5.32
N PHE A 63 -10.98 2.58 6.06
CA PHE A 63 -10.50 1.20 6.02
C PHE A 63 -11.53 0.24 6.63
N HIS A 64 -11.93 -0.75 5.85
CA HIS A 64 -12.90 -1.73 6.32
C HIS A 64 -12.72 -3.07 5.59
N GLN A 65 -12.84 -4.16 6.34
CA GLN A 65 -12.68 -5.49 5.77
C GLN A 65 -11.38 -5.60 4.99
N GLU A 66 -10.30 -5.11 5.58
CA GLU A 66 -8.99 -5.16 4.93
C GLU A 66 -9.03 -4.49 3.56
N GLN A 67 -9.95 -3.54 3.40
CA GLN A 67 -10.10 -2.82 2.14
C GLN A 67 -10.25 -1.33 2.39
N VAL A 68 -10.35 -0.57 1.30
CA VAL A 68 -10.49 0.89 1.40
C VAL A 68 -11.77 1.36 0.72
N TYR A 69 -12.53 2.20 1.42
CA TYR A 69 -13.78 2.72 0.89
C TYR A 69 -13.95 4.20 1.23
N CYS A 70 -14.05 5.04 0.20
CA CYS A 70 -14.21 6.47 0.38
C CYS A 70 -15.34 6.77 1.36
N PRO A 71 -15.32 7.97 1.95
CA PRO A 71 -16.34 8.41 2.91
C PRO A 71 -17.75 8.16 2.40
N ASP A 72 -17.96 8.34 1.10
CA ASP A 72 -19.26 8.13 0.49
C ASP A 72 -19.66 6.66 0.56
N CYS A 73 -18.92 5.82 -0.16
CA CYS A 73 -19.20 4.39 -0.20
C CYS A 73 -19.28 3.82 1.22
N ALA A 74 -18.41 4.32 2.10
CA ALA A 74 -18.38 3.87 3.49
C ALA A 74 -19.76 3.96 4.12
N LYS A 75 -20.54 4.96 3.68
CA LYS A 75 -21.88 5.16 4.21
C LYS A 75 -22.79 3.98 3.89
N LYS A 76 -22.51 3.32 2.76
CA LYS A 76 -23.30 2.18 2.33
C LYS A 76 -22.93 0.93 3.13
N LEU A 77 -21.70 0.91 3.64
CA LEU A 77 -21.21 -0.22 4.42
C LEU A 77 -21.90 -0.28 5.78
N GLY A 1 2.67 -14.70 8.84
CA GLY A 1 2.10 -14.30 7.57
C GLY A 1 3.15 -13.89 6.56
N SER A 2 4.02 -12.97 6.96
CA SER A 2 5.08 -12.48 6.08
C SER A 2 5.90 -13.64 5.53
N SER A 3 6.69 -14.26 6.39
CA SER A 3 7.54 -15.37 5.99
C SER A 3 7.03 -16.69 6.59
N GLY A 4 7.32 -17.80 5.90
CA GLY A 4 6.89 -19.09 6.38
C GLY A 4 6.78 -20.12 5.28
N SER A 5 6.25 -19.69 4.13
CA SER A 5 6.09 -20.58 2.98
C SER A 5 7.44 -21.15 2.55
N SER A 6 7.39 -22.18 1.70
CA SER A 6 8.61 -22.82 1.21
C SER A 6 9.49 -21.82 0.48
N GLY A 7 10.77 -22.15 0.35
CA GLY A 7 11.70 -21.27 -0.33
C GLY A 7 12.71 -20.65 0.62
N ASP A 8 12.98 -19.37 0.42
CA ASP A 8 13.93 -18.64 1.28
C ASP A 8 13.60 -17.16 1.31
N CYS A 9 14.19 -16.45 2.28
CA CYS A 9 13.96 -15.02 2.43
C CYS A 9 15.27 -14.29 2.76
N TYR A 10 15.50 -13.17 2.09
CA TYR A 10 16.71 -12.39 2.31
C TYR A 10 16.63 -11.63 3.63
N LYS A 11 17.76 -11.56 4.32
CA LYS A 11 17.82 -10.86 5.61
C LYS A 11 18.86 -9.74 5.56
N ASN A 12 18.64 -8.77 4.67
CA ASN A 12 19.55 -7.64 4.54
C ASN A 12 18.80 -6.31 4.69
N PHE A 13 17.87 -6.06 3.79
CA PHE A 13 17.08 -4.84 3.83
C PHE A 13 15.58 -5.14 3.73
N VAL A 14 14.77 -4.29 4.36
CA VAL A 14 13.32 -4.48 4.33
C VAL A 14 12.63 -3.31 3.63
N ALA A 15 11.68 -3.62 2.77
CA ALA A 15 10.95 -2.61 2.03
C ALA A 15 9.44 -2.78 2.21
N LYS A 16 8.71 -1.66 2.25
CA LYS A 16 7.27 -1.68 2.42
C LYS A 16 6.58 -2.08 1.12
N LYS A 17 6.25 -3.35 0.99
CA LYS A 17 5.57 -3.85 -0.20
C LYS A 17 4.12 -3.40 -0.24
N CYS A 18 3.70 -2.87 -1.38
CA CYS A 18 2.33 -2.40 -1.55
C CYS A 18 1.33 -3.49 -1.16
N ALA A 19 0.15 -3.06 -0.73
CA ALA A 19 -0.90 -4.00 -0.33
C ALA A 19 -1.98 -4.10 -1.40
N GLY A 20 -1.62 -3.76 -2.64
CA GLY A 20 -2.58 -3.81 -3.72
C GLY A 20 -2.02 -4.52 -4.94
N CYS A 21 -0.78 -4.22 -5.28
CA CYS A 21 -0.13 -4.83 -6.44
C CYS A 21 0.95 -5.80 -6.01
N LYS A 22 1.33 -5.73 -4.73
CA LYS A 22 2.37 -6.60 -4.18
C LYS A 22 3.72 -6.34 -4.85
N ASN A 23 4.06 -5.06 -4.99
CA ASN A 23 5.32 -4.68 -5.61
C ASN A 23 6.14 -3.78 -4.69
N PRO A 24 7.47 -3.80 -4.86
CA PRO A 24 8.39 -3.00 -4.05
C PRO A 24 8.26 -1.50 -4.36
N ILE A 25 8.17 -0.70 -3.31
CA ILE A 25 8.06 0.75 -3.46
C ILE A 25 9.42 1.42 -3.35
N THR A 26 10.22 1.28 -4.41
CA THR A 26 11.56 1.88 -4.43
C THR A 26 11.52 3.28 -5.02
N GLY A 27 11.95 4.26 -4.24
CA GLY A 27 11.95 5.64 -4.71
C GLY A 27 13.32 6.09 -5.17
N PHE A 28 13.65 5.78 -6.42
CA PHE A 28 14.94 6.16 -6.98
C PHE A 28 14.77 6.83 -8.33
N GLY A 29 14.16 8.02 -8.33
CA GLY A 29 13.95 8.75 -9.57
C GLY A 29 12.58 9.40 -9.61
N LYS A 30 11.54 8.59 -9.56
CA LYS A 30 10.16 9.10 -9.61
C LYS A 30 9.87 9.98 -8.40
N GLY A 31 8.65 10.49 -8.33
CA GLY A 31 8.27 11.35 -7.22
C GLY A 31 7.99 10.57 -5.95
N SER A 32 7.57 11.26 -4.90
CA SER A 32 7.27 10.64 -3.63
C SER A 32 5.78 10.63 -3.34
N SER A 33 4.98 10.42 -4.40
CA SER A 33 3.53 10.40 -4.27
C SER A 33 3.04 9.01 -3.88
N VAL A 34 3.06 8.72 -2.59
CA VAL A 34 2.61 7.42 -2.08
C VAL A 34 1.90 7.57 -0.74
N VAL A 35 0.95 6.68 -0.49
CA VAL A 35 0.19 6.70 0.75
C VAL A 35 0.72 5.67 1.75
N ALA A 36 0.60 5.98 3.04
CA ALA A 36 1.06 5.08 4.09
C ALA A 36 0.11 5.08 5.26
N TYR A 37 -0.13 3.89 5.83
CA TYR A 37 -1.04 3.76 6.97
C TYR A 37 -0.78 2.44 7.71
N GLU A 38 -0.73 2.52 9.03
CA GLU A 38 -0.50 1.33 9.85
C GLU A 38 0.77 0.61 9.42
N GLY A 39 1.72 1.37 8.86
CA GLY A 39 2.96 0.78 8.41
C GLY A 39 2.93 0.42 6.94
N GLN A 40 1.78 -0.06 6.47
CA GLN A 40 1.63 -0.45 5.08
C GLN A 40 1.73 0.77 4.15
N SER A 41 1.73 0.52 2.85
CA SER A 41 1.84 1.59 1.87
C SER A 41 0.98 1.28 0.64
N TRP A 42 0.55 2.33 -0.05
CA TRP A 42 -0.28 2.17 -1.24
C TRP A 42 0.03 3.26 -2.27
N HIS A 43 0.44 2.84 -3.47
CA HIS A 43 0.77 3.79 -4.53
C HIS A 43 -0.38 4.75 -4.77
N ASP A 44 -0.06 5.91 -5.34
CA ASP A 44 -1.06 6.93 -5.61
C ASP A 44 -2.14 6.40 -6.55
N TYR A 45 -1.78 5.41 -7.37
CA TYR A 45 -2.71 4.81 -8.31
C TYR A 45 -3.36 3.56 -7.71
N CYS A 46 -2.71 2.99 -6.70
CA CYS A 46 -3.22 1.79 -6.05
C CYS A 46 -4.26 2.15 -4.99
N PHE A 47 -4.03 3.28 -4.30
CA PHE A 47 -4.95 3.73 -3.26
C PHE A 47 -6.25 4.25 -3.87
N HIS A 48 -7.26 3.39 -3.92
CA HIS A 48 -8.55 3.75 -4.49
C HIS A 48 -9.66 2.89 -3.90
N CYS A 49 -10.88 3.41 -3.91
CA CYS A 49 -12.03 2.68 -3.39
C CYS A 49 -12.15 1.30 -4.06
N LYS A 50 -12.71 0.34 -3.32
CA LYS A 50 -12.88 -1.01 -3.83
C LYS A 50 -14.32 -1.24 -4.28
N LYS A 51 -15.00 -0.15 -4.64
CA LYS A 51 -16.38 -0.24 -5.10
C LYS A 51 -16.61 0.66 -6.32
N CYS A 52 -16.36 1.95 -6.16
CA CYS A 52 -16.53 2.91 -7.25
C CYS A 52 -15.22 3.15 -7.97
N SER A 53 -14.12 2.71 -7.36
CA SER A 53 -12.80 2.87 -7.96
C SER A 53 -12.44 4.36 -8.09
N VAL A 54 -12.45 5.05 -6.95
CA VAL A 54 -12.13 6.48 -6.94
C VAL A 54 -10.73 6.71 -6.37
N ASN A 55 -10.01 7.64 -6.98
CA ASN A 55 -8.65 7.97 -6.55
C ASN A 55 -8.67 8.68 -5.20
N LEU A 56 -8.32 7.95 -4.15
CA LEU A 56 -8.29 8.51 -2.80
C LEU A 56 -6.86 8.80 -2.36
N ALA A 57 -5.96 8.96 -3.32
CA ALA A 57 -4.57 9.25 -3.03
C ALA A 57 -4.43 10.48 -2.14
N ASN A 58 -3.86 10.29 -0.96
CA ASN A 58 -3.67 11.39 -0.01
C ASN A 58 -4.99 12.07 0.30
N LYS A 59 -6.07 11.30 0.27
CA LYS A 59 -7.41 11.82 0.55
C LYS A 59 -8.06 11.06 1.71
N ARG A 60 -9.28 11.43 2.03
CA ARG A 60 -10.02 10.80 3.12
C ARG A 60 -10.55 9.42 2.69
N PHE A 61 -10.43 8.45 3.57
CA PHE A 61 -10.89 7.09 3.28
C PHE A 61 -11.37 6.40 4.55
N VAL A 62 -11.89 5.18 4.39
CA VAL A 62 -12.39 4.41 5.53
C VAL A 62 -11.98 2.95 5.41
N PHE A 63 -11.16 2.49 6.35
CA PHE A 63 -10.70 1.11 6.35
C PHE A 63 -11.80 0.17 6.84
N HIS A 64 -12.10 -0.85 6.03
CA HIS A 64 -13.13 -1.82 6.37
C HIS A 64 -12.90 -3.14 5.64
N GLN A 65 -12.96 -4.24 6.38
CA GLN A 65 -12.74 -5.56 5.80
C GLN A 65 -11.41 -5.63 5.08
N GLU A 66 -10.35 -5.17 5.74
CA GLU A 66 -9.01 -5.19 5.16
C GLU A 66 -9.02 -4.54 3.78
N GLN A 67 -9.88 -3.54 3.61
CA GLN A 67 -9.98 -2.83 2.34
C GLN A 67 -10.15 -1.33 2.57
N VAL A 68 -10.24 -0.58 1.48
CA VAL A 68 -10.41 0.87 1.55
C VAL A 68 -11.69 1.32 0.86
N TYR A 69 -12.43 2.20 1.52
CA TYR A 69 -13.67 2.71 0.97
C TYR A 69 -13.86 4.18 1.30
N CYS A 70 -13.99 5.01 0.28
CA CYS A 70 -14.18 6.45 0.46
C CYS A 70 -15.31 6.72 1.45
N PRO A 71 -15.30 7.93 2.03
CA PRO A 71 -16.32 8.35 3.00
C PRO A 71 -17.74 8.06 2.51
N ASP A 72 -17.95 8.22 1.22
CA ASP A 72 -19.26 7.97 0.62
C ASP A 72 -19.61 6.48 0.68
N CYS A 73 -18.88 5.68 -0.10
CA CYS A 73 -19.11 4.25 -0.13
C CYS A 73 -19.12 3.66 1.27
N ALA A 74 -18.29 4.20 2.15
CA ALA A 74 -18.21 3.74 3.52
C ALA A 74 -19.60 3.69 4.17
N LYS A 75 -20.43 4.66 3.83
CA LYS A 75 -21.78 4.72 4.38
C LYS A 75 -22.56 3.45 4.08
N LYS A 76 -22.25 2.83 2.93
CA LYS A 76 -22.91 1.60 2.53
C LYS A 76 -22.44 0.41 3.37
N LEU A 77 -21.22 0.52 3.88
CA LEU A 77 -20.64 -0.54 4.70
C LEU A 77 -21.33 -0.62 6.06
N GLY A 1 10.30 -22.09 -14.04
CA GLY A 1 10.97 -23.36 -13.83
C GLY A 1 12.41 -23.33 -14.29
N SER A 2 13.21 -22.42 -13.72
CA SER A 2 14.61 -22.29 -14.09
C SER A 2 15.46 -23.31 -13.33
N SER A 3 16.70 -23.48 -13.78
CA SER A 3 17.61 -24.42 -13.14
C SER A 3 17.80 -24.10 -11.66
N GLY A 4 17.97 -25.12 -10.84
CA GLY A 4 18.15 -24.93 -9.43
C GLY A 4 19.51 -24.34 -9.09
N SER A 5 20.52 -24.67 -9.90
CA SER A 5 21.87 -24.16 -9.69
C SER A 5 21.94 -22.67 -9.96
N SER A 6 22.99 -22.03 -9.43
CA SER A 6 23.17 -20.60 -9.62
C SER A 6 24.63 -20.21 -9.41
N GLY A 7 25.16 -19.39 -10.32
CA GLY A 7 26.54 -18.97 -10.22
C GLY A 7 26.81 -18.16 -8.96
N ASP A 8 25.79 -17.46 -8.49
CA ASP A 8 25.92 -16.65 -7.29
C ASP A 8 24.63 -16.68 -6.47
N CYS A 9 24.70 -17.25 -5.27
CA CYS A 9 23.54 -17.34 -4.40
C CYS A 9 23.58 -16.24 -3.33
N TYR A 10 23.06 -15.08 -3.66
CA TYR A 10 23.03 -13.95 -2.74
C TYR A 10 21.61 -13.40 -2.59
N LYS A 11 21.28 -12.97 -1.38
CA LYS A 11 19.96 -12.42 -1.11
C LYS A 11 19.71 -11.16 -1.94
N ASN A 12 18.48 -10.67 -1.90
CA ASN A 12 18.10 -9.48 -2.65
C ASN A 12 17.59 -8.38 -1.72
N PHE A 13 17.63 -7.14 -2.19
CA PHE A 13 17.17 -6.01 -1.41
C PHE A 13 15.67 -6.10 -1.15
N VAL A 14 15.24 -5.59 0.00
CA VAL A 14 13.83 -5.62 0.38
C VAL A 14 13.37 -4.25 0.89
N ALA A 15 12.11 -3.91 0.61
CA ALA A 15 11.56 -2.64 1.05
C ALA A 15 10.03 -2.71 1.16
N LYS A 16 9.44 -1.69 1.74
CA LYS A 16 7.98 -1.64 1.90
C LYS A 16 7.28 -1.91 0.59
N LYS A 17 6.69 -3.11 0.47
CA LYS A 17 5.98 -3.49 -0.74
C LYS A 17 4.50 -3.12 -0.65
N CYS A 18 3.95 -2.63 -1.75
CA CYS A 18 2.55 -2.24 -1.80
C CYS A 18 1.65 -3.36 -1.29
N ALA A 19 0.53 -3.00 -0.68
CA ALA A 19 -0.42 -3.98 -0.15
C ALA A 19 -1.54 -4.24 -1.14
N GLY A 20 -1.27 -3.99 -2.42
CA GLY A 20 -2.27 -4.20 -3.44
C GLY A 20 -1.74 -4.99 -4.63
N CYS A 21 -0.53 -4.64 -5.07
CA CYS A 21 0.10 -5.33 -6.19
C CYS A 21 1.32 -6.11 -5.74
N LYS A 22 1.71 -5.93 -4.48
CA LYS A 22 2.86 -6.63 -3.92
C LYS A 22 4.14 -6.26 -4.68
N ASN A 23 4.34 -4.96 -4.87
CA ASN A 23 5.53 -4.47 -5.58
C ASN A 23 6.30 -3.48 -4.72
N PRO A 24 7.59 -3.30 -5.04
CA PRO A 24 8.47 -2.38 -4.32
C PRO A 24 8.10 -0.92 -4.56
N ILE A 25 8.01 -0.16 -3.47
CA ILE A 25 7.68 1.26 -3.57
C ILE A 25 8.93 2.12 -3.65
N THR A 26 9.62 2.05 -4.78
CA THR A 26 10.83 2.83 -5.00
C THR A 26 10.50 4.23 -5.47
N GLY A 27 11.41 5.17 -5.20
CA GLY A 27 11.21 6.55 -5.61
C GLY A 27 11.47 7.53 -4.49
N PHE A 28 12.71 8.02 -4.42
CA PHE A 28 13.10 8.97 -3.38
C PHE A 28 13.41 10.33 -3.98
N GLY A 29 12.38 11.14 -4.16
CA GLY A 29 12.55 12.47 -4.73
C GLY A 29 11.44 13.43 -4.35
N LYS A 30 11.51 14.65 -4.87
CA LYS A 30 10.51 15.66 -4.57
C LYS A 30 9.10 15.14 -4.87
N GLY A 31 8.31 14.93 -3.82
CA GLY A 31 6.97 14.43 -3.97
C GLY A 31 6.91 12.93 -4.11
N SER A 32 6.69 12.24 -3.00
CA SER A 32 6.62 10.78 -2.99
C SER A 32 5.41 10.29 -3.77
N SER A 33 4.25 10.90 -3.50
CA SER A 33 3.01 10.53 -4.17
C SER A 33 2.63 9.08 -3.84
N VAL A 34 2.64 8.76 -2.56
CA VAL A 34 2.30 7.41 -2.12
C VAL A 34 1.67 7.43 -0.73
N VAL A 35 0.77 6.49 -0.47
CA VAL A 35 0.10 6.40 0.81
C VAL A 35 0.87 5.52 1.79
N ALA A 36 0.87 5.91 3.06
CA ALA A 36 1.57 5.15 4.09
C ALA A 36 0.70 4.96 5.33
N TYR A 37 0.72 3.76 5.88
CA TYR A 37 -0.08 3.45 7.07
C TYR A 37 0.80 2.85 8.16
N GLU A 38 0.16 2.29 9.18
CA GLU A 38 0.88 1.67 10.30
C GLU A 38 1.48 0.34 9.88
N GLY A 39 2.60 0.41 9.16
CA GLY A 39 3.26 -0.81 8.72
C GLY A 39 2.85 -1.22 7.32
N GLN A 40 2.06 -0.37 6.67
CA GLN A 40 1.59 -0.66 5.32
C GLN A 40 1.75 0.57 4.41
N SER A 41 1.38 0.41 3.15
CA SER A 41 1.49 1.50 2.18
C SER A 41 0.81 1.13 0.87
N TRP A 42 0.32 2.14 0.15
CA TRP A 42 -0.36 1.92 -1.11
C TRP A 42 0.04 2.99 -2.13
N HIS A 43 0.27 2.56 -3.36
CA HIS A 43 0.66 3.47 -4.44
C HIS A 43 -0.44 4.50 -4.70
N ASP A 44 -0.08 5.60 -5.34
CA ASP A 44 -1.04 6.65 -5.66
C ASP A 44 -2.11 6.13 -6.61
N TYR A 45 -1.80 5.06 -7.32
CA TYR A 45 -2.74 4.46 -8.27
C TYR A 45 -3.39 3.20 -7.68
N CYS A 46 -2.76 2.65 -6.65
CA CYS A 46 -3.26 1.45 -6.00
C CYS A 46 -4.28 1.81 -4.92
N PHE A 47 -4.10 2.98 -4.31
CA PHE A 47 -5.01 3.44 -3.26
C PHE A 47 -6.29 4.02 -3.86
N HIS A 48 -7.34 3.21 -3.90
CA HIS A 48 -8.62 3.65 -4.44
C HIS A 48 -9.77 2.80 -3.89
N CYS A 49 -10.97 3.35 -3.93
CA CYS A 49 -12.15 2.65 -3.43
C CYS A 49 -12.29 1.28 -4.08
N LYS A 50 -12.88 0.34 -3.36
CA LYS A 50 -13.08 -1.01 -3.87
C LYS A 50 -14.51 -1.21 -4.36
N LYS A 51 -15.19 -0.10 -4.65
CA LYS A 51 -16.56 -0.15 -5.12
C LYS A 51 -16.75 0.72 -6.37
N CYS A 52 -16.49 2.01 -6.22
CA CYS A 52 -16.62 2.94 -7.33
C CYS A 52 -15.29 3.14 -8.04
N SER A 53 -14.21 2.67 -7.41
CA SER A 53 -12.87 2.80 -7.98
C SER A 53 -12.48 4.26 -8.12
N VAL A 54 -12.49 4.98 -7.00
CA VAL A 54 -12.12 6.39 -7.00
C VAL A 54 -10.74 6.61 -6.40
N ASN A 55 -9.97 7.51 -7.02
CA ASN A 55 -8.62 7.80 -6.55
C ASN A 55 -8.65 8.48 -5.18
N LEU A 56 -8.23 7.74 -4.16
CA LEU A 56 -8.22 8.26 -2.80
C LEU A 56 -6.78 8.47 -2.31
N ALA A 57 -5.85 8.59 -3.26
CA ALA A 57 -4.45 8.78 -2.93
C ALA A 57 -4.25 10.09 -2.17
N ASN A 58 -3.76 9.98 -0.94
CA ASN A 58 -3.52 11.16 -0.11
C ASN A 58 -4.82 11.91 0.16
N LYS A 59 -5.93 11.18 0.15
CA LYS A 59 -7.24 11.77 0.39
C LYS A 59 -7.94 11.07 1.55
N ARG A 60 -9.18 11.47 1.82
CA ARG A 60 -9.95 10.89 2.91
C ARG A 60 -10.54 9.54 2.48
N PHE A 61 -10.46 8.56 3.38
CA PHE A 61 -10.97 7.22 3.10
C PHE A 61 -11.47 6.56 4.38
N VAL A 62 -11.86 5.29 4.27
CA VAL A 62 -12.35 4.53 5.42
C VAL A 62 -11.98 3.06 5.31
N PHE A 63 -10.98 2.65 6.07
CA PHE A 63 -10.52 1.27 6.05
C PHE A 63 -11.56 0.34 6.69
N HIS A 64 -12.05 -0.61 5.92
CA HIS A 64 -13.05 -1.55 6.40
C HIS A 64 -12.92 -2.89 5.69
N GLN A 65 -13.08 -3.98 6.45
CA GLN A 65 -12.98 -5.32 5.89
C GLN A 65 -11.67 -5.50 5.12
N GLU A 66 -10.58 -5.04 5.73
CA GLU A 66 -9.26 -5.15 5.10
C GLU A 66 -9.26 -4.50 3.73
N GLN A 67 -10.15 -3.53 3.53
CA GLN A 67 -10.25 -2.84 2.26
C GLN A 67 -10.35 -1.33 2.46
N VAL A 68 -10.51 -0.58 1.37
CA VAL A 68 -10.61 0.86 1.44
C VAL A 68 -11.90 1.34 0.76
N TYR A 69 -12.63 2.21 1.44
CA TYR A 69 -13.88 2.75 0.91
C TYR A 69 -14.01 4.24 1.23
N CYS A 70 -14.11 5.06 0.20
CA CYS A 70 -14.24 6.50 0.36
C CYS A 70 -15.35 6.83 1.35
N PRO A 71 -15.31 8.04 1.92
CA PRO A 71 -16.31 8.50 2.88
C PRO A 71 -17.74 8.26 2.40
N ASP A 72 -17.94 8.39 1.08
CA ASP A 72 -19.26 8.17 0.49
C ASP A 72 -19.65 6.70 0.56
N CYS A 73 -18.95 5.87 -0.19
CA CYS A 73 -19.23 4.43 -0.23
C CYS A 73 -19.26 3.86 1.19
N ALA A 74 -18.42 4.40 2.06
CA ALA A 74 -18.36 3.94 3.45
C ALA A 74 -19.75 3.95 4.08
N LYS A 75 -20.56 4.93 3.72
CA LYS A 75 -21.91 5.05 4.26
C LYS A 75 -22.73 3.80 3.96
N LYS A 76 -22.43 3.17 2.83
CA LYS A 76 -23.14 1.96 2.43
C LYS A 76 -22.72 0.77 3.30
N LEU A 77 -21.50 0.83 3.82
CA LEU A 77 -20.98 -0.25 4.67
C LEU A 77 -21.74 -0.30 6.00
#